data_1X4W
#
_entry.id   1X4W
#
_cell.length_a   1.000
_cell.length_b   1.000
_cell.length_c   1.000
_cell.angle_alpha   90.00
_cell.angle_beta   90.00
_cell.angle_gamma   90.00
#
_symmetry.space_group_name_H-M   'P 1'
#
loop_
_entity.id
_entity.type
_entity.pdbx_description
1 polymer 'Hypothetical protein FLJ13222'
2 non-polymer 'ZINC ION'
#
_entity_poly.entity_id   1
_entity_poly.type   'polypeptide(L)'
_entity_poly.pdbx_seq_one_letter_code
;GSSGSSGSRSKQKSRRRCFQCQTKLELVQQELGSCRCGYVFCMLHRLPEQHDCTFDHMGRGSGPSSG
;
_entity_poly.pdbx_strand_id   A
#
loop_
_chem_comp.id
_chem_comp.type
_chem_comp.name
_chem_comp.formula
ZN non-polymer 'ZINC ION' 'Zn 2'
#
# COMPACT_ATOMS: atom_id res chain seq x y z
N GLY A 1 21.72 14.84 16.76
CA GLY A 1 20.39 14.49 17.25
C GLY A 1 19.36 15.53 16.89
N SER A 2 18.38 15.14 16.07
CA SER A 2 17.33 16.06 15.65
C SER A 2 15.95 15.50 16.00
N SER A 3 15.41 15.93 17.14
CA SER A 3 14.11 15.46 17.59
C SER A 3 13.06 16.57 17.44
N GLY A 4 11.80 16.21 17.66
CA GLY A 4 10.72 17.18 17.55
C GLY A 4 9.63 16.72 16.61
N SER A 5 8.61 16.06 17.15
CA SER A 5 7.51 15.56 16.35
C SER A 5 6.72 16.71 15.73
N SER A 6 7.18 17.18 14.58
CA SER A 6 6.52 18.29 13.89
C SER A 6 6.39 17.98 12.40
N GLY A 7 5.51 18.73 11.73
CA GLY A 7 5.30 18.53 10.31
C GLY A 7 4.45 17.31 10.02
N SER A 8 5.03 16.33 9.33
CA SER A 8 4.32 15.12 8.97
C SER A 8 5.25 13.90 9.05
N ARG A 9 4.71 12.78 9.52
CA ARG A 9 5.49 11.55 9.64
C ARG A 9 4.85 10.42 8.83
N SER A 10 5.21 10.34 7.56
CA SER A 10 4.68 9.31 6.67
C SER A 10 5.79 8.40 6.17
N LYS A 11 5.41 7.39 5.39
CA LYS A 11 6.37 6.45 4.83
C LYS A 11 6.36 6.49 3.31
N GLN A 12 5.21 6.80 2.74
CA GLN A 12 5.07 6.88 1.29
C GLN A 12 5.62 8.20 0.76
N LYS A 13 6.94 8.29 0.67
CA LYS A 13 7.59 9.49 0.17
C LYS A 13 7.52 9.57 -1.36
N SER A 14 7.80 8.45 -2.00
CA SER A 14 7.76 8.39 -3.46
C SER A 14 7.02 7.15 -3.94
N ARG A 15 5.73 7.31 -4.22
CA ARG A 15 4.91 6.20 -4.68
C ARG A 15 5.66 5.34 -5.69
N ARG A 16 6.50 5.98 -6.50
CA ARG A 16 7.28 5.27 -7.50
C ARG A 16 7.81 3.95 -6.94
N ARG A 17 8.24 3.97 -5.68
CA ARG A 17 8.77 2.77 -5.03
C ARG A 17 7.79 2.25 -4.00
N CYS A 18 7.82 0.93 -3.78
CA CYS A 18 6.94 0.30 -2.81
C CYS A 18 6.89 1.09 -1.51
N PHE A 19 5.90 0.80 -0.67
CA PHE A 19 5.74 1.48 0.60
C PHE A 19 6.18 0.59 1.76
N GLN A 20 6.58 -0.64 1.43
CA GLN A 20 7.02 -1.59 2.45
C GLN A 20 8.48 -1.97 2.22
N CYS A 21 8.83 -2.23 0.97
CA CYS A 21 10.19 -2.61 0.61
C CYS A 21 10.91 -1.48 -0.11
N GLN A 22 10.15 -0.47 -0.51
CA GLN A 22 10.72 0.68 -1.21
C GLN A 22 11.49 0.24 -2.45
N THR A 23 10.94 -0.75 -3.16
CA THR A 23 11.58 -1.27 -4.36
C THR A 23 11.18 -0.45 -5.58
N LYS A 24 11.97 -0.57 -6.65
CA LYS A 24 11.69 0.15 -7.89
C LYS A 24 10.49 -0.45 -8.61
N LEU A 25 9.53 0.40 -8.96
CA LEU A 25 8.33 -0.04 -9.66
C LEU A 25 8.29 0.52 -11.08
N GLU A 26 8.24 -0.37 -12.06
CA GLU A 26 8.20 0.03 -13.46
C GLU A 26 6.89 0.76 -13.78
N LEU A 27 6.84 1.39 -14.95
CA LEU A 27 5.67 2.14 -15.37
C LEU A 27 4.40 1.30 -15.16
N VAL A 28 4.49 0.00 -15.47
CA VAL A 28 3.36 -0.90 -15.32
C VAL A 28 3.07 -1.16 -13.85
N GLN A 29 4.10 -1.50 -13.09
CA GLN A 29 3.95 -1.78 -11.67
C GLN A 29 3.27 -0.61 -10.95
N GLN A 30 3.93 0.54 -10.97
CA GLN A 30 3.39 1.74 -10.32
C GLN A 30 1.87 1.79 -10.44
N GLU A 31 1.36 1.33 -11.57
CA GLU A 31 -0.07 1.32 -11.82
C GLU A 31 -0.73 0.10 -11.16
N LEU A 32 -0.18 -1.08 -11.43
CA LEU A 32 -0.71 -2.31 -10.87
C LEU A 32 -0.58 -2.32 -9.35
N GLY A 33 0.66 -2.25 -8.87
CA GLY A 33 0.91 -2.26 -7.43
C GLY A 33 -0.04 -1.32 -6.69
N SER A 34 -0.23 -0.13 -7.24
CA SER A 34 -1.10 0.87 -6.61
C SER A 34 -2.28 0.19 -5.92
N CYS A 35 -2.77 0.82 -4.86
CA CYS A 35 -3.91 0.29 -4.10
C CYS A 35 -5.01 1.32 -3.97
N ARG A 36 -6.08 0.95 -3.28
CA ARG A 36 -7.22 1.85 -3.08
C ARG A 36 -7.02 2.69 -1.82
N CYS A 37 -6.43 2.08 -0.80
CA CYS A 37 -6.19 2.77 0.47
C CYS A 37 -5.49 4.10 0.22
N GLY A 38 -4.49 4.10 -0.65
CA GLY A 38 -3.75 5.31 -0.94
C GLY A 38 -2.25 5.10 -0.93
N TYR A 39 -1.83 3.85 -1.14
CA TYR A 39 -0.41 3.52 -1.13
C TYR A 39 -0.08 2.57 -2.29
N VAL A 40 1.14 2.68 -2.80
CA VAL A 40 1.60 1.83 -3.90
C VAL A 40 2.66 0.85 -3.44
N PHE A 41 2.49 -0.41 -3.79
CA PHE A 41 3.44 -1.45 -3.42
C PHE A 41 3.93 -2.21 -4.64
N CYS A 42 4.81 -3.18 -4.42
CA CYS A 42 5.36 -3.98 -5.50
C CYS A 42 4.45 -5.16 -5.83
N MET A 43 4.85 -5.94 -6.83
CA MET A 43 4.07 -7.11 -7.24
C MET A 43 4.03 -8.16 -6.13
N LEU A 44 4.82 -7.93 -5.08
CA LEU A 44 4.88 -8.86 -3.95
C LEU A 44 4.06 -8.34 -2.78
N HIS A 45 3.94 -7.01 -2.69
CA HIS A 45 3.18 -6.38 -1.61
C HIS A 45 2.00 -5.60 -2.17
N ARG A 46 1.67 -5.85 -3.43
CA ARG A 46 0.57 -5.17 -4.08
C ARG A 46 -0.77 -5.57 -3.46
N LEU A 47 -0.87 -6.85 -3.07
CA LEU A 47 -2.09 -7.37 -2.45
C LEU A 47 -2.39 -6.64 -1.15
N PRO A 48 -3.68 -6.59 -0.79
CA PRO A 48 -4.13 -5.93 0.45
C PRO A 48 -3.71 -6.71 1.69
N GLU A 49 -4.01 -8.00 1.71
CA GLU A 49 -3.66 -8.86 2.84
C GLU A 49 -2.18 -8.76 3.16
N GLN A 50 -1.37 -8.51 2.13
CA GLN A 50 0.07 -8.40 2.30
C GLN A 50 0.42 -7.22 3.20
N HIS A 51 -0.24 -6.09 2.99
CA HIS A 51 0.00 -4.89 3.79
C HIS A 51 -1.20 -4.58 4.68
N ASP A 52 -1.85 -5.63 5.16
CA ASP A 52 -3.02 -5.46 6.03
C ASP A 52 -3.81 -4.23 5.64
N CYS A 53 -4.05 -4.06 4.34
CA CYS A 53 -4.80 -2.93 3.83
C CYS A 53 -5.93 -2.55 4.78
N THR A 54 -6.12 -1.24 4.97
CA THR A 54 -7.17 -0.75 5.87
C THR A 54 -8.51 -0.69 5.16
N PHE A 55 -8.48 -0.44 3.85
CA PHE A 55 -9.70 -0.35 3.06
C PHE A 55 -10.52 -1.65 3.18
N ASP A 56 -11.79 -1.57 2.78
CA ASP A 56 -12.66 -2.73 2.84
C ASP A 56 -13.24 -3.06 1.46
N HIS A 57 -12.66 -4.06 0.81
CA HIS A 57 -13.12 -4.47 -0.52
C HIS A 57 -14.56 -4.93 -0.48
N MET A 58 -14.93 -5.62 0.60
CA MET A 58 -16.30 -6.12 0.76
C MET A 58 -17.25 -4.99 1.13
N GLY A 59 -17.74 -4.29 0.12
CA GLY A 59 -18.67 -3.19 0.36
C GLY A 59 -19.96 -3.35 -0.40
N ARG A 60 -20.36 -2.31 -1.13
CA ARG A 60 -21.59 -2.34 -1.89
C ARG A 60 -22.72 -2.97 -1.09
N GLY A 61 -22.79 -2.62 0.20
CA GLY A 61 -23.82 -3.18 1.06
C GLY A 61 -23.26 -3.95 2.23
N SER A 62 -24.12 -4.33 3.16
CA SER A 62 -23.70 -5.08 4.34
C SER A 62 -24.71 -6.15 4.70
N GLY A 63 -24.25 -7.21 5.34
CA GLY A 63 -25.14 -8.29 5.74
C GLY A 63 -24.60 -9.09 6.92
N PRO A 64 -25.36 -10.11 7.33
CA PRO A 64 -24.97 -10.96 8.46
C PRO A 64 -23.78 -11.85 8.13
N SER A 65 -22.83 -11.92 9.06
CA SER A 65 -21.63 -12.74 8.87
C SER A 65 -21.70 -14.02 9.70
N SER A 66 -22.05 -13.87 10.97
CA SER A 66 -22.16 -15.01 11.88
C SER A 66 -23.14 -16.04 11.33
N GLY A 67 -22.71 -17.30 11.28
CA GLY A 67 -23.57 -18.36 10.78
C GLY A 67 -23.26 -19.70 11.42
ZN ZN B . 7.10 -4.28 -1.71
ZN ZN C . -4.30 -1.07 0.28
N GLY A 1 18.76 22.93 10.08
CA GLY A 1 18.44 22.21 11.30
C GLY A 1 17.06 21.59 11.27
N SER A 2 17.00 20.27 11.21
CA SER A 2 15.73 19.55 11.17
C SER A 2 15.93 18.07 11.43
N SER A 3 15.27 17.55 12.46
CA SER A 3 15.38 16.14 12.81
C SER A 3 14.21 15.71 13.68
N GLY A 4 13.60 14.57 13.33
CA GLY A 4 12.48 14.07 14.09
C GLY A 4 11.15 14.29 13.39
N SER A 5 10.19 13.42 13.64
CA SER A 5 8.87 13.52 13.02
C SER A 5 7.87 14.16 13.98
N SER A 6 6.97 14.97 13.43
CA SER A 6 5.96 15.65 14.23
C SER A 6 4.56 15.16 13.86
N GLY A 7 4.14 14.06 14.48
CA GLY A 7 2.82 13.51 14.20
C GLY A 7 2.49 13.53 12.72
N SER A 8 3.36 12.94 11.91
CA SER A 8 3.15 12.89 10.47
C SER A 8 3.75 11.62 9.87
N ARG A 9 2.89 10.68 9.51
CA ARG A 9 3.33 9.42 8.92
C ARG A 9 3.31 9.49 7.41
N SER A 10 4.49 9.55 6.81
CA SER A 10 4.60 9.61 5.35
C SER A 10 5.55 8.54 4.82
N LYS A 11 5.38 7.32 5.32
CA LYS A 11 6.22 6.21 4.90
C LYS A 11 6.38 6.17 3.39
N GLN A 12 5.29 6.48 2.68
CA GLN A 12 5.31 6.49 1.22
C GLN A 12 5.79 7.83 0.69
N LYS A 13 7.10 8.06 0.73
CA LYS A 13 7.68 9.30 0.25
C LYS A 13 7.55 9.42 -1.27
N SER A 14 7.80 8.32 -1.96
CA SER A 14 7.70 8.31 -3.42
C SER A 14 6.93 7.09 -3.90
N ARG A 15 5.66 7.29 -4.22
CA ARG A 15 4.81 6.20 -4.69
C ARG A 15 5.57 5.29 -5.65
N ARG A 16 6.37 5.88 -6.52
CA ARG A 16 7.16 5.12 -7.48
C ARG A 16 7.69 3.83 -6.85
N ARG A 17 8.15 3.94 -5.61
CA ARG A 17 8.68 2.78 -4.90
C ARG A 17 7.65 2.20 -3.94
N CYS A 18 7.81 0.93 -3.59
CA CYS A 18 6.88 0.26 -2.68
C CYS A 18 6.79 1.01 -1.36
N PHE A 19 5.77 0.69 -0.58
CA PHE A 19 5.56 1.34 0.72
C PHE A 19 5.96 0.40 1.86
N GLN A 20 6.37 -0.81 1.51
CA GLN A 20 6.78 -1.79 2.50
C GLN A 20 8.25 -2.16 2.33
N CYS A 21 8.68 -2.30 1.09
CA CYS A 21 10.06 -2.64 0.80
C CYS A 21 10.77 -1.49 0.07
N GLN A 22 9.99 -0.51 -0.36
CA GLN A 22 10.55 0.65 -1.06
C GLN A 22 11.34 0.22 -2.29
N THR A 23 10.78 -0.72 -3.05
CA THR A 23 11.44 -1.22 -4.24
C THR A 23 11.01 -0.44 -5.48
N LYS A 24 11.94 -0.25 -6.41
CA LYS A 24 11.65 0.48 -7.64
C LYS A 24 10.57 -0.21 -8.45
N LEU A 25 9.47 0.49 -8.69
CA LEU A 25 8.36 -0.06 -9.46
C LEU A 25 8.36 0.48 -10.89
N GLU A 26 8.20 -0.42 -11.85
CA GLU A 26 8.19 -0.04 -13.25
C GLU A 26 6.90 0.68 -13.61
N LEU A 27 6.93 1.45 -14.70
CA LEU A 27 5.75 2.19 -15.14
C LEU A 27 4.48 1.39 -14.93
N VAL A 28 4.45 0.18 -15.48
CA VAL A 28 3.29 -0.70 -15.33
C VAL A 28 2.99 -0.99 -13.87
N GLN A 29 4.02 -1.35 -13.12
CA GLN A 29 3.88 -1.66 -11.70
C GLN A 29 3.19 -0.50 -10.97
N GLN A 30 3.87 0.64 -10.92
CA GLN A 30 3.34 1.83 -10.25
C GLN A 30 1.82 1.88 -10.38
N GLU A 31 1.32 1.49 -11.55
CA GLU A 31 -0.12 1.50 -11.80
C GLU A 31 -0.78 0.24 -11.24
N LEU A 32 -0.18 -0.91 -11.55
CA LEU A 32 -0.71 -2.19 -11.08
C LEU A 32 -0.62 -2.30 -9.56
N GLY A 33 0.60 -2.35 -9.05
CA GLY A 33 0.81 -2.45 -7.61
C GLY A 33 -0.09 -1.51 -6.84
N SER A 34 -0.28 -0.29 -7.36
CA SER A 34 -1.12 0.71 -6.72
C SER A 34 -2.29 0.05 -6.01
N CYS A 35 -2.79 0.69 -4.96
CA CYS A 35 -3.92 0.17 -4.20
C CYS A 35 -5.03 1.21 -4.10
N ARG A 36 -6.12 0.84 -3.44
CA ARG A 36 -7.25 1.74 -3.27
C ARG A 36 -7.09 2.61 -2.02
N CYS A 37 -6.53 2.02 -0.97
CA CYS A 37 -6.31 2.73 0.28
C CYS A 37 -5.60 4.06 0.04
N GLY A 38 -4.59 4.02 -0.83
CA GLY A 38 -3.83 5.23 -1.14
C GLY A 38 -2.34 5.00 -1.09
N TYR A 39 -1.92 3.76 -1.30
CA TYR A 39 -0.50 3.42 -1.27
C TYR A 39 -0.14 2.49 -2.44
N VAL A 40 1.10 2.57 -2.89
CA VAL A 40 1.57 1.74 -3.99
C VAL A 40 2.62 0.74 -3.52
N PHE A 41 2.42 -0.53 -3.87
CA PHE A 41 3.35 -1.58 -3.48
C PHE A 41 3.86 -2.33 -4.71
N CYS A 42 4.79 -3.25 -4.48
CA CYS A 42 5.37 -4.03 -5.56
C CYS A 42 4.49 -5.24 -5.89
N MET A 43 4.89 -5.99 -6.91
CA MET A 43 4.14 -7.17 -7.33
C MET A 43 4.11 -8.22 -6.22
N LEU A 44 4.89 -7.99 -5.17
CA LEU A 44 4.95 -8.92 -4.04
C LEU A 44 4.12 -8.40 -2.87
N HIS A 45 3.98 -7.08 -2.79
CA HIS A 45 3.21 -6.46 -1.72
C HIS A 45 2.01 -5.70 -2.28
N ARG A 46 1.66 -6.00 -3.53
CA ARG A 46 0.54 -5.35 -4.18
C ARG A 46 -0.78 -5.74 -3.52
N LEU A 47 -0.86 -6.98 -3.06
CA LEU A 47 -2.06 -7.48 -2.39
C LEU A 47 -2.37 -6.68 -1.14
N PRO A 48 -3.65 -6.65 -0.75
CA PRO A 48 -4.10 -5.92 0.44
C PRO A 48 -3.63 -6.57 1.73
N GLU A 49 -3.86 -7.87 1.86
CA GLU A 49 -3.47 -8.62 3.05
C GLU A 49 -1.96 -8.52 3.26
N GLN A 50 -1.22 -8.32 2.17
CA GLN A 50 0.23 -8.20 2.25
C GLN A 50 0.64 -6.99 3.07
N HIS A 51 -0.06 -5.88 2.86
CA HIS A 51 0.23 -4.65 3.59
C HIS A 51 -0.90 -4.30 4.55
N ASP A 52 -1.49 -5.32 5.16
CA ASP A 52 -2.58 -5.12 6.10
C ASP A 52 -3.47 -3.96 5.67
N CYS A 53 -3.75 -3.89 4.37
CA CYS A 53 -4.59 -2.83 3.82
C CYS A 53 -5.70 -2.45 4.81
N THR A 54 -5.99 -1.16 4.90
CA THR A 54 -7.03 -0.67 5.79
C THR A 54 -8.38 -0.67 5.11
N PHE A 55 -8.39 -0.44 3.80
CA PHE A 55 -9.63 -0.42 3.03
C PHE A 55 -10.42 -1.71 3.23
N ASP A 56 -11.64 -1.72 2.71
CA ASP A 56 -12.50 -2.90 2.83
C ASP A 56 -12.81 -3.49 1.46
N HIS A 57 -11.95 -4.41 1.03
CA HIS A 57 -12.13 -5.06 -0.27
C HIS A 57 -13.32 -6.01 -0.24
N MET A 58 -13.71 -6.50 -1.41
CA MET A 58 -14.84 -7.41 -1.53
C MET A 58 -14.52 -8.75 -0.89
N GLY A 59 -14.72 -8.82 0.43
CA GLY A 59 -14.44 -10.06 1.15
C GLY A 59 -15.07 -10.07 2.53
N ARG A 60 -14.41 -9.45 3.50
CA ARG A 60 -14.91 -9.40 4.86
C ARG A 60 -16.07 -8.42 4.98
N GLY A 61 -17.28 -8.94 5.15
CA GLY A 61 -18.45 -8.09 5.27
C GLY A 61 -19.56 -8.75 6.07
N SER A 62 -20.40 -9.52 5.39
CA SER A 62 -21.50 -10.20 6.04
C SER A 62 -21.12 -11.63 6.44
N GLY A 63 -20.62 -12.39 5.46
CA GLY A 63 -20.23 -13.77 5.72
C GLY A 63 -19.18 -13.86 6.82
N PRO A 64 -19.21 -14.96 7.58
CA PRO A 64 -18.27 -15.19 8.67
C PRO A 64 -16.85 -15.48 8.17
N SER A 65 -16.67 -15.39 6.86
CA SER A 65 -15.38 -15.64 6.24
C SER A 65 -14.60 -14.34 6.05
N SER A 66 -13.30 -14.40 6.25
CA SER A 66 -12.44 -13.23 6.12
C SER A 66 -11.06 -13.63 5.59
N GLY A 67 -10.39 -12.68 4.93
CA GLY A 67 -9.08 -12.95 4.39
C GLY A 67 -8.37 -11.69 3.94
ZN ZN B . 7.15 -4.34 -1.69
ZN ZN C . -4.33 -1.09 0.22
N GLY A 1 1.95 27.94 -3.07
CA GLY A 1 1.33 26.82 -2.40
C GLY A 1 2.18 26.28 -1.27
N SER A 2 1.64 25.30 -0.53
CA SER A 2 2.35 24.71 0.59
C SER A 2 3.61 24.00 0.11
N SER A 3 4.70 24.76 -0.01
CA SER A 3 5.97 24.22 -0.47
C SER A 3 6.44 23.09 0.45
N GLY A 4 6.33 21.86 -0.03
CA GLY A 4 6.73 20.70 0.77
C GLY A 4 8.25 20.57 0.85
N SER A 5 8.85 21.26 1.80
CA SER A 5 10.29 21.22 1.98
C SER A 5 10.69 20.10 2.93
N SER A 6 10.07 20.07 4.10
CA SER A 6 10.35 19.04 5.09
C SER A 6 9.35 19.10 6.24
N GLY A 7 8.88 17.93 6.66
CA GLY A 7 7.92 17.88 7.75
C GLY A 7 6.65 17.16 7.36
N SER A 8 6.78 16.04 6.66
CA SER A 8 5.63 15.26 6.21
C SER A 8 5.42 14.04 7.10
N ARG A 9 4.15 13.68 7.32
CA ARG A 9 3.83 12.53 8.14
C ARG A 9 3.19 11.43 7.31
N SER A 10 4.02 10.63 6.64
CA SER A 10 3.54 9.54 5.82
C SER A 10 4.66 8.56 5.49
N LYS A 11 4.45 7.30 5.86
CA LYS A 11 5.45 6.26 5.62
C LYS A 11 5.83 6.20 4.15
N GLN A 12 4.84 6.38 3.28
CA GLN A 12 5.07 6.36 1.84
C GLN A 12 6.14 7.37 1.44
N LYS A 13 7.31 6.87 1.06
CA LYS A 13 8.41 7.74 0.65
C LYS A 13 8.18 8.29 -0.76
N SER A 14 7.88 7.39 -1.70
CA SER A 14 7.64 7.78 -3.08
C SER A 14 6.96 6.66 -3.86
N ARG A 15 5.82 6.98 -4.48
CA ARG A 15 5.09 5.99 -5.25
C ARG A 15 6.00 5.22 -6.18
N ARG A 16 6.93 5.93 -6.81
CA ARG A 16 7.88 5.31 -7.73
C ARG A 16 8.38 3.97 -7.18
N ARG A 17 8.39 3.85 -5.86
CA ARG A 17 8.84 2.63 -5.21
C ARG A 17 7.81 2.12 -4.21
N CYS A 18 7.91 0.85 -3.83
CA CYS A 18 6.99 0.26 -2.89
C CYS A 18 6.88 1.11 -1.62
N PHE A 19 5.87 0.82 -0.81
CA PHE A 19 5.66 1.56 0.43
C PHE A 19 6.12 0.76 1.64
N GLN A 20 6.49 -0.50 1.39
CA GLN A 20 6.96 -1.38 2.45
C GLN A 20 8.39 -1.81 2.22
N CYS A 21 8.73 -2.10 0.96
CA CYS A 21 10.08 -2.51 0.60
C CYS A 21 10.79 -1.43 -0.21
N GLN A 22 10.08 -0.33 -0.46
CA GLN A 22 10.64 0.78 -1.22
C GLN A 22 11.47 0.26 -2.40
N THR A 23 10.92 -0.71 -3.12
CA THR A 23 11.61 -1.29 -4.27
C THR A 23 11.26 -0.54 -5.55
N LYS A 24 12.17 -0.61 -6.53
CA LYS A 24 11.96 0.05 -7.81
C LYS A 24 10.76 -0.51 -8.54
N LEU A 25 9.74 0.32 -8.75
CA LEU A 25 8.53 -0.10 -9.44
C LEU A 25 8.52 0.40 -10.88
N GLU A 26 8.18 -0.48 -11.82
CA GLU A 26 8.13 -0.13 -13.22
C GLU A 26 6.88 0.68 -13.54
N LEU A 27 6.93 1.47 -14.60
CA LEU A 27 5.80 2.28 -15.02
C LEU A 27 4.51 1.47 -15.00
N VAL A 28 4.60 0.22 -15.44
CA VAL A 28 3.44 -0.66 -15.47
C VAL A 28 3.08 -1.16 -14.08
N GLN A 29 4.08 -1.22 -13.20
CA GLN A 29 3.87 -1.67 -11.84
C GLN A 29 3.24 -0.58 -10.99
N GLN A 30 3.98 0.51 -10.79
CA GLN A 30 3.49 1.63 -10.00
C GLN A 30 1.98 1.79 -10.15
N GLU A 31 1.48 1.56 -11.35
CA GLU A 31 0.06 1.68 -11.62
C GLU A 31 -0.70 0.46 -11.08
N LEU A 32 -0.23 -0.73 -11.45
CA LEU A 32 -0.86 -1.97 -11.02
C LEU A 32 -0.74 -2.13 -9.50
N GLY A 33 0.49 -2.22 -9.01
CA GLY A 33 0.71 -2.37 -7.58
C GLY A 33 -0.17 -1.45 -6.75
N SER A 34 -0.42 -0.26 -7.28
CA SER A 34 -1.25 0.72 -6.58
C SER A 34 -2.42 0.04 -5.89
N CYS A 35 -2.86 0.61 -4.77
CA CYS A 35 -3.97 0.07 -4.01
C CYS A 35 -5.10 1.08 -3.89
N ARG A 36 -6.18 0.69 -3.23
CA ARG A 36 -7.34 1.56 -3.05
C ARG A 36 -7.17 2.43 -1.81
N CYS A 37 -6.59 1.84 -0.76
CA CYS A 37 -6.37 2.55 0.49
C CYS A 37 -5.70 3.89 0.26
N GLY A 38 -4.72 3.90 -0.64
CA GLY A 38 -4.01 5.13 -0.94
C GLY A 38 -2.50 4.95 -0.94
N TYR A 39 -2.05 3.72 -1.12
CA TYR A 39 -0.62 3.42 -1.12
C TYR A 39 -0.26 2.53 -2.32
N VAL A 40 1.00 2.60 -2.73
CA VAL A 40 1.47 1.82 -3.86
C VAL A 40 2.55 0.83 -3.43
N PHE A 41 2.34 -0.45 -3.77
CA PHE A 41 3.30 -1.50 -3.42
C PHE A 41 3.75 -2.27 -4.65
N CYS A 42 4.72 -3.15 -4.47
CA CYS A 42 5.25 -3.95 -5.57
C CYS A 42 4.38 -5.18 -5.80
N MET A 43 4.69 -5.92 -6.86
CA MET A 43 3.94 -7.13 -7.19
C MET A 43 3.95 -8.12 -6.04
N LEU A 44 4.84 -7.90 -5.08
CA LEU A 44 4.95 -8.77 -3.92
C LEU A 44 4.07 -8.27 -2.78
N HIS A 45 3.99 -6.95 -2.62
CA HIS A 45 3.19 -6.36 -1.57
C HIS A 45 2.00 -5.60 -2.16
N ARG A 46 1.65 -5.95 -3.39
CA ARG A 46 0.53 -5.31 -4.08
C ARG A 46 -0.81 -5.74 -3.46
N LEU A 47 -0.84 -6.97 -2.96
CA LEU A 47 -2.06 -7.50 -2.35
C LEU A 47 -2.38 -6.75 -1.05
N PRO A 48 -3.68 -6.74 -0.70
CA PRO A 48 -4.15 -6.07 0.52
C PRO A 48 -3.71 -6.79 1.78
N GLU A 49 -3.93 -8.10 1.83
CA GLU A 49 -3.55 -8.91 2.98
C GLU A 49 -2.06 -8.78 3.27
N GLN A 50 -1.28 -8.51 2.23
CA GLN A 50 0.16 -8.37 2.37
C GLN A 50 0.50 -7.17 3.25
N HIS A 51 -0.20 -6.06 3.03
CA HIS A 51 0.03 -4.85 3.80
C HIS A 51 -1.16 -4.55 4.70
N ASP A 52 -1.77 -5.61 5.24
CA ASP A 52 -2.92 -5.45 6.13
C ASP A 52 -3.78 -4.25 5.71
N CYS A 53 -4.02 -4.13 4.42
CA CYS A 53 -4.82 -3.04 3.89
C CYS A 53 -5.93 -2.65 4.87
N THR A 54 -6.23 -1.36 4.95
CA THR A 54 -7.26 -0.86 5.84
C THR A 54 -8.62 -0.82 5.15
N PHE A 55 -8.60 -0.63 3.84
CA PHE A 55 -9.83 -0.58 3.05
C PHE A 55 -10.61 -1.87 3.18
N ASP A 56 -11.82 -1.89 2.63
CA ASP A 56 -12.67 -3.07 2.69
C ASP A 56 -13.21 -3.41 1.30
N HIS A 57 -12.37 -4.04 0.49
CA HIS A 57 -12.75 -4.42 -0.87
C HIS A 57 -12.71 -5.94 -1.04
N MET A 58 -13.19 -6.42 -2.18
CA MET A 58 -13.21 -7.85 -2.46
C MET A 58 -12.60 -8.14 -3.84
N GLY A 59 -11.42 -8.76 -3.83
CA GLY A 59 -10.76 -9.09 -5.08
C GLY A 59 -11.32 -10.33 -5.73
N ARG A 60 -11.49 -11.39 -4.95
CA ARG A 60 -12.02 -12.65 -5.45
C ARG A 60 -13.40 -12.94 -4.85
N GLY A 61 -14.31 -13.40 -5.70
CA GLY A 61 -15.65 -13.71 -5.24
C GLY A 61 -15.65 -14.65 -4.06
N SER A 62 -16.77 -14.68 -3.33
CA SER A 62 -16.90 -15.54 -2.16
C SER A 62 -17.29 -16.95 -2.57
N GLY A 63 -16.30 -17.75 -2.97
CA GLY A 63 -16.57 -19.11 -3.38
C GLY A 63 -15.91 -20.13 -2.47
N PRO A 64 -16.08 -21.43 -2.79
CA PRO A 64 -15.52 -22.52 -2.00
C PRO A 64 -14.00 -22.59 -2.10
N SER A 65 -13.42 -21.72 -2.93
CA SER A 65 -11.98 -21.68 -3.12
C SER A 65 -11.26 -21.51 -1.78
N SER A 66 -10.15 -22.21 -1.62
CA SER A 66 -9.37 -22.14 -0.40
C SER A 66 -8.01 -21.52 -0.65
N GLY A 67 -7.92 -20.21 -0.45
CA GLY A 67 -6.66 -19.52 -0.67
C GLY A 67 -6.59 -18.85 -2.03
ZN ZN B . 7.03 -4.30 -1.77
ZN ZN C . -4.46 -1.19 0.38
N GLY A 1 7.50 9.97 27.52
CA GLY A 1 6.64 8.80 27.39
C GLY A 1 6.25 8.52 25.96
N SER A 2 4.95 8.38 25.72
CA SER A 2 4.44 8.10 24.39
C SER A 2 4.20 9.41 23.61
N SER A 3 5.20 10.27 23.60
CA SER A 3 5.10 11.55 22.91
C SER A 3 5.42 11.39 21.43
N GLY A 4 4.42 11.63 20.58
CA GLY A 4 4.62 11.51 19.15
C GLY A 4 5.27 12.73 18.55
N SER A 5 6.32 12.51 17.75
CA SER A 5 7.04 13.61 17.13
C SER A 5 6.09 14.51 16.35
N SER A 6 6.55 15.71 16.03
CA SER A 6 5.73 16.67 15.29
C SER A 6 6.32 16.92 13.91
N GLY A 7 5.88 16.13 12.93
CA GLY A 7 6.37 16.29 11.57
C GLY A 7 5.64 15.39 10.59
N SER A 8 6.24 15.19 9.42
CA SER A 8 5.63 14.35 8.39
C SER A 8 6.05 12.90 8.56
N ARG A 9 5.20 12.12 9.25
CA ARG A 9 5.48 10.71 9.48
C ARG A 9 4.89 9.85 8.36
N SER A 10 5.24 10.18 7.13
CA SER A 10 4.75 9.43 5.98
C SER A 10 5.78 8.42 5.50
N LYS A 11 5.36 7.17 5.38
CA LYS A 11 6.25 6.09 4.93
C LYS A 11 6.33 6.06 3.42
N GLN A 12 5.27 6.53 2.76
CA GLN A 12 5.23 6.54 1.30
C GLN A 12 6.04 7.72 0.75
N LYS A 13 7.36 7.63 0.86
CA LYS A 13 8.23 8.69 0.38
C LYS A 13 8.00 8.95 -1.11
N SER A 14 8.10 7.90 -1.92
CA SER A 14 7.90 8.02 -3.35
C SER A 14 7.07 6.86 -3.89
N ARG A 15 5.89 7.17 -4.42
CA ARG A 15 5.00 6.15 -4.97
C ARG A 15 5.76 5.20 -5.89
N ARG A 16 6.64 5.76 -6.71
CA ARG A 16 7.43 4.97 -7.65
C ARG A 16 7.99 3.73 -6.96
N ARG A 17 8.40 3.88 -5.70
CA ARG A 17 8.96 2.77 -4.94
C ARG A 17 7.94 2.24 -3.93
N CYS A 18 7.91 0.92 -3.77
CA CYS A 18 6.98 0.29 -2.83
C CYS A 18 6.92 1.07 -1.52
N PHE A 19 5.91 0.76 -0.71
CA PHE A 19 5.74 1.43 0.57
C PHE A 19 6.19 0.55 1.72
N GLN A 20 6.55 -0.69 1.40
CA GLN A 20 7.01 -1.64 2.40
C GLN A 20 8.47 -2.02 2.17
N CYS A 21 8.83 -2.24 0.91
CA CYS A 21 10.19 -2.61 0.55
C CYS A 21 10.91 -1.46 -0.15
N GLN A 22 10.16 -0.41 -0.44
CA GLN A 22 10.71 0.76 -1.12
C GLN A 22 11.43 0.36 -2.40
N THR A 23 10.93 -0.69 -3.05
CA THR A 23 11.52 -1.17 -4.29
C THR A 23 10.94 -0.46 -5.50
N LYS A 24 11.81 0.02 -6.39
CA LYS A 24 11.37 0.72 -7.58
C LYS A 24 10.25 -0.04 -8.28
N LEU A 25 9.32 0.70 -8.87
CA LEU A 25 8.20 0.09 -9.57
C LEU A 25 8.12 0.57 -11.01
N GLU A 26 8.26 -0.37 -11.95
CA GLU A 26 8.21 -0.03 -13.37
C GLU A 26 7.00 0.83 -13.70
N LEU A 27 7.12 1.66 -14.71
CA LEU A 27 6.03 2.54 -15.12
C LEU A 27 4.70 1.81 -15.06
N VAL A 28 4.68 0.58 -15.53
CA VAL A 28 3.46 -0.23 -15.52
C VAL A 28 3.12 -0.69 -14.11
N GLN A 29 4.14 -1.08 -13.35
CA GLN A 29 3.95 -1.54 -11.99
C GLN A 29 3.24 -0.47 -11.14
N GLN A 30 3.88 0.69 -11.03
CA GLN A 30 3.32 1.79 -10.25
C GLN A 30 1.79 1.81 -10.37
N GLU A 31 1.29 1.40 -11.52
CA GLU A 31 -0.15 1.38 -11.76
C GLU A 31 -0.79 0.12 -11.17
N LEU A 32 -0.26 -1.04 -11.56
CA LEU A 32 -0.77 -2.32 -11.05
C LEU A 32 -0.65 -2.39 -9.54
N GLY A 33 0.59 -2.37 -9.06
CA GLY A 33 0.83 -2.44 -7.62
C GLY A 33 -0.07 -1.51 -6.84
N SER A 34 -0.30 -0.32 -7.37
CA SER A 34 -1.14 0.67 -6.72
C SER A 34 -2.31 -0.01 -5.99
N CYS A 35 -2.78 0.63 -4.93
CA CYS A 35 -3.88 0.09 -4.15
C CYS A 35 -5.01 1.11 -4.01
N ARG A 36 -6.09 0.72 -3.34
CA ARG A 36 -7.23 1.61 -3.15
C ARG A 36 -7.05 2.48 -1.91
N CYS A 37 -6.43 1.91 -0.88
CA CYS A 37 -6.19 2.64 0.36
C CYS A 37 -5.51 3.97 0.08
N GLY A 38 -4.54 3.96 -0.83
CA GLY A 38 -3.83 5.17 -1.17
C GLY A 38 -2.32 4.99 -1.14
N TYR A 39 -1.87 3.75 -1.33
CA TYR A 39 -0.45 3.43 -1.34
C TYR A 39 -0.10 2.49 -2.49
N VAL A 40 1.13 2.61 -2.98
CA VAL A 40 1.59 1.78 -4.08
C VAL A 40 2.65 0.79 -3.61
N PHE A 41 2.47 -0.49 -3.93
CA PHE A 41 3.42 -1.52 -3.54
C PHE A 41 3.88 -2.31 -4.75
N CYS A 42 4.81 -3.25 -4.53
CA CYS A 42 5.34 -4.07 -5.60
C CYS A 42 4.44 -5.28 -5.85
N MET A 43 4.85 -6.12 -6.79
CA MET A 43 4.08 -7.32 -7.12
C MET A 43 4.11 -8.32 -5.99
N LEU A 44 4.83 -7.99 -4.92
CA LEU A 44 4.95 -8.86 -3.76
C LEU A 44 4.14 -8.32 -2.59
N HIS A 45 3.91 -7.00 -2.59
CA HIS A 45 3.15 -6.36 -1.53
C HIS A 45 1.97 -5.58 -2.11
N ARG A 46 1.60 -5.90 -3.34
CA ARG A 46 0.49 -5.23 -4.01
C ARG A 46 -0.84 -5.67 -3.41
N LEU A 47 -0.87 -6.88 -2.87
CA LEU A 47 -2.08 -7.42 -2.26
C LEU A 47 -2.40 -6.71 -0.95
N PRO A 48 -3.70 -6.66 -0.61
CA PRO A 48 -4.17 -6.01 0.63
C PRO A 48 -3.76 -6.79 1.88
N GLU A 49 -3.93 -8.11 1.82
CA GLU A 49 -3.58 -8.96 2.95
C GLU A 49 -2.09 -8.90 3.24
N GLN A 50 -1.32 -8.42 2.27
CA GLN A 50 0.13 -8.32 2.43
C GLN A 50 0.50 -7.12 3.29
N HIS A 51 -0.23 -6.02 3.09
CA HIS A 51 0.02 -4.79 3.86
C HIS A 51 -1.16 -4.47 4.76
N ASP A 52 -1.84 -5.50 5.25
CA ASP A 52 -2.99 -5.32 6.13
C ASP A 52 -3.79 -4.09 5.72
N CYS A 53 -4.06 -3.97 4.42
CA CYS A 53 -4.82 -2.84 3.90
C CYS A 53 -5.95 -2.46 4.85
N THR A 54 -6.21 -1.17 4.96
CA THR A 54 -7.26 -0.66 5.84
C THR A 54 -8.60 -0.60 5.11
N PHE A 55 -8.55 -0.46 3.79
CA PHE A 55 -9.76 -0.39 2.98
C PHE A 55 -10.58 -1.66 3.10
N ASP A 56 -11.82 -1.60 2.65
CA ASP A 56 -12.71 -2.76 2.71
C ASP A 56 -13.39 -3.00 1.37
N HIS A 57 -12.72 -3.74 0.49
CA HIS A 57 -13.26 -4.04 -0.83
C HIS A 57 -14.74 -4.38 -0.75
N MET A 58 -15.53 -3.80 -1.65
CA MET A 58 -16.96 -4.03 -1.68
C MET A 58 -17.28 -5.40 -2.30
N GLY A 59 -17.32 -6.43 -1.45
CA GLY A 59 -17.60 -7.77 -1.92
C GLY A 59 -17.41 -8.82 -0.85
N ARG A 60 -17.84 -10.05 -1.14
CA ARG A 60 -17.71 -11.14 -0.20
C ARG A 60 -16.40 -11.91 -0.41
N GLY A 61 -15.45 -11.70 0.48
CA GLY A 61 -14.17 -12.37 0.36
C GLY A 61 -14.04 -13.54 1.31
N SER A 62 -12.96 -13.57 2.09
CA SER A 62 -12.72 -14.65 3.04
C SER A 62 -12.93 -16.02 2.37
N GLY A 63 -12.47 -16.14 1.14
CA GLY A 63 -12.62 -17.40 0.41
C GLY A 63 -11.53 -18.39 0.75
N PRO A 64 -10.31 -18.12 0.26
CA PRO A 64 -9.16 -18.99 0.49
C PRO A 64 -8.69 -18.97 1.94
N SER A 65 -9.44 -18.25 2.78
CA SER A 65 -9.10 -18.15 4.20
C SER A 65 -7.92 -17.20 4.40
N SER A 66 -7.91 -16.11 3.64
CA SER A 66 -6.83 -15.13 3.73
C SER A 66 -7.38 -13.75 4.06
N GLY A 67 -6.65 -13.01 4.89
CA GLY A 67 -7.09 -11.68 5.27
C GLY A 67 -6.37 -10.59 4.50
ZN ZN B . 7.06 -4.30 -1.77
ZN ZN C . -4.26 -1.09 0.28
N GLY A 1 25.93 20.46 8.23
CA GLY A 1 24.57 20.36 7.75
C GLY A 1 23.70 19.49 8.62
N SER A 2 22.48 19.95 8.89
CA SER A 2 21.54 19.20 9.73
C SER A 2 20.10 19.54 9.39
N SER A 3 19.16 18.87 10.03
CA SER A 3 17.75 19.10 9.80
C SER A 3 16.97 19.11 11.11
N GLY A 4 15.86 19.85 11.13
CA GLY A 4 15.04 19.94 12.33
C GLY A 4 13.56 19.91 12.02
N SER A 5 13.11 20.85 11.20
CA SER A 5 11.70 20.93 10.83
C SER A 5 11.15 19.55 10.45
N SER A 6 9.96 19.25 10.94
CA SER A 6 9.33 17.97 10.66
C SER A 6 7.86 17.98 11.07
N GLY A 7 7.04 17.19 10.37
CA GLY A 7 5.62 17.14 10.67
C GLY A 7 5.02 15.79 10.35
N SER A 8 4.02 15.78 9.48
CA SER A 8 3.35 14.54 9.09
C SER A 8 4.37 13.43 8.82
N ARG A 9 4.49 12.50 9.77
CA ARG A 9 5.42 11.39 9.63
C ARG A 9 4.80 10.25 8.82
N SER A 10 4.98 10.31 7.50
CA SER A 10 4.42 9.29 6.62
C SER A 10 5.53 8.37 6.11
N LYS A 11 5.14 7.21 5.61
CA LYS A 11 6.09 6.24 5.09
C LYS A 11 6.18 6.31 3.57
N GLN A 12 5.05 6.65 2.94
CA GLN A 12 5.00 6.77 1.49
C GLN A 12 5.72 8.02 1.00
N LYS A 13 7.04 7.94 0.90
CA LYS A 13 7.85 9.07 0.47
C LYS A 13 7.74 9.25 -1.05
N SER A 14 8.01 8.17 -1.78
CA SER A 14 7.96 8.21 -3.24
C SER A 14 7.13 7.05 -3.78
N ARG A 15 5.91 7.36 -4.21
CA ARG A 15 5.02 6.34 -4.76
C ARG A 15 5.75 5.45 -5.76
N ARG A 16 6.67 6.04 -6.51
CA ARG A 16 7.44 5.29 -7.50
C ARG A 16 7.97 3.99 -6.91
N ARG A 17 8.35 4.03 -5.64
CA ARG A 17 8.88 2.85 -4.96
C ARG A 17 7.86 2.31 -3.96
N CYS A 18 7.89 1.00 -3.75
CA CYS A 18 6.97 0.35 -2.83
C CYS A 18 6.91 1.11 -1.50
N PHE A 19 5.91 0.80 -0.69
CA PHE A 19 5.74 1.45 0.61
C PHE A 19 6.14 0.51 1.74
N GLN A 20 6.43 -0.74 1.40
CA GLN A 20 6.82 -1.73 2.39
C GLN A 20 8.29 -2.12 2.23
N CYS A 21 8.73 -2.25 0.98
CA CYS A 21 10.11 -2.62 0.70
C CYS A 21 10.83 -1.48 -0.04
N GLN A 22 10.06 -0.49 -0.49
CA GLN A 22 10.63 0.64 -1.21
C GLN A 22 11.42 0.18 -2.43
N THR A 23 10.85 -0.78 -3.17
CA THR A 23 11.50 -1.31 -4.36
C THR A 23 11.06 -0.55 -5.61
N LYS A 24 11.99 -0.36 -6.54
CA LYS A 24 11.69 0.35 -7.78
C LYS A 24 10.52 -0.31 -8.51
N LEU A 25 9.53 0.49 -8.86
CA LEU A 25 8.35 0.00 -9.57
C LEU A 25 8.33 0.49 -11.02
N GLU A 26 8.22 -0.45 -11.95
CA GLU A 26 8.18 -0.10 -13.37
C GLU A 26 6.90 0.65 -13.72
N LEU A 27 7.00 1.58 -14.66
CA LEU A 27 5.86 2.37 -15.08
C LEU A 27 4.58 1.54 -15.04
N VAL A 28 4.67 0.28 -15.48
CA VAL A 28 3.53 -0.62 -15.49
C VAL A 28 3.13 -1.02 -14.09
N GLN A 29 4.13 -1.34 -13.27
CA GLN A 29 3.88 -1.75 -11.89
C GLN A 29 3.19 -0.63 -11.11
N GLN A 30 3.88 0.51 -10.99
CA GLN A 30 3.33 1.65 -10.26
C GLN A 30 1.83 1.74 -10.44
N GLU A 31 1.35 1.36 -11.62
CA GLU A 31 -0.07 1.40 -11.93
C GLU A 31 -0.80 0.23 -11.29
N LEU A 32 -0.31 -0.98 -11.56
CA LEU A 32 -0.92 -2.19 -11.01
C LEU A 32 -0.72 -2.26 -9.51
N GLY A 33 0.54 -2.35 -9.08
CA GLY A 33 0.85 -2.42 -7.66
C GLY A 33 -0.02 -1.49 -6.84
N SER A 34 -0.30 -0.30 -7.38
CA SER A 34 -1.11 0.68 -6.69
C SER A 34 -2.28 0.03 -5.99
N CYS A 35 -2.78 0.67 -4.93
CA CYS A 35 -3.91 0.15 -4.17
C CYS A 35 -5.01 1.20 -4.04
N ARG A 36 -6.11 0.81 -3.38
CA ARG A 36 -7.23 1.72 -3.19
C ARG A 36 -7.05 2.53 -1.92
N CYS A 37 -6.48 1.91 -0.90
CA CYS A 37 -6.26 2.58 0.38
C CYS A 37 -5.58 3.93 0.18
N GLY A 38 -4.60 3.97 -0.71
CA GLY A 38 -3.89 5.20 -0.99
C GLY A 38 -2.38 5.02 -0.96
N TYR A 39 -1.94 3.79 -1.20
CA TYR A 39 -0.50 3.49 -1.20
C TYR A 39 -0.15 2.58 -2.37
N VAL A 40 1.09 2.71 -2.85
CA VAL A 40 1.56 1.90 -3.96
C VAL A 40 2.63 0.91 -3.51
N PHE A 41 2.44 -0.36 -3.88
CA PHE A 41 3.37 -1.41 -3.50
C PHE A 41 3.82 -2.19 -4.74
N CYS A 42 4.73 -3.14 -4.52
CA CYS A 42 5.25 -3.96 -5.61
C CYS A 42 4.38 -5.20 -5.82
N MET A 43 4.69 -5.96 -6.87
CA MET A 43 3.94 -7.16 -7.18
C MET A 43 3.96 -8.14 -6.00
N LEU A 44 4.86 -7.89 -5.05
CA LEU A 44 4.99 -8.75 -3.88
C LEU A 44 4.12 -8.23 -2.73
N HIS A 45 4.07 -6.90 -2.59
CA HIS A 45 3.29 -6.28 -1.54
C HIS A 45 2.11 -5.50 -2.12
N ARG A 46 1.70 -5.89 -3.32
CA ARG A 46 0.57 -5.23 -4.00
C ARG A 46 -0.75 -5.68 -3.39
N LEU A 47 -0.80 -6.91 -2.91
CA LEU A 47 -2.00 -7.46 -2.30
C LEU A 47 -2.34 -6.73 -1.00
N PRO A 48 -3.63 -6.69 -0.66
CA PRO A 48 -4.11 -6.04 0.56
C PRO A 48 -3.71 -6.78 1.82
N GLU A 49 -3.88 -8.10 1.80
CA GLU A 49 -3.53 -8.94 2.94
C GLU A 49 -2.04 -8.85 3.24
N GLN A 50 -1.26 -8.47 2.24
CA GLN A 50 0.18 -8.35 2.40
C GLN A 50 0.54 -7.13 3.26
N HIS A 51 -0.17 -6.03 3.03
CA HIS A 51 0.06 -4.80 3.78
C HIS A 51 -1.12 -4.49 4.69
N ASP A 52 -1.78 -5.52 5.20
CA ASP A 52 -2.93 -5.35 6.08
C ASP A 52 -3.75 -4.14 5.67
N CYS A 53 -4.02 -4.02 4.38
CA CYS A 53 -4.79 -2.89 3.85
C CYS A 53 -5.92 -2.53 4.81
N THR A 54 -6.12 -1.22 4.99
CA THR A 54 -7.16 -0.72 5.87
C THR A 54 -8.53 -0.73 5.19
N PHE A 55 -8.52 -0.57 3.87
CA PHE A 55 -9.75 -0.55 3.09
C PHE A 55 -10.52 -1.85 3.28
N ASP A 56 -11.82 -1.81 2.97
CA ASP A 56 -12.68 -2.98 3.11
C ASP A 56 -13.32 -3.33 1.77
N HIS A 57 -12.57 -4.04 0.92
CA HIS A 57 -13.07 -4.44 -0.39
C HIS A 57 -14.48 -5.01 -0.28
N MET A 58 -15.36 -4.56 -1.17
CA MET A 58 -16.75 -5.02 -1.18
C MET A 58 -16.85 -6.41 -1.79
N GLY A 59 -16.95 -7.43 -0.92
CA GLY A 59 -17.06 -8.79 -1.40
C GLY A 59 -17.12 -9.80 -0.26
N ARG A 60 -16.95 -11.07 -0.60
CA ARG A 60 -16.99 -12.14 0.41
C ARG A 60 -15.58 -12.58 0.77
N GLY A 61 -14.83 -13.05 -0.22
CA GLY A 61 -13.48 -13.51 0.02
C GLY A 61 -13.40 -14.99 0.31
N SER A 62 -13.08 -15.78 -0.71
CA SER A 62 -12.99 -17.22 -0.56
C SER A 62 -11.99 -17.59 0.54
N GLY A 63 -10.81 -16.99 0.48
CA GLY A 63 -9.78 -17.27 1.48
C GLY A 63 -8.60 -16.34 1.36
N PRO A 64 -8.44 -15.44 2.34
CA PRO A 64 -7.33 -14.47 2.37
C PRO A 64 -5.99 -15.14 2.63
N SER A 65 -6.00 -16.26 3.35
CA SER A 65 -4.79 -16.99 3.66
C SER A 65 -4.85 -18.41 3.12
N SER A 66 -4.42 -18.57 1.87
CA SER A 66 -4.43 -19.88 1.22
C SER A 66 -3.08 -20.17 0.57
N GLY A 67 -2.55 -19.18 -0.13
CA GLY A 67 -1.27 -19.34 -0.80
C GLY A 67 -1.39 -20.06 -2.13
ZN ZN B . 7.15 -4.25 -1.85
ZN ZN C . -4.29 -1.17 0.23
N GLY A 1 21.82 21.10 1.00
CA GLY A 1 21.22 21.59 2.23
C GLY A 1 20.43 20.52 2.96
N SER A 2 19.77 20.92 4.04
CA SER A 2 18.98 19.98 4.84
C SER A 2 17.75 20.66 5.41
N SER A 3 16.61 19.98 5.35
CA SER A 3 15.35 20.52 5.86
C SER A 3 14.40 19.39 6.24
N GLY A 4 13.68 19.59 7.35
CA GLY A 4 12.73 18.58 7.80
C GLY A 4 11.51 19.20 8.46
N SER A 5 10.36 18.58 8.23
CA SER A 5 9.11 19.07 8.81
C SER A 5 8.83 18.41 10.15
N SER A 6 8.09 19.10 11.00
CA SER A 6 7.74 18.58 12.33
C SER A 6 6.59 17.59 12.23
N GLY A 7 6.93 16.29 12.13
CA GLY A 7 5.90 15.27 12.04
C GLY A 7 6.44 13.99 11.43
N SER A 8 6.85 14.07 10.16
CA SER A 8 7.38 12.91 9.45
C SER A 8 6.44 11.72 9.61
N ARG A 9 5.14 11.97 9.43
CA ARG A 9 4.14 10.91 9.55
C ARG A 9 3.83 10.30 8.19
N SER A 10 4.88 9.95 7.45
CA SER A 10 4.72 9.36 6.12
C SER A 10 5.83 8.36 5.84
N LYS A 11 5.47 7.21 5.29
CA LYS A 11 6.44 6.17 4.96
C LYS A 11 6.75 6.17 3.47
N GLN A 12 5.71 6.11 2.65
CA GLN A 12 5.88 6.10 1.20
C GLN A 12 6.42 7.44 0.71
N LYS A 13 7.74 7.60 0.77
CA LYS A 13 8.37 8.83 0.33
C LYS A 13 7.97 9.18 -1.09
N SER A 14 7.93 8.15 -1.95
CA SER A 14 7.57 8.35 -3.35
C SER A 14 6.87 7.12 -3.91
N ARG A 15 5.61 7.26 -4.27
CA ARG A 15 4.83 6.16 -4.83
C ARG A 15 5.68 5.30 -5.76
N ARG A 16 6.55 5.97 -6.52
CA ARG A 16 7.43 5.28 -7.46
C ARG A 16 7.95 3.98 -6.86
N ARG A 17 8.35 4.04 -5.60
CA ARG A 17 8.87 2.86 -4.91
C ARG A 17 7.84 2.31 -3.93
N CYS A 18 7.92 1.00 -3.68
CA CYS A 18 6.99 0.34 -2.78
C CYS A 18 6.93 1.06 -1.44
N PHE A 19 5.92 0.74 -0.64
CA PHE A 19 5.74 1.36 0.67
C PHE A 19 6.15 0.41 1.78
N GLN A 20 6.51 -0.82 1.41
CA GLN A 20 6.91 -1.84 2.38
C GLN A 20 8.39 -2.19 2.21
N CYS A 21 8.83 -2.29 0.96
CA CYS A 21 10.22 -2.63 0.66
C CYS A 21 10.90 -1.49 -0.11
N GLN A 22 10.11 -0.51 -0.53
CA GLN A 22 10.64 0.63 -1.27
C GLN A 22 11.44 0.17 -2.48
N THR A 23 10.82 -0.67 -3.31
CA THR A 23 11.47 -1.18 -4.50
C THR A 23 11.03 -0.42 -5.75
N LYS A 24 11.97 -0.20 -6.66
CA LYS A 24 11.68 0.52 -7.90
C LYS A 24 10.54 -0.14 -8.67
N LEU A 25 9.47 0.61 -8.90
CA LEU A 25 8.32 0.10 -9.62
C LEU A 25 8.28 0.63 -11.05
N GLU A 26 8.21 -0.28 -12.02
CA GLU A 26 8.17 0.11 -13.43
C GLU A 26 6.89 0.88 -13.75
N LEU A 27 6.86 1.49 -14.93
CA LEU A 27 5.68 2.25 -15.35
C LEU A 27 4.40 1.43 -15.22
N VAL A 28 4.49 0.15 -15.57
CA VAL A 28 3.35 -0.75 -15.48
C VAL A 28 3.04 -1.10 -14.03
N GLN A 29 4.08 -1.32 -13.24
CA GLN A 29 3.91 -1.66 -11.84
C GLN A 29 3.23 -0.53 -11.07
N GLN A 30 3.89 0.62 -11.02
CA GLN A 30 3.35 1.78 -10.32
C GLN A 30 1.82 1.83 -10.44
N GLU A 31 1.31 1.39 -11.59
CA GLU A 31 -0.13 1.39 -11.82
C GLU A 31 -0.78 0.16 -11.19
N LEU A 32 -0.24 -1.02 -11.51
CA LEU A 32 -0.77 -2.27 -10.97
C LEU A 32 -0.62 -2.31 -9.46
N GLY A 33 0.62 -2.26 -8.99
CA GLY A 33 0.88 -2.29 -7.57
C GLY A 33 -0.03 -1.37 -6.79
N SER A 34 -0.24 -0.16 -7.31
CA SER A 34 -1.10 0.82 -6.66
C SER A 34 -2.26 0.14 -5.95
N CYS A 35 -2.75 0.77 -4.89
CA CYS A 35 -3.87 0.23 -4.13
C CYS A 35 -4.98 1.26 -3.98
N ARG A 36 -6.04 0.89 -3.28
CA ARG A 36 -7.18 1.78 -3.07
C ARG A 36 -6.97 2.63 -1.82
N CYS A 37 -6.38 2.02 -0.78
CA CYS A 37 -6.13 2.73 0.47
C CYS A 37 -5.45 4.06 0.21
N GLY A 38 -4.48 4.06 -0.70
CA GLY A 38 -3.75 5.28 -1.01
C GLY A 38 -2.25 5.07 -1.01
N TYR A 39 -1.82 3.83 -1.16
CA TYR A 39 -0.40 3.50 -1.17
C TYR A 39 -0.06 2.59 -2.35
N VAL A 40 1.17 2.71 -2.86
CA VAL A 40 1.61 1.90 -3.97
C VAL A 40 2.69 0.91 -3.53
N PHE A 41 2.46 -0.37 -3.83
CA PHE A 41 3.41 -1.42 -3.46
C PHE A 41 3.89 -2.17 -4.71
N CYS A 42 4.78 -3.14 -4.50
CA CYS A 42 5.32 -3.93 -5.59
C CYS A 42 4.45 -5.16 -5.85
N MET A 43 4.84 -5.96 -6.84
CA MET A 43 4.10 -7.17 -7.18
C MET A 43 4.13 -8.17 -6.04
N LEU A 44 4.92 -7.87 -5.01
CA LEU A 44 5.03 -8.76 -3.85
C LEU A 44 4.19 -8.23 -2.70
N HIS A 45 4.08 -6.91 -2.59
CA HIS A 45 3.31 -6.29 -1.53
C HIS A 45 2.12 -5.52 -2.09
N ARG A 46 1.70 -5.89 -3.30
CA ARG A 46 0.58 -5.24 -3.96
C ARG A 46 -0.74 -5.67 -3.34
N LEU A 47 -0.80 -6.93 -2.92
CA LEU A 47 -2.01 -7.48 -2.31
C LEU A 47 -2.35 -6.75 -1.01
N PRO A 48 -3.64 -6.70 -0.67
CA PRO A 48 -4.12 -6.04 0.54
C PRO A 48 -3.71 -6.79 1.80
N GLU A 49 -3.95 -8.10 1.82
CA GLU A 49 -3.61 -8.92 2.97
C GLU A 49 -2.11 -8.81 3.30
N GLN A 50 -1.32 -8.52 2.27
CA GLN A 50 0.13 -8.38 2.45
C GLN A 50 0.46 -7.18 3.33
N HIS A 51 -0.24 -6.07 3.11
CA HIS A 51 -0.02 -4.86 3.89
C HIS A 51 -1.23 -4.54 4.76
N ASP A 52 -1.90 -5.59 5.24
CA ASP A 52 -3.07 -5.41 6.09
C ASP A 52 -3.87 -4.18 5.67
N CYS A 53 -4.07 -4.03 4.36
CA CYS A 53 -4.82 -2.90 3.83
C CYS A 53 -5.96 -2.51 4.77
N THR A 54 -6.21 -1.21 4.89
CA THR A 54 -7.26 -0.70 5.76
C THR A 54 -8.59 -0.62 5.01
N PHE A 55 -8.51 -0.45 3.70
CA PHE A 55 -9.71 -0.35 2.87
C PHE A 55 -10.50 -1.65 2.89
N ASP A 56 -11.73 -1.60 2.43
CA ASP A 56 -12.60 -2.77 2.40
C ASP A 56 -13.18 -2.99 1.01
N HIS A 57 -12.83 -4.11 0.40
CA HIS A 57 -13.31 -4.44 -0.94
C HIS A 57 -14.59 -5.26 -0.87
N MET A 58 -15.48 -4.89 0.05
CA MET A 58 -16.75 -5.59 0.22
C MET A 58 -17.86 -4.91 -0.57
N GLY A 59 -18.11 -3.65 -0.26
CA GLY A 59 -19.15 -2.92 -0.96
C GLY A 59 -19.99 -2.07 -0.03
N ARG A 60 -20.55 -2.70 1.01
CA ARG A 60 -21.37 -1.99 1.97
C ARG A 60 -21.59 -2.84 3.22
N GLY A 61 -20.92 -2.46 4.31
CA GLY A 61 -21.05 -3.19 5.56
C GLY A 61 -20.73 -2.34 6.77
N SER A 62 -19.56 -2.55 7.34
CA SER A 62 -19.13 -1.79 8.51
C SER A 62 -17.79 -1.11 8.28
N GLY A 63 -17.33 -0.35 9.26
CA GLY A 63 -16.07 0.36 9.13
C GLY A 63 -14.92 -0.40 9.77
N PRO A 64 -14.64 -0.08 11.05
CA PRO A 64 -13.56 -0.72 11.80
C PRO A 64 -13.87 -2.18 12.13
N SER A 65 -12.99 -3.07 11.72
CA SER A 65 -13.16 -4.49 11.96
C SER A 65 -12.19 -4.99 13.04
N SER A 66 -12.02 -4.19 14.09
CA SER A 66 -11.13 -4.54 15.18
C SER A 66 -9.68 -4.61 14.69
N GLY A 67 -9.30 -3.65 13.86
CA GLY A 67 -7.95 -3.63 13.34
C GLY A 67 -6.93 -3.19 14.38
ZN ZN B . 7.19 -4.27 -1.80
ZN ZN C . -4.26 -1.09 0.27
N GLY A 1 18.72 20.13 4.55
CA GLY A 1 18.03 20.19 5.82
C GLY A 1 17.67 21.61 6.21
N SER A 2 17.88 21.95 7.48
CA SER A 2 17.57 23.29 7.98
C SER A 2 16.25 23.79 7.39
N SER A 3 15.26 22.91 7.32
CA SER A 3 13.96 23.26 6.77
C SER A 3 13.00 23.66 7.88
N GLY A 4 13.00 22.90 8.97
CA GLY A 4 12.12 23.19 10.09
C GLY A 4 10.95 22.22 10.18
N SER A 5 9.74 22.76 10.12
CA SER A 5 8.54 21.93 10.20
C SER A 5 8.32 21.15 8.91
N SER A 6 7.68 20.00 9.03
CA SER A 6 7.42 19.15 7.88
C SER A 6 5.92 18.89 7.71
N GLY A 7 5.31 18.31 8.74
CA GLY A 7 3.89 18.02 8.71
C GLY A 7 3.60 16.55 8.93
N SER A 8 2.55 16.06 8.26
CA SER A 8 2.16 14.66 8.40
C SER A 8 3.26 13.73 7.87
N ARG A 9 3.94 13.07 8.79
CA ARG A 9 5.02 12.16 8.44
C ARG A 9 4.46 10.81 7.95
N SER A 10 4.85 10.42 6.75
CA SER A 10 4.38 9.16 6.17
C SER A 10 5.56 8.31 5.70
N LYS A 11 5.29 7.04 5.45
CA LYS A 11 6.32 6.12 4.98
C LYS A 11 6.60 6.31 3.49
N GLN A 12 5.60 6.02 2.67
CA GLN A 12 5.73 6.17 1.23
C GLN A 12 6.25 7.55 0.86
N LYS A 13 7.55 7.66 0.64
CA LYS A 13 8.16 8.94 0.28
C LYS A 13 8.06 9.20 -1.22
N SER A 14 7.70 8.15 -1.96
CA SER A 14 7.56 8.27 -3.42
C SER A 14 6.88 7.03 -3.99
N ARG A 15 5.66 7.23 -4.50
CA ARG A 15 4.89 6.13 -5.09
C ARG A 15 5.76 5.29 -6.02
N ARG A 16 6.70 5.95 -6.69
CA ARG A 16 7.60 5.27 -7.62
C ARG A 16 8.12 3.96 -7.02
N ARG A 17 8.39 4.00 -5.72
CA ARG A 17 8.90 2.82 -5.01
C ARG A 17 7.85 2.28 -4.04
N CYS A 18 7.93 0.98 -3.77
CA CYS A 18 7.00 0.34 -2.85
C CYS A 18 6.93 1.08 -1.52
N PHE A 19 5.91 0.78 -0.73
CA PHE A 19 5.73 1.42 0.57
C PHE A 19 6.13 0.48 1.70
N GLN A 20 6.48 -0.75 1.35
CA GLN A 20 6.88 -1.74 2.34
C GLN A 20 8.34 -2.13 2.15
N CYS A 21 8.75 -2.29 0.90
CA CYS A 21 10.13 -2.66 0.60
C CYS A 21 10.84 -1.53 -0.13
N GLN A 22 10.09 -0.51 -0.53
CA GLN A 22 10.66 0.63 -1.24
C GLN A 22 11.42 0.19 -2.48
N THR A 23 10.90 -0.83 -3.16
CA THR A 23 11.54 -1.36 -4.36
C THR A 23 11.09 -0.59 -5.59
N LYS A 24 12.00 -0.45 -6.56
CA LYS A 24 11.70 0.26 -7.79
C LYS A 24 10.50 -0.36 -8.51
N LEU A 25 9.53 0.48 -8.84
CA LEU A 25 8.33 0.01 -9.54
C LEU A 25 8.31 0.49 -10.98
N GLU A 26 8.18 -0.44 -11.91
CA GLU A 26 8.14 -0.11 -13.33
C GLU A 26 6.89 0.69 -13.67
N LEU A 27 6.96 1.46 -14.75
CA LEU A 27 5.83 2.27 -15.18
C LEU A 27 4.53 1.46 -15.15
N VAL A 28 4.62 0.20 -15.55
CA VAL A 28 3.47 -0.69 -15.57
C VAL A 28 3.12 -1.17 -14.17
N GLN A 29 4.11 -1.16 -13.29
CA GLN A 29 3.91 -1.60 -11.91
C GLN A 29 3.23 -0.52 -11.08
N GLN A 30 3.90 0.62 -10.94
CA GLN A 30 3.37 1.73 -10.17
C GLN A 30 1.85 1.80 -10.30
N GLU A 31 1.35 1.46 -11.48
CA GLU A 31 -0.09 1.48 -11.73
C GLU A 31 -0.77 0.25 -11.12
N LEU A 32 -0.26 -0.93 -11.46
CA LEU A 32 -0.82 -2.17 -10.94
C LEU A 32 -0.69 -2.24 -9.42
N GLY A 33 0.54 -2.29 -8.93
CA GLY A 33 0.77 -2.36 -7.50
C GLY A 33 -0.12 -1.40 -6.73
N SER A 34 -0.31 -0.20 -7.27
CA SER A 34 -1.16 0.80 -6.62
C SER A 34 -2.35 0.14 -5.93
N CYS A 35 -2.86 0.79 -4.89
CA CYS A 35 -4.00 0.28 -4.15
C CYS A 35 -5.07 1.36 -3.99
N ARG A 36 -6.20 0.98 -3.37
CA ARG A 36 -7.29 1.92 -3.16
C ARG A 36 -7.09 2.71 -1.88
N CYS A 37 -6.49 2.08 -0.88
CA CYS A 37 -6.22 2.72 0.40
C CYS A 37 -5.52 4.07 0.20
N GLY A 38 -4.54 4.09 -0.70
CA GLY A 38 -3.82 5.32 -0.96
C GLY A 38 -2.32 5.11 -0.95
N TYR A 39 -1.88 3.88 -1.17
CA TYR A 39 -0.46 3.56 -1.18
C TYR A 39 -0.12 2.64 -2.35
N VAL A 40 1.11 2.76 -2.84
CA VAL A 40 1.57 1.94 -3.96
C VAL A 40 2.65 0.96 -3.51
N PHE A 41 2.48 -0.30 -3.89
CA PHE A 41 3.43 -1.34 -3.53
C PHE A 41 3.92 -2.10 -4.77
N CYS A 42 4.77 -3.08 -4.56
CA CYS A 42 5.30 -3.89 -5.65
C CYS A 42 4.42 -5.11 -5.91
N MET A 43 4.83 -5.93 -6.88
CA MET A 43 4.08 -7.13 -7.22
C MET A 43 4.15 -8.16 -6.10
N LEU A 44 4.88 -7.81 -5.03
CA LEU A 44 5.03 -8.71 -3.89
C LEU A 44 4.19 -8.22 -2.71
N HIS A 45 4.03 -6.91 -2.61
CA HIS A 45 3.26 -6.31 -1.52
C HIS A 45 2.06 -5.54 -2.08
N ARG A 46 1.66 -5.87 -3.29
CA ARG A 46 0.53 -5.19 -3.93
C ARG A 46 -0.79 -5.64 -3.31
N LEU A 47 -0.85 -6.90 -2.91
CA LEU A 47 -2.06 -7.46 -2.30
C LEU A 47 -2.37 -6.74 -0.99
N PRO A 48 -3.67 -6.71 -0.63
CA PRO A 48 -4.14 -6.07 0.60
C PRO A 48 -3.71 -6.82 1.85
N GLU A 49 -3.91 -8.13 1.85
CA GLU A 49 -3.54 -8.97 2.98
C GLU A 49 -2.05 -8.84 3.28
N GLN A 50 -1.27 -8.50 2.27
CA GLN A 50 0.17 -8.34 2.44
C GLN A 50 0.50 -7.13 3.30
N HIS A 51 -0.24 -6.04 3.09
CA HIS A 51 -0.03 -4.82 3.85
C HIS A 51 -1.24 -4.53 4.75
N ASP A 52 -1.87 -5.58 5.23
CA ASP A 52 -3.04 -5.44 6.10
C ASP A 52 -3.87 -4.22 5.70
N CYS A 53 -4.10 -4.07 4.40
CA CYS A 53 -4.88 -2.95 3.89
C CYS A 53 -6.01 -2.59 4.85
N THR A 54 -6.29 -1.30 4.96
CA THR A 54 -7.35 -0.82 5.84
C THR A 54 -8.67 -0.69 5.09
N PHE A 55 -8.59 -0.42 3.80
CA PHE A 55 -9.78 -0.27 2.96
C PHE A 55 -10.62 -1.55 2.99
N ASP A 56 -11.74 -1.53 2.27
CA ASP A 56 -12.62 -2.68 2.21
C ASP A 56 -13.05 -2.96 0.77
N HIS A 57 -12.21 -3.68 0.04
CA HIS A 57 -12.49 -4.01 -1.35
C HIS A 57 -12.88 -5.48 -1.49
N MET A 58 -12.27 -6.34 -0.67
CA MET A 58 -12.57 -7.77 -0.71
C MET A 58 -14.07 -8.02 -0.67
N GLY A 59 -14.74 -7.41 0.30
CA GLY A 59 -16.18 -7.59 0.42
C GLY A 59 -16.61 -9.03 0.23
N ARG A 60 -16.37 -9.86 1.23
CA ARG A 60 -16.73 -11.27 1.16
C ARG A 60 -17.53 -11.68 2.39
N GLY A 61 -18.67 -12.34 2.16
CA GLY A 61 -19.51 -12.78 3.26
C GLY A 61 -20.56 -13.77 2.81
N SER A 62 -21.62 -13.92 3.62
CA SER A 62 -22.70 -14.84 3.30
C SER A 62 -23.56 -14.30 2.16
N GLY A 63 -24.18 -15.21 1.43
CA GLY A 63 -25.03 -14.82 0.32
C GLY A 63 -26.47 -15.26 0.50
N PRO A 64 -26.84 -16.37 -0.17
CA PRO A 64 -28.19 -16.92 -0.10
C PRO A 64 -28.51 -17.53 1.26
N SER A 65 -27.46 -17.74 2.06
CA SER A 65 -27.62 -18.32 3.39
C SER A 65 -27.33 -17.28 4.47
N SER A 66 -28.38 -16.64 4.97
CA SER A 66 -28.25 -15.63 6.00
C SER A 66 -27.50 -14.41 5.47
N GLY A 67 -27.85 -13.99 4.26
CA GLY A 67 -27.21 -12.84 3.65
C GLY A 67 -27.27 -11.61 4.54
ZN ZN B . 7.09 -4.26 -1.86
ZN ZN C . -4.37 -1.17 0.23
N GLY A 1 16.38 24.71 -3.63
CA GLY A 1 17.36 23.71 -3.24
C GLY A 1 16.77 22.64 -2.35
N SER A 2 17.11 22.68 -1.07
CA SER A 2 16.61 21.70 -0.10
C SER A 2 15.87 22.39 1.04
N SER A 3 14.59 22.06 1.19
CA SER A 3 13.77 22.65 2.24
C SER A 3 13.95 21.90 3.56
N GLY A 4 15.21 21.55 3.87
CA GLY A 4 15.49 20.84 5.10
C GLY A 4 14.67 19.57 5.24
N SER A 5 15.27 18.44 4.89
CA SER A 5 14.58 17.16 4.97
C SER A 5 14.30 16.78 6.43
N SER A 6 13.04 16.87 6.83
CA SER A 6 12.65 16.55 8.20
C SER A 6 11.14 16.40 8.30
N GLY A 7 10.68 15.75 9.38
CA GLY A 7 9.26 15.56 9.58
C GLY A 7 8.85 14.12 9.44
N SER A 8 8.13 13.60 10.43
CA SER A 8 7.67 12.22 10.42
C SER A 8 6.15 12.15 10.46
N ARG A 9 5.54 11.98 9.30
CA ARG A 9 4.08 11.90 9.20
C ARG A 9 3.66 10.66 8.41
N SER A 10 4.22 10.50 7.22
CA SER A 10 3.90 9.37 6.36
C SER A 10 5.12 8.47 6.17
N LYS A 11 4.87 7.23 5.79
CA LYS A 11 5.95 6.26 5.58
C LYS A 11 6.41 6.30 4.12
N GLN A 12 5.46 6.35 3.19
CA GLN A 12 5.77 6.38 1.78
C GLN A 12 6.60 7.61 1.43
N LYS A 13 7.81 7.39 0.93
CA LYS A 13 8.70 8.48 0.55
C LYS A 13 8.51 8.86 -0.91
N SER A 14 8.23 7.86 -1.74
CA SER A 14 8.04 8.08 -3.16
C SER A 14 7.23 6.94 -3.79
N ARG A 15 6.03 7.25 -4.25
CA ARG A 15 5.16 6.26 -4.86
C ARG A 15 5.95 5.36 -5.81
N ARG A 16 6.80 5.97 -6.62
CA ARG A 16 7.62 5.23 -7.57
C ARG A 16 8.12 3.91 -6.96
N ARG A 17 8.45 3.96 -5.67
CA ARG A 17 8.93 2.78 -4.96
C ARG A 17 7.88 2.26 -3.98
N CYS A 18 7.96 0.97 -3.67
CA CYS A 18 7.01 0.35 -2.74
C CYS A 18 6.95 1.13 -1.43
N PHE A 19 5.92 0.85 -0.64
CA PHE A 19 5.74 1.52 0.65
C PHE A 19 6.18 0.63 1.80
N GLN A 20 6.57 -0.60 1.47
CA GLN A 20 7.03 -1.56 2.47
C GLN A 20 8.47 -1.96 2.24
N CYS A 21 8.82 -2.20 0.98
CA CYS A 21 10.18 -2.60 0.62
C CYS A 21 10.88 -1.46 -0.14
N GLN A 22 10.12 -0.45 -0.51
CA GLN A 22 10.68 0.68 -1.25
C GLN A 22 11.44 0.23 -2.48
N THR A 23 10.87 -0.75 -3.19
CA THR A 23 11.49 -1.29 -4.39
C THR A 23 11.04 -0.52 -5.63
N LYS A 24 11.94 -0.39 -6.60
CA LYS A 24 11.65 0.33 -7.83
C LYS A 24 10.46 -0.31 -8.55
N LEU A 25 9.42 0.50 -8.78
CA LEU A 25 8.22 0.01 -9.46
C LEU A 25 8.19 0.49 -10.92
N GLU A 26 8.19 -0.47 -11.83
CA GLU A 26 8.16 -0.16 -13.26
C GLU A 26 6.88 0.60 -13.63
N LEU A 27 6.94 1.34 -14.73
CA LEU A 27 5.79 2.11 -15.19
C LEU A 27 4.50 1.32 -15.02
N VAL A 28 4.52 0.06 -15.45
CA VAL A 28 3.35 -0.80 -15.35
C VAL A 28 3.03 -1.12 -13.89
N GLN A 29 4.08 -1.40 -13.11
CA GLN A 29 3.92 -1.73 -11.70
C GLN A 29 3.23 -0.59 -10.96
N GLN A 30 3.89 0.56 -10.90
CA GLN A 30 3.34 1.72 -10.21
C GLN A 30 1.82 1.77 -10.34
N GLU A 31 1.33 1.43 -11.54
CA GLU A 31 -0.11 1.43 -11.79
C GLU A 31 -0.77 0.19 -11.20
N LEU A 32 -0.19 -0.98 -11.49
CA LEU A 32 -0.72 -2.24 -10.99
C LEU A 32 -0.62 -2.31 -9.46
N GLY A 33 0.62 -2.31 -8.96
CA GLY A 33 0.84 -2.38 -7.53
C GLY A 33 -0.08 -1.44 -6.76
N SER A 34 -0.26 -0.24 -7.29
CA SER A 34 -1.12 0.76 -6.65
C SER A 34 -2.28 0.10 -5.94
N CYS A 35 -2.76 0.73 -4.87
CA CYS A 35 -3.88 0.19 -4.10
C CYS A 35 -4.99 1.23 -3.97
N ARG A 36 -6.07 0.85 -3.29
CA ARG A 36 -7.20 1.76 -3.10
C ARG A 36 -7.01 2.61 -1.85
N CYS A 37 -6.43 2.01 -0.81
CA CYS A 37 -6.21 2.72 0.44
C CYS A 37 -5.52 4.06 0.19
N GLY A 38 -4.51 4.05 -0.68
CA GLY A 38 -3.79 5.26 -0.99
C GLY A 38 -2.29 5.07 -0.97
N TYR A 39 -1.85 3.84 -1.21
CA TYR A 39 -0.42 3.53 -1.20
C TYR A 39 -0.07 2.58 -2.35
N VAL A 40 1.14 2.72 -2.88
CA VAL A 40 1.59 1.88 -3.98
C VAL A 40 2.65 0.88 -3.50
N PHE A 41 2.45 -0.38 -3.86
CA PHE A 41 3.39 -1.44 -3.47
C PHE A 41 3.89 -2.19 -4.69
N CYS A 42 4.80 -3.12 -4.46
CA CYS A 42 5.37 -3.93 -5.54
C CYS A 42 4.47 -5.12 -5.87
N MET A 43 4.89 -5.91 -6.84
CA MET A 43 4.12 -7.09 -7.25
C MET A 43 4.09 -8.13 -6.13
N LEU A 44 4.87 -7.89 -5.08
CA LEU A 44 4.92 -8.80 -3.94
C LEU A 44 4.10 -8.27 -2.77
N HIS A 45 3.93 -6.96 -2.73
CA HIS A 45 3.16 -6.33 -1.67
C HIS A 45 1.98 -5.54 -2.23
N ARG A 46 1.60 -5.87 -3.46
CA ARG A 46 0.49 -5.20 -4.13
C ARG A 46 -0.84 -5.61 -3.51
N LEU A 47 -0.90 -6.85 -3.03
CA LEU A 47 -2.12 -7.37 -2.41
C LEU A 47 -2.42 -6.66 -1.09
N PRO A 48 -3.70 -6.63 -0.72
CA PRO A 48 -4.15 -5.98 0.53
C PRO A 48 -3.70 -6.75 1.77
N GLU A 49 -3.97 -8.05 1.78
CA GLU A 49 -3.59 -8.90 2.90
C GLU A 49 -2.10 -8.79 3.20
N GLN A 50 -1.32 -8.48 2.17
CA GLN A 50 0.13 -8.34 2.32
C GLN A 50 0.47 -7.16 3.22
N HIS A 51 -0.23 -6.05 3.02
CA HIS A 51 0.00 -4.84 3.81
C HIS A 51 -1.20 -4.54 4.70
N ASP A 52 -1.84 -5.60 5.20
CA ASP A 52 -3.00 -5.44 6.07
C ASP A 52 -3.81 -4.21 5.67
N CYS A 53 -4.04 -4.05 4.38
CA CYS A 53 -4.80 -2.91 3.87
C CYS A 53 -5.94 -2.56 4.82
N THR A 54 -6.18 -1.26 5.00
CA THR A 54 -7.23 -0.78 5.88
C THR A 54 -8.57 -0.73 5.15
N PHE A 55 -8.52 -0.50 3.84
CA PHE A 55 -9.73 -0.42 3.03
C PHE A 55 -10.53 -1.72 3.13
N ASP A 56 -11.80 -1.66 2.73
CA ASP A 56 -12.67 -2.82 2.77
C ASP A 56 -13.20 -3.15 1.38
N HIS A 57 -12.39 -3.88 0.61
CA HIS A 57 -12.79 -4.27 -0.75
C HIS A 57 -14.24 -4.71 -0.79
N MET A 58 -14.68 -5.39 0.26
CA MET A 58 -16.06 -5.87 0.34
C MET A 58 -16.95 -4.85 1.04
N GLY A 59 -16.49 -4.38 2.21
CA GLY A 59 -17.26 -3.41 2.96
C GLY A 59 -18.54 -4.00 3.54
N ARG A 60 -18.73 -3.85 4.84
CA ARG A 60 -19.91 -4.37 5.51
C ARG A 60 -20.25 -3.54 6.74
N GLY A 61 -21.54 -3.37 7.00
CA GLY A 61 -21.98 -2.60 8.15
C GLY A 61 -23.01 -3.33 8.99
N SER A 62 -22.54 -4.19 9.88
CA SER A 62 -23.43 -4.95 10.74
C SER A 62 -23.26 -4.56 12.20
N GLY A 63 -22.03 -4.67 12.69
CA GLY A 63 -21.74 -4.32 14.07
C GLY A 63 -20.54 -5.07 14.62
N PRO A 64 -20.82 -6.22 15.28
CA PRO A 64 -19.77 -7.06 15.88
C PRO A 64 -18.92 -7.74 14.81
N SER A 65 -17.85 -8.40 15.26
CA SER A 65 -16.94 -9.10 14.36
C SER A 65 -16.41 -8.15 13.29
N SER A 66 -16.06 -6.94 13.71
CA SER A 66 -15.53 -5.94 12.78
C SER A 66 -14.08 -6.24 12.43
N GLY A 67 -13.28 -6.52 13.44
CA GLY A 67 -11.87 -6.81 13.23
C GLY A 67 -11.12 -7.05 14.52
ZN ZN B . 7.09 -4.23 -1.69
ZN ZN C . -4.29 -1.06 0.31
N GLY A 1 -2.83 22.55 10.32
CA GLY A 1 -1.84 22.21 11.33
C GLY A 1 -1.33 23.42 12.08
N SER A 2 -2.25 24.14 12.73
CA SER A 2 -1.88 25.32 13.49
C SER A 2 -0.65 25.06 14.34
N SER A 3 -0.75 24.10 15.25
CA SER A 3 0.36 23.75 16.13
C SER A 3 1.14 22.57 15.59
N GLY A 4 2.46 22.60 15.77
CA GLY A 4 3.30 21.53 15.29
C GLY A 4 2.78 20.15 15.66
N SER A 5 3.42 19.11 15.15
CA SER A 5 3.00 17.74 15.45
C SER A 5 4.21 16.83 15.65
N SER A 6 4.14 16.00 16.68
CA SER A 6 5.24 15.08 16.99
C SER A 6 5.28 13.93 16.00
N GLY A 7 4.15 13.22 15.87
CA GLY A 7 4.09 12.10 14.95
C GLY A 7 3.87 12.55 13.52
N SER A 8 4.31 11.72 12.57
CA SER A 8 4.17 12.04 11.16
C SER A 8 4.17 10.77 10.31
N ARG A 9 3.13 10.59 9.51
CA ARG A 9 3.00 9.42 8.64
C ARG A 9 3.37 9.76 7.21
N SER A 10 4.66 9.69 6.90
CA SER A 10 5.14 10.00 5.55
C SER A 10 6.07 8.90 5.05
N LYS A 11 5.60 7.66 5.13
CA LYS A 11 6.38 6.51 4.68
C LYS A 11 6.39 6.43 3.15
N GLN A 12 5.32 6.91 2.52
CA GLN A 12 5.21 6.90 1.07
C GLN A 12 5.85 8.13 0.46
N LYS A 13 7.09 8.41 0.85
CA LYS A 13 7.82 9.56 0.34
C LYS A 13 7.86 9.55 -1.18
N SER A 14 8.03 8.37 -1.76
CA SER A 14 8.08 8.22 -3.21
C SER A 14 7.22 7.05 -3.67
N ARG A 15 6.08 7.37 -4.28
CA ARG A 15 5.16 6.34 -4.77
C ARG A 15 5.87 5.41 -5.75
N ARG A 16 6.72 5.99 -6.60
CA ARG A 16 7.45 5.22 -7.59
C ARG A 16 7.96 3.91 -6.99
N ARG A 17 8.38 3.96 -5.73
CA ARG A 17 8.88 2.79 -5.04
C ARG A 17 7.88 2.27 -4.02
N CYS A 18 7.92 0.97 -3.75
CA CYS A 18 7.01 0.35 -2.80
C CYS A 18 6.95 1.16 -1.50
N PHE A 19 5.95 0.87 -0.68
CA PHE A 19 5.78 1.56 0.59
C PHE A 19 6.21 0.68 1.76
N GLN A 20 6.55 -0.57 1.45
CA GLN A 20 6.97 -1.52 2.48
C GLN A 20 8.42 -1.95 2.26
N CYS A 21 8.79 -2.12 0.99
CA CYS A 21 10.14 -2.54 0.64
C CYS A 21 10.85 -1.45 -0.15
N GLN A 22 10.12 -0.38 -0.49
CA GLN A 22 10.67 0.72 -1.25
C GLN A 22 11.47 0.22 -2.45
N THR A 23 10.86 -0.66 -3.24
CA THR A 23 11.50 -1.22 -4.41
C THR A 23 11.06 -0.50 -5.68
N LYS A 24 11.96 -0.39 -6.64
CA LYS A 24 11.66 0.27 -7.91
C LYS A 24 10.46 -0.37 -8.58
N LEU A 25 9.48 0.44 -8.96
CA LEU A 25 8.28 -0.05 -9.62
C LEU A 25 8.23 0.40 -11.07
N GLU A 26 8.24 -0.57 -11.98
CA GLU A 26 8.20 -0.27 -13.41
C GLU A 26 6.94 0.52 -13.77
N LEU A 27 7.03 1.34 -14.81
CA LEU A 27 5.90 2.14 -15.26
C LEU A 27 4.58 1.41 -15.02
N VAL A 28 4.47 0.20 -15.58
CA VAL A 28 3.27 -0.59 -15.43
C VAL A 28 3.00 -0.93 -13.96
N GLN A 29 4.04 -1.35 -13.26
CA GLN A 29 3.92 -1.70 -11.85
C GLN A 29 3.25 -0.58 -11.07
N GLN A 30 3.90 0.58 -11.01
CA GLN A 30 3.36 1.72 -10.30
C GLN A 30 1.84 1.78 -10.41
N GLU A 31 1.33 1.41 -11.59
CA GLU A 31 -0.11 1.41 -11.84
C GLU A 31 -0.77 0.18 -11.21
N LEU A 32 -0.20 -0.99 -11.51
CA LEU A 32 -0.74 -2.24 -10.98
C LEU A 32 -0.59 -2.30 -9.46
N GLY A 33 0.65 -2.29 -8.99
CA GLY A 33 0.91 -2.34 -7.56
C GLY A 33 0.01 -1.41 -6.78
N SER A 34 -0.21 -0.21 -7.31
CA SER A 34 -1.06 0.77 -6.64
C SER A 34 -2.23 0.09 -5.95
N CYS A 35 -2.68 0.69 -4.85
CA CYS A 35 -3.80 0.15 -4.08
C CYS A 35 -4.93 1.17 -3.98
N ARG A 36 -6.00 0.77 -3.30
CA ARG A 36 -7.15 1.66 -3.12
C ARG A 36 -6.99 2.51 -1.88
N CYS A 37 -6.42 1.94 -0.83
CA CYS A 37 -6.20 2.65 0.42
C CYS A 37 -5.52 3.99 0.18
N GLY A 38 -4.52 3.99 -0.70
CA GLY A 38 -3.80 5.21 -1.01
C GLY A 38 -2.29 5.03 -0.98
N TYR A 39 -1.85 3.79 -1.19
CA TYR A 39 -0.42 3.48 -1.19
C TYR A 39 -0.07 2.56 -2.35
N VAL A 40 1.15 2.68 -2.84
CA VAL A 40 1.63 1.85 -3.95
C VAL A 40 2.68 0.86 -3.48
N PHE A 41 2.48 -0.41 -3.81
CA PHE A 41 3.41 -1.46 -3.43
C PHE A 41 3.89 -2.25 -4.65
N CYS A 42 4.81 -3.17 -4.43
CA CYS A 42 5.35 -3.98 -5.51
C CYS A 42 4.45 -5.17 -5.80
N MET A 43 4.82 -5.97 -6.79
CA MET A 43 4.04 -7.14 -7.18
C MET A 43 4.02 -8.17 -6.04
N LEU A 44 4.84 -7.93 -5.02
CA LEU A 44 4.91 -8.83 -3.88
C LEU A 44 4.11 -8.29 -2.70
N HIS A 45 3.93 -6.97 -2.67
CA HIS A 45 3.19 -6.33 -1.60
C HIS A 45 2.00 -5.56 -2.16
N ARG A 46 1.63 -5.85 -3.40
CA ARG A 46 0.52 -5.18 -4.05
C ARG A 46 -0.81 -5.60 -3.43
N LEU A 47 -0.87 -6.86 -3.00
CA LEU A 47 -2.09 -7.39 -2.39
C LEU A 47 -2.41 -6.68 -1.09
N PRO A 48 -3.70 -6.64 -0.73
CA PRO A 48 -4.16 -5.98 0.50
C PRO A 48 -3.74 -6.74 1.76
N GLU A 49 -3.99 -8.04 1.78
CA GLU A 49 -3.63 -8.87 2.92
C GLU A 49 -2.13 -8.76 3.22
N GLN A 50 -1.34 -8.52 2.18
CA GLN A 50 0.11 -8.39 2.34
C GLN A 50 0.45 -7.21 3.24
N HIS A 51 -0.24 -6.09 3.03
CA HIS A 51 0.00 -4.89 3.83
C HIS A 51 -1.20 -4.59 4.72
N ASP A 52 -1.85 -5.64 5.21
CA ASP A 52 -3.01 -5.49 6.08
C ASP A 52 -3.82 -4.26 5.69
N CYS A 53 -4.05 -4.09 4.39
CA CYS A 53 -4.81 -2.95 3.89
C CYS A 53 -5.95 -2.61 4.84
N THR A 54 -6.20 -1.31 5.02
CA THR A 54 -7.26 -0.84 5.89
C THR A 54 -8.60 -0.78 5.16
N PHE A 55 -8.54 -0.60 3.84
CA PHE A 55 -9.74 -0.52 3.03
C PHE A 55 -10.54 -1.82 3.11
N ASP A 56 -11.74 -1.82 2.55
CA ASP A 56 -12.60 -2.99 2.57
C ASP A 56 -13.16 -3.27 1.17
N HIS A 57 -12.33 -3.89 0.32
CA HIS A 57 -12.74 -4.23 -1.03
C HIS A 57 -14.19 -4.71 -1.07
N MET A 58 -14.97 -4.16 -1.98
CA MET A 58 -16.37 -4.54 -2.12
C MET A 58 -16.53 -6.06 -2.07
N GLY A 59 -17.64 -6.51 -1.49
CA GLY A 59 -17.89 -7.94 -1.39
C GLY A 59 -17.75 -8.45 0.03
N ARG A 60 -18.87 -8.80 0.65
CA ARG A 60 -18.87 -9.30 2.01
C ARG A 60 -17.99 -10.54 2.13
N GLY A 61 -17.99 -11.37 1.09
CA GLY A 61 -17.18 -12.58 1.09
C GLY A 61 -15.74 -12.32 0.70
N SER A 62 -14.84 -13.17 1.19
CA SER A 62 -13.42 -13.02 0.88
C SER A 62 -12.86 -14.30 0.26
N GLY A 63 -11.86 -14.16 -0.60
CA GLY A 63 -11.25 -15.30 -1.24
C GLY A 63 -10.26 -16.01 -0.34
N PRO A 64 -9.00 -16.09 -0.80
CA PRO A 64 -7.92 -16.74 -0.03
C PRO A 64 -7.54 -15.96 1.21
N SER A 65 -8.14 -16.32 2.34
CA SER A 65 -7.86 -15.64 3.61
C SER A 65 -6.57 -16.17 4.23
N SER A 66 -6.41 -17.49 4.21
CA SER A 66 -5.22 -18.13 4.77
C SER A 66 -4.54 -19.01 3.74
N GLY A 67 -3.25 -18.75 3.49
CA GLY A 67 -2.51 -19.54 2.53
C GLY A 67 -1.75 -18.68 1.53
ZN ZN B . 7.12 -4.22 -1.70
ZN ZN C . -4.27 -1.07 0.32
N GLY A 1 4.74 25.74 22.28
CA GLY A 1 3.29 25.77 22.23
C GLY A 1 2.77 25.92 20.82
N SER A 2 3.19 25.03 19.93
CA SER A 2 2.76 25.07 18.54
C SER A 2 1.85 23.89 18.21
N SER A 3 0.62 24.18 17.81
CA SER A 3 -0.34 23.14 17.47
C SER A 3 -0.57 23.09 15.96
N GLY A 4 -1.32 22.08 15.52
CA GLY A 4 -1.61 21.93 14.11
C GLY A 4 -1.08 20.62 13.54
N SER A 5 -1.41 19.52 14.22
CA SER A 5 -0.95 18.20 13.79
C SER A 5 -1.55 17.84 12.43
N SER A 6 -0.77 18.04 11.37
CA SER A 6 -1.22 17.75 10.03
C SER A 6 -0.24 16.80 9.32
N GLY A 7 -0.64 15.53 9.23
CA GLY A 7 0.20 14.54 8.59
C GLY A 7 0.85 13.60 9.58
N SER A 8 0.07 12.69 10.15
CA SER A 8 0.58 11.73 11.12
C SER A 8 0.52 10.32 10.57
N ARG A 9 1.56 9.53 10.87
CA ARG A 9 1.62 8.16 10.41
C ARG A 9 1.93 8.10 8.91
N SER A 10 2.83 8.96 8.46
CA SER A 10 3.19 9.01 7.05
C SER A 10 4.44 8.17 6.78
N LYS A 11 4.24 7.02 6.14
CA LYS A 11 5.34 6.12 5.82
C LYS A 11 5.66 6.16 4.33
N GLN A 12 4.68 6.53 3.53
CA GLN A 12 4.85 6.62 2.08
C GLN A 12 5.65 7.86 1.70
N LYS A 13 6.70 7.67 0.92
CA LYS A 13 7.55 8.79 0.48
C LYS A 13 7.38 9.04 -1.01
N SER A 14 7.61 8.01 -1.82
CA SER A 14 7.49 8.13 -3.26
C SER A 14 6.82 6.89 -3.85
N ARG A 15 5.67 7.09 -4.49
CA ARG A 15 4.93 5.99 -5.09
C ARG A 15 5.82 5.16 -6.01
N ARG A 16 6.71 5.85 -6.73
CA ARG A 16 7.63 5.19 -7.65
C ARG A 16 8.19 3.91 -7.02
N ARG A 17 8.32 3.92 -5.70
CA ARG A 17 8.84 2.77 -4.98
C ARG A 17 7.82 2.22 -4.00
N CYS A 18 7.91 0.93 -3.72
CA CYS A 18 6.98 0.27 -2.80
C CYS A 18 6.85 1.07 -1.50
N PHE A 19 5.83 0.75 -0.71
CA PHE A 19 5.59 1.44 0.54
C PHE A 19 6.00 0.57 1.73
N GLN A 20 6.52 -0.62 1.43
CA GLN A 20 6.95 -1.54 2.47
C GLN A 20 8.41 -1.93 2.29
N CYS A 21 8.81 -2.18 1.04
CA CYS A 21 10.18 -2.56 0.73
C CYS A 21 10.90 -1.44 -0.02
N GLN A 22 10.13 -0.44 -0.46
CA GLN A 22 10.70 0.68 -1.19
C GLN A 22 11.48 0.21 -2.41
N THR A 23 10.92 -0.76 -3.13
CA THR A 23 11.58 -1.30 -4.31
C THR A 23 11.17 -0.54 -5.56
N LYS A 24 12.03 -0.57 -6.58
CA LYS A 24 11.76 0.12 -7.83
C LYS A 24 10.53 -0.47 -8.52
N LEU A 25 9.57 0.38 -8.87
CA LEU A 25 8.35 -0.06 -9.53
C LEU A 25 8.33 0.41 -10.98
N GLU A 26 8.30 -0.55 -11.90
CA GLU A 26 8.28 -0.24 -13.32
C GLU A 26 7.02 0.56 -13.68
N LEU A 27 7.13 1.38 -14.73
CA LEU A 27 6.00 2.19 -15.17
C LEU A 27 4.69 1.43 -15.06
N VAL A 28 4.71 0.17 -15.47
CA VAL A 28 3.52 -0.68 -15.42
C VAL A 28 3.15 -1.00 -13.98
N GLN A 29 4.15 -1.40 -13.19
CA GLN A 29 3.92 -1.74 -11.79
C GLN A 29 3.28 -0.58 -11.04
N GLN A 30 4.01 0.54 -10.97
CA GLN A 30 3.51 1.72 -10.28
C GLN A 30 1.99 1.84 -10.42
N GLU A 31 1.49 1.47 -11.59
CA GLU A 31 0.05 1.54 -11.85
C GLU A 31 -0.67 0.35 -11.21
N LEU A 32 -0.20 -0.85 -11.53
CA LEU A 32 -0.80 -2.07 -10.99
C LEU A 32 -0.66 -2.13 -9.47
N GLY A 33 0.58 -2.16 -9.00
CA GLY A 33 0.83 -2.21 -7.57
C GLY A 33 -0.10 -1.32 -6.79
N SER A 34 -0.35 -0.12 -7.30
CA SER A 34 -1.24 0.83 -6.63
C SER A 34 -2.39 0.12 -5.95
N CYS A 35 -2.90 0.72 -4.88
CA CYS A 35 -4.01 0.13 -4.13
C CYS A 35 -5.16 1.13 -4.00
N ARG A 36 -6.24 0.69 -3.36
CA ARG A 36 -7.41 1.53 -3.17
C ARG A 36 -7.26 2.41 -1.94
N CYS A 37 -6.65 1.84 -0.89
CA CYS A 37 -6.45 2.57 0.36
C CYS A 37 -5.76 3.91 0.10
N GLY A 38 -4.76 3.90 -0.78
CA GLY A 38 -4.04 5.11 -1.09
C GLY A 38 -2.53 4.92 -1.08
N TYR A 39 -2.09 3.69 -1.30
CA TYR A 39 -0.67 3.37 -1.30
C TYR A 39 -0.31 2.47 -2.47
N VAL A 40 0.97 2.47 -2.84
CA VAL A 40 1.43 1.64 -3.94
C VAL A 40 2.51 0.65 -3.48
N PHE A 41 2.31 -0.61 -3.81
CA PHE A 41 3.24 -1.66 -3.42
C PHE A 41 3.64 -2.51 -4.63
N CYS A 42 4.83 -3.09 -4.56
CA CYS A 42 5.34 -3.93 -5.65
C CYS A 42 4.35 -5.04 -5.98
N MET A 43 4.73 -5.91 -6.92
CA MET A 43 3.87 -7.01 -7.32
C MET A 43 3.85 -8.11 -6.26
N LEU A 44 4.61 -7.90 -5.18
CA LEU A 44 4.67 -8.87 -4.10
C LEU A 44 3.86 -8.39 -2.90
N HIS A 45 3.81 -7.08 -2.70
CA HIS A 45 3.06 -6.51 -1.58
C HIS A 45 1.78 -5.86 -2.07
N ARG A 46 1.64 -5.74 -3.39
CA ARG A 46 0.46 -5.13 -3.99
C ARG A 46 -0.81 -5.64 -3.30
N LEU A 47 -0.82 -6.91 -2.95
CA LEU A 47 -1.98 -7.51 -2.28
C LEU A 47 -2.32 -6.75 -1.00
N PRO A 48 -3.60 -6.81 -0.61
CA PRO A 48 -4.08 -6.14 0.60
C PRO A 48 -3.56 -6.80 1.87
N GLU A 49 -3.68 -8.12 1.95
CA GLU A 49 -3.23 -8.86 3.11
C GLU A 49 -1.74 -8.64 3.36
N GLN A 50 -1.01 -8.34 2.28
CA GLN A 50 0.42 -8.10 2.38
C GLN A 50 0.72 -6.86 3.22
N HIS A 51 -0.05 -5.79 2.98
CA HIS A 51 0.13 -4.55 3.71
C HIS A 51 -1.05 -4.29 4.64
N ASP A 52 -1.61 -5.37 5.19
CA ASP A 52 -2.74 -5.26 6.10
C ASP A 52 -3.66 -4.11 5.69
N CYS A 53 -3.94 -4.02 4.39
CA CYS A 53 -4.81 -2.96 3.87
C CYS A 53 -5.93 -2.64 4.85
N THR A 54 -6.27 -1.37 4.96
CA THR A 54 -7.33 -0.94 5.86
C THR A 54 -8.68 -0.93 5.16
N PHE A 55 -8.66 -0.71 3.85
CA PHE A 55 -9.89 -0.69 3.06
C PHE A 55 -10.62 -2.03 3.15
N ASP A 56 -11.75 -2.12 2.47
CA ASP A 56 -12.54 -3.35 2.47
C ASP A 56 -12.95 -3.74 1.05
N HIS A 57 -12.13 -4.56 0.41
CA HIS A 57 -12.39 -5.00 -0.95
C HIS A 57 -13.67 -5.84 -1.01
N MET A 58 -13.89 -6.65 0.02
CA MET A 58 -15.07 -7.50 0.09
C MET A 58 -15.72 -7.42 1.46
N GLY A 59 -16.71 -6.54 1.60
CA GLY A 59 -17.39 -6.38 2.87
C GLY A 59 -16.44 -6.39 4.04
N ARG A 60 -16.58 -7.39 4.92
CA ARG A 60 -15.73 -7.51 6.09
C ARG A 60 -14.80 -8.72 5.98
N GLY A 61 -13.50 -8.47 6.04
CA GLY A 61 -12.53 -9.54 5.93
C GLY A 61 -12.00 -9.97 7.28
N SER A 62 -11.77 -11.27 7.44
CA SER A 62 -11.26 -11.81 8.70
C SER A 62 -9.80 -12.25 8.54
N GLY A 63 -8.93 -11.68 9.37
CA GLY A 63 -7.53 -12.02 9.31
C GLY A 63 -7.23 -13.40 9.90
N PRO A 64 -6.10 -13.99 9.50
CA PRO A 64 -5.70 -15.31 9.98
C PRO A 64 -5.29 -15.30 11.45
N SER A 65 -6.19 -15.73 12.31
CA SER A 65 -5.92 -15.76 13.75
C SER A 65 -6.13 -17.16 14.31
N SER A 66 -5.43 -17.46 15.40
CA SER A 66 -5.54 -18.77 16.04
C SER A 66 -5.49 -18.65 17.56
N GLY A 67 -6.24 -19.51 18.24
CA GLY A 67 -6.27 -19.48 19.69
C GLY A 67 -7.58 -18.96 20.23
ZN ZN B . 7.16 -4.31 -1.80
ZN ZN C . -4.44 -1.12 0.27
N GLY A 1 16.04 13.58 17.29
CA GLY A 1 15.23 13.71 16.09
C GLY A 1 13.77 13.98 16.40
N SER A 2 13.52 14.88 17.35
CA SER A 2 12.17 15.23 17.74
C SER A 2 11.43 15.90 16.59
N SER A 3 10.15 15.59 16.45
CA SER A 3 9.33 16.16 15.39
C SER A 3 8.23 17.06 15.97
N GLY A 4 7.93 18.14 15.26
CA GLY A 4 6.89 19.05 15.72
C GLY A 4 6.28 19.85 14.59
N SER A 5 7.13 20.33 13.68
CA SER A 5 6.66 21.12 12.54
C SER A 5 7.36 20.68 11.26
N SER A 6 6.60 20.65 10.16
CA SER A 6 7.14 20.25 8.87
C SER A 6 7.72 18.84 8.94
N GLY A 7 7.00 17.94 9.62
CA GLY A 7 7.46 16.58 9.75
C GLY A 7 6.40 15.56 9.35
N SER A 8 6.38 15.21 8.07
CA SER A 8 5.40 14.24 7.56
C SER A 8 5.71 12.83 8.07
N ARG A 9 4.75 12.24 8.76
CA ARG A 9 4.91 10.90 9.30
C ARG A 9 4.46 9.85 8.29
N SER A 10 4.80 10.06 7.02
CA SER A 10 4.44 9.14 5.96
C SER A 10 5.60 8.21 5.60
N LYS A 11 5.28 6.98 5.25
CA LYS A 11 6.29 6.00 4.89
C LYS A 11 6.67 6.13 3.42
N GLN A 12 5.67 6.25 2.56
CA GLN A 12 5.90 6.39 1.12
C GLN A 12 5.97 7.87 0.73
N LYS A 13 7.13 8.27 0.21
CA LYS A 13 7.33 9.65 -0.22
C LYS A 13 6.95 9.83 -1.69
N SER A 14 7.40 8.91 -2.53
CA SER A 14 7.10 8.97 -3.96
C SER A 14 6.33 7.74 -4.40
N ARG A 15 5.46 7.91 -5.39
CA ARG A 15 4.65 6.80 -5.90
C ARG A 15 5.45 5.98 -6.92
N ARG A 16 6.71 5.74 -6.61
CA ARG A 16 7.59 4.97 -7.48
C ARG A 16 8.14 3.74 -6.77
N ARG A 17 8.48 3.91 -5.49
CA ARG A 17 9.02 2.82 -4.69
C ARG A 17 7.97 2.26 -3.74
N CYS A 18 7.91 0.93 -3.64
CA CYS A 18 6.95 0.28 -2.77
C CYS A 18 6.83 1.01 -1.43
N PHE A 19 5.77 0.71 -0.70
CA PHE A 19 5.53 1.33 0.59
C PHE A 19 5.89 0.39 1.74
N GLN A 20 6.27 -0.84 1.38
CA GLN A 20 6.65 -1.84 2.37
C GLN A 20 8.11 -2.24 2.21
N CYS A 21 8.55 -2.38 0.97
CA CYS A 21 9.92 -2.78 0.67
C CYS A 21 10.68 -1.62 0.02
N GLN A 22 9.95 -0.59 -0.39
CA GLN A 22 10.56 0.58 -1.02
C GLN A 22 11.37 0.17 -2.25
N THR A 23 10.81 -0.72 -3.06
CA THR A 23 11.48 -1.20 -4.26
C THR A 23 11.03 -0.43 -5.49
N LYS A 24 11.96 -0.17 -6.40
CA LYS A 24 11.66 0.56 -7.62
C LYS A 24 10.49 -0.09 -8.37
N LEU A 25 9.52 0.73 -8.77
CA LEU A 25 8.35 0.23 -9.49
C LEU A 25 8.30 0.82 -10.90
N GLU A 26 8.13 -0.05 -11.88
CA GLU A 26 8.07 0.38 -13.27
C GLU A 26 6.69 0.97 -13.60
N LEU A 27 6.64 1.80 -14.62
CA LEU A 27 5.39 2.44 -15.04
C LEU A 27 4.23 1.44 -14.98
N VAL A 28 4.48 0.23 -15.46
CA VAL A 28 3.46 -0.81 -15.45
C VAL A 28 3.10 -1.23 -14.03
N GLN A 29 4.11 -1.31 -13.16
CA GLN A 29 3.90 -1.70 -11.78
C GLN A 29 3.19 -0.60 -11.00
N GLN A 30 3.86 0.55 -10.86
CA GLN A 30 3.29 1.67 -10.14
C GLN A 30 1.78 1.76 -10.35
N GLU A 31 1.34 1.50 -11.58
CA GLU A 31 -0.07 1.54 -11.91
C GLU A 31 -0.80 0.32 -11.34
N LEU A 32 -0.22 -0.86 -11.56
CA LEU A 32 -0.81 -2.10 -11.07
C LEU A 32 -0.69 -2.19 -9.55
N GLY A 33 0.54 -2.25 -9.06
CA GLY A 33 0.75 -2.34 -7.63
C GLY A 33 -0.15 -1.41 -6.84
N SER A 34 -0.36 -0.20 -7.37
CA SER A 34 -1.20 0.78 -6.70
C SER A 34 -2.39 0.11 -6.02
N CYS A 35 -2.87 0.73 -4.95
CA CYS A 35 -4.00 0.19 -4.19
C CYS A 35 -5.11 1.23 -4.08
N ARG A 36 -6.21 0.84 -3.42
CA ARG A 36 -7.34 1.73 -3.24
C ARG A 36 -7.17 2.58 -1.98
N CYS A 37 -6.60 1.98 -0.94
CA CYS A 37 -6.37 2.67 0.32
C CYS A 37 -5.66 4.00 0.09
N GLY A 38 -4.66 3.99 -0.78
CA GLY A 38 -3.91 5.20 -1.09
C GLY A 38 -2.42 4.98 -1.05
N TYR A 39 -1.99 3.75 -1.27
CA TYR A 39 -0.58 3.41 -1.26
C TYR A 39 -0.22 2.52 -2.44
N VAL A 40 1.04 2.62 -2.89
CA VAL A 40 1.51 1.83 -4.02
C VAL A 40 2.59 0.84 -3.58
N PHE A 41 2.39 -0.44 -3.90
CA PHE A 41 3.34 -1.48 -3.54
C PHE A 41 3.83 -2.21 -4.78
N CYS A 42 4.73 -3.17 -4.56
CA CYS A 42 5.28 -3.95 -5.67
C CYS A 42 4.43 -5.18 -5.94
N MET A 43 4.84 -5.97 -6.93
CA MET A 43 4.11 -7.19 -7.29
C MET A 43 4.15 -8.20 -6.15
N LEU A 44 4.95 -7.90 -5.13
CA LEU A 44 5.08 -8.80 -3.98
C LEU A 44 4.22 -8.31 -2.81
N HIS A 45 4.05 -7.00 -2.72
CA HIS A 45 3.25 -6.41 -1.65
C HIS A 45 2.07 -5.64 -2.23
N ARG A 46 1.69 -5.99 -3.45
CA ARG A 46 0.56 -5.33 -4.12
C ARG A 46 -0.76 -5.75 -3.49
N LEU A 47 -0.79 -6.95 -2.94
CA LEU A 47 -2.00 -7.47 -2.31
C LEU A 47 -2.33 -6.70 -1.04
N PRO A 48 -3.62 -6.72 -0.65
CA PRO A 48 -4.08 -6.04 0.56
C PRO A 48 -3.58 -6.70 1.85
N GLU A 49 -3.78 -8.02 1.93
CA GLU A 49 -3.35 -8.77 3.11
C GLU A 49 -1.85 -8.60 3.34
N GLN A 50 -1.11 -8.35 2.26
CA GLN A 50 0.33 -8.17 2.34
C GLN A 50 0.69 -6.94 3.15
N HIS A 51 -0.07 -5.86 2.94
CA HIS A 51 0.17 -4.61 3.66
C HIS A 51 -0.99 -4.30 4.60
N ASP A 52 -1.58 -5.34 5.17
CA ASP A 52 -2.70 -5.17 6.10
C ASP A 52 -3.59 -4.01 5.67
N CYS A 53 -3.85 -3.91 4.37
CA CYS A 53 -4.68 -2.84 3.82
C CYS A 53 -5.79 -2.47 4.81
N THR A 54 -6.10 -1.18 4.87
CA THR A 54 -7.14 -0.69 5.76
C THR A 54 -8.50 -0.68 5.07
N PHE A 55 -8.49 -0.51 3.76
CA PHE A 55 -9.72 -0.49 2.98
C PHE A 55 -10.50 -1.78 3.16
N ASP A 56 -11.69 -1.83 2.57
CA ASP A 56 -12.54 -3.02 2.67
C ASP A 56 -13.08 -3.41 1.30
N HIS A 57 -12.31 -4.23 0.58
CA HIS A 57 -12.71 -4.68 -0.75
C HIS A 57 -14.04 -5.42 -0.70
N MET A 58 -15.12 -4.69 -0.91
CA MET A 58 -16.46 -5.28 -0.89
C MET A 58 -16.75 -6.01 -2.19
N GLY A 59 -16.70 -5.28 -3.30
CA GLY A 59 -16.95 -5.89 -4.60
C GLY A 59 -15.82 -6.79 -5.05
N ARG A 60 -15.98 -8.10 -4.83
CA ARG A 60 -14.96 -9.06 -5.21
C ARG A 60 -15.46 -10.49 -4.97
N GLY A 61 -14.98 -11.42 -5.79
CA GLY A 61 -15.38 -12.81 -5.65
C GLY A 61 -14.89 -13.43 -4.36
N SER A 62 -15.83 -13.82 -3.50
CA SER A 62 -15.50 -14.42 -2.22
C SER A 62 -15.26 -15.92 -2.37
N GLY A 63 -14.08 -16.37 -1.98
CA GLY A 63 -13.75 -17.78 -2.07
C GLY A 63 -12.51 -18.15 -1.28
N PRO A 64 -12.68 -18.40 0.02
CA PRO A 64 -11.58 -18.76 0.92
C PRO A 64 -11.03 -20.15 0.63
N SER A 65 -9.89 -20.21 -0.06
CA SER A 65 -9.27 -21.47 -0.39
C SER A 65 -10.25 -22.39 -1.11
N SER A 66 -11.04 -21.82 -2.02
CA SER A 66 -12.03 -22.59 -2.76
C SER A 66 -12.04 -22.18 -4.23
N GLY A 67 -12.53 -23.08 -5.08
CA GLY A 67 -12.59 -22.79 -6.51
C GLY A 67 -13.76 -21.89 -6.87
ZN ZN B . 7.09 -4.34 -1.86
ZN ZN C . -4.38 -1.12 0.21
N GLY A 1 25.18 19.48 10.98
CA GLY A 1 23.99 19.52 10.15
C GLY A 1 22.71 19.43 10.96
N SER A 2 21.66 18.90 10.36
CA SER A 2 20.37 18.77 11.03
C SER A 2 19.48 17.78 10.30
N SER A 3 18.61 17.11 11.05
CA SER A 3 17.70 16.12 10.49
C SER A 3 16.58 15.78 11.47
N GLY A 4 15.43 15.39 10.92
CA GLY A 4 14.29 15.05 11.76
C GLY A 4 13.38 14.02 11.12
N SER A 5 12.75 13.20 11.95
CA SER A 5 11.86 12.16 11.45
C SER A 5 10.42 12.46 11.84
N SER A 6 10.03 13.72 11.71
CA SER A 6 8.67 14.14 12.05
C SER A 6 7.65 13.09 11.62
N GLY A 7 6.59 12.94 12.41
CA GLY A 7 5.55 11.97 12.10
C GLY A 7 6.09 10.55 12.08
N SER A 8 6.30 9.98 13.26
CA SER A 8 6.81 8.62 13.38
C SER A 8 6.27 7.74 12.25
N ARG A 9 5.01 7.93 11.92
CA ARG A 9 4.37 7.15 10.85
C ARG A 9 4.67 7.76 9.48
N SER A 10 5.96 7.91 9.18
CA SER A 10 6.37 8.48 7.90
C SER A 10 6.73 7.39 6.90
N LYS A 11 5.85 7.18 5.93
CA LYS A 11 6.07 6.17 4.90
C LYS A 11 5.43 6.58 3.58
N GLN A 12 5.89 5.97 2.49
CA GLN A 12 5.37 6.28 1.16
C GLN A 12 5.88 7.62 0.67
N LYS A 13 7.19 7.85 0.84
CA LYS A 13 7.80 9.10 0.41
C LYS A 13 7.88 9.17 -1.12
N SER A 14 8.10 8.02 -1.75
CA SER A 14 8.19 7.96 -3.20
C SER A 14 7.24 6.91 -3.77
N ARG A 15 6.09 7.35 -4.26
CA ARG A 15 5.09 6.45 -4.82
C ARG A 15 5.74 5.50 -5.83
N ARG A 16 6.73 5.99 -6.55
CA ARG A 16 7.43 5.18 -7.55
C ARG A 16 7.98 3.91 -6.92
N ARG A 17 8.35 3.99 -5.65
CA ARG A 17 8.90 2.85 -4.93
C ARG A 17 7.90 2.30 -3.92
N CYS A 18 7.94 1.00 -3.68
CA CYS A 18 7.04 0.36 -2.74
C CYS A 18 6.99 1.12 -1.43
N PHE A 19 6.00 0.81 -0.60
CA PHE A 19 5.83 1.47 0.69
C PHE A 19 6.32 0.58 1.83
N GLN A 20 6.73 -0.64 1.49
CA GLN A 20 7.22 -1.58 2.48
C GLN A 20 8.67 -1.97 2.19
N CYS A 21 8.98 -2.19 0.92
CA CYS A 21 10.32 -2.57 0.51
C CYS A 21 10.98 -1.45 -0.30
N GLN A 22 10.22 -0.40 -0.57
CA GLN A 22 10.73 0.74 -1.34
C GLN A 22 11.48 0.26 -2.57
N THR A 23 10.95 -0.75 -3.23
CA THR A 23 11.56 -1.31 -4.44
C THR A 23 11.16 -0.51 -5.68
N LYS A 24 12.02 -0.52 -6.68
CA LYS A 24 11.75 0.19 -7.92
C LYS A 24 10.55 -0.41 -8.65
N LEU A 25 9.57 0.43 -8.97
CA LEU A 25 8.37 -0.01 -9.66
C LEU A 25 8.32 0.57 -11.08
N GLU A 26 8.26 -0.32 -12.07
CA GLU A 26 8.20 0.10 -13.46
C GLU A 26 6.87 0.79 -13.77
N LEU A 27 6.87 1.64 -14.79
CA LEU A 27 5.66 2.36 -15.18
C LEU A 27 4.44 1.45 -15.14
N VAL A 28 4.63 0.20 -15.55
CA VAL A 28 3.54 -0.78 -15.55
C VAL A 28 3.15 -1.17 -14.13
N GLN A 29 4.16 -1.32 -13.27
CA GLN A 29 3.93 -1.69 -11.89
C GLN A 29 3.22 -0.58 -11.13
N GLN A 30 3.89 0.56 -11.00
CA GLN A 30 3.33 1.70 -10.30
C GLN A 30 1.81 1.74 -10.44
N GLU A 31 1.33 1.38 -11.62
CA GLU A 31 -0.11 1.38 -11.89
C GLU A 31 -0.78 0.19 -11.20
N LEU A 32 -0.28 -1.01 -11.48
CA LEU A 32 -0.84 -2.22 -10.88
C LEU A 32 -0.64 -2.23 -9.37
N GLY A 33 0.62 -2.28 -8.95
CA GLY A 33 0.93 -2.29 -7.53
C GLY A 33 0.03 -1.37 -6.73
N SER A 34 -0.23 -0.19 -7.29
CA SER A 34 -1.07 0.80 -6.61
C SER A 34 -2.26 0.11 -5.93
N CYS A 35 -2.74 0.72 -4.86
CA CYS A 35 -3.86 0.17 -4.10
C CYS A 35 -4.99 1.20 -3.98
N ARG A 36 -6.08 0.81 -3.33
CA ARG A 36 -7.22 1.69 -3.15
C ARG A 36 -7.07 2.52 -1.88
N CYS A 37 -6.46 1.93 -0.86
CA CYS A 37 -6.25 2.61 0.41
C CYS A 37 -5.57 3.96 0.20
N GLY A 38 -4.55 3.97 -0.65
CA GLY A 38 -3.83 5.20 -0.94
C GLY A 38 -2.33 5.02 -0.90
N TYR A 39 -1.88 3.79 -1.16
CA TYR A 39 -0.46 3.48 -1.15
C TYR A 39 -0.09 2.58 -2.33
N VAL A 40 1.14 2.69 -2.80
CA VAL A 40 1.62 1.87 -3.91
C VAL A 40 2.68 0.88 -3.46
N PHE A 41 2.47 -0.39 -3.77
CA PHE A 41 3.40 -1.44 -3.39
C PHE A 41 3.86 -2.22 -4.62
N CYS A 42 4.81 -3.14 -4.41
CA CYS A 42 5.35 -3.95 -5.49
C CYS A 42 4.44 -5.15 -5.76
N MET A 43 4.79 -5.93 -6.78
CA MET A 43 4.02 -7.11 -7.14
C MET A 43 4.03 -8.14 -6.01
N LEU A 44 4.82 -7.87 -4.98
CA LEU A 44 4.92 -8.78 -3.85
C LEU A 44 4.12 -8.23 -2.65
N HIS A 45 3.93 -6.92 -2.63
CA HIS A 45 3.19 -6.27 -1.54
C HIS A 45 1.99 -5.50 -2.10
N ARG A 46 1.63 -5.79 -3.34
CA ARG A 46 0.50 -5.11 -3.98
C ARG A 46 -0.82 -5.57 -3.37
N LEU A 47 -0.89 -6.83 -2.99
CA LEU A 47 -2.10 -7.39 -2.39
C LEU A 47 -2.42 -6.70 -1.06
N PRO A 48 -3.71 -6.66 -0.71
CA PRO A 48 -4.18 -6.04 0.52
C PRO A 48 -3.77 -6.82 1.77
N GLU A 49 -4.04 -8.12 1.76
CA GLU A 49 -3.69 -8.99 2.89
C GLU A 49 -2.20 -8.88 3.20
N GLN A 50 -1.40 -8.53 2.20
CA GLN A 50 0.03 -8.41 2.37
C GLN A 50 0.38 -7.22 3.27
N HIS A 51 -0.32 -6.10 3.05
CA HIS A 51 -0.10 -4.90 3.83
C HIS A 51 -1.30 -4.60 4.73
N ASP A 52 -1.96 -5.65 5.19
CA ASP A 52 -3.12 -5.50 6.06
C ASP A 52 -3.93 -4.27 5.67
N CYS A 53 -4.19 -4.13 4.37
CA CYS A 53 -4.95 -2.99 3.86
C CYS A 53 -6.08 -2.63 4.81
N THR A 54 -6.31 -1.33 5.00
CA THR A 54 -7.36 -0.85 5.88
C THR A 54 -8.69 -0.72 5.13
N PHE A 55 -8.61 -0.64 3.80
CA PHE A 55 -9.81 -0.50 2.98
C PHE A 55 -10.68 -1.74 3.08
N ASP A 56 -11.97 -1.58 2.79
CA ASP A 56 -12.91 -2.69 2.86
C ASP A 56 -13.37 -3.11 1.46
N HIS A 57 -12.83 -4.21 0.98
CA HIS A 57 -13.17 -4.73 -0.35
C HIS A 57 -14.62 -5.21 -0.39
N MET A 58 -15.41 -4.64 -1.29
CA MET A 58 -16.80 -5.02 -1.43
C MET A 58 -16.93 -6.34 -2.18
N GLY A 59 -18.15 -6.88 -2.21
CA GLY A 59 -18.40 -8.13 -2.90
C GLY A 59 -18.23 -9.34 -1.99
N ARG A 60 -17.21 -9.29 -1.14
CA ARG A 60 -16.94 -10.39 -0.22
C ARG A 60 -17.94 -10.37 0.94
N GLY A 61 -19.05 -11.08 0.77
CA GLY A 61 -20.06 -11.14 1.80
C GLY A 61 -20.31 -12.55 2.29
N SER A 62 -20.56 -13.46 1.35
CA SER A 62 -20.82 -14.86 1.70
C SER A 62 -19.55 -15.69 1.57
N GLY A 63 -19.52 -16.83 2.26
CA GLY A 63 -18.37 -17.70 2.22
C GLY A 63 -18.00 -18.26 3.58
N PRO A 64 -16.87 -18.97 3.65
CA PRO A 64 -16.38 -19.57 4.89
C PRO A 64 -15.90 -18.52 5.89
N SER A 65 -15.83 -18.91 7.16
CA SER A 65 -15.39 -18.00 8.21
C SER A 65 -13.98 -18.35 8.67
N SER A 66 -13.11 -18.65 7.71
CA SER A 66 -11.73 -19.00 8.01
C SER A 66 -10.78 -17.86 7.66
N GLY A 67 -9.68 -17.77 8.40
CA GLY A 67 -8.71 -16.71 8.15
C GLY A 67 -7.89 -16.37 9.37
ZN ZN B . 7.14 -4.24 -1.70
ZN ZN C . -4.35 -1.14 0.28
N GLY A 1 8.20 14.53 20.93
CA GLY A 1 7.60 15.67 21.61
C GLY A 1 6.28 16.10 20.99
N SER A 2 5.23 15.35 21.29
CA SER A 2 3.90 15.65 20.75
C SER A 2 2.82 14.89 21.52
N SER A 3 1.60 15.44 21.51
CA SER A 3 0.48 14.82 22.21
C SER A 3 -0.64 14.47 21.23
N GLY A 4 -1.17 15.49 20.56
CA GLY A 4 -2.25 15.27 19.61
C GLY A 4 -1.79 14.49 18.39
N SER A 5 -2.48 13.39 18.11
CA SER A 5 -2.13 12.55 16.97
C SER A 5 -2.09 13.37 15.68
N SER A 6 -1.02 13.19 14.91
CA SER A 6 -0.86 13.92 13.65
C SER A 6 0.26 13.31 12.82
N GLY A 7 -0.01 13.11 11.53
CA GLY A 7 0.98 12.54 10.65
C GLY A 7 1.82 13.59 9.96
N SER A 8 2.92 13.98 10.60
CA SER A 8 3.80 15.00 10.04
C SER A 8 4.54 14.46 8.81
N ARG A 9 5.12 13.28 8.95
CA ARG A 9 5.87 12.66 7.85
C ARG A 9 5.37 11.24 7.61
N SER A 10 4.84 11.00 6.41
CA SER A 10 4.33 9.69 6.04
C SER A 10 5.45 8.77 5.61
N LYS A 11 5.13 7.49 5.39
CA LYS A 11 6.11 6.51 4.97
C LYS A 11 6.33 6.57 3.46
N GLN A 12 5.24 6.76 2.72
CA GLN A 12 5.32 6.84 1.27
C GLN A 12 5.28 8.29 0.79
N LYS A 13 6.43 8.79 0.33
CA LYS A 13 6.53 10.15 -0.15
C LYS A 13 6.29 10.23 -1.66
N SER A 14 6.79 9.22 -2.37
CA SER A 14 6.64 9.17 -3.82
C SER A 14 5.96 7.88 -4.25
N ARG A 15 5.13 7.97 -5.28
CA ARG A 15 4.41 6.80 -5.78
C ARG A 15 5.23 6.09 -6.86
N ARG A 16 6.51 5.88 -6.57
CA ARG A 16 7.40 5.20 -7.51
C ARG A 16 7.94 3.90 -6.91
N ARG A 17 8.26 3.94 -5.63
CA ARG A 17 8.78 2.77 -4.94
C ARG A 17 7.78 2.24 -3.91
N CYS A 18 7.78 0.93 -3.72
CA CYS A 18 6.87 0.30 -2.77
C CYS A 18 6.81 1.10 -1.47
N PHE A 19 5.80 0.81 -0.64
CA PHE A 19 5.63 1.49 0.63
C PHE A 19 6.11 0.62 1.78
N GLN A 20 6.50 -0.61 1.47
CA GLN A 20 6.97 -1.54 2.48
C GLN A 20 8.42 -1.94 2.21
N CYS A 21 8.74 -2.18 0.95
CA CYS A 21 10.08 -2.58 0.55
C CYS A 21 10.75 -1.49 -0.28
N GLN A 22 10.03 -0.38 -0.49
CA GLN A 22 10.55 0.73 -1.28
C GLN A 22 11.38 0.23 -2.46
N THR A 23 10.80 -0.69 -3.23
CA THR A 23 11.49 -1.26 -4.38
C THR A 23 11.09 -0.54 -5.66
N LYS A 24 12.04 -0.39 -6.57
CA LYS A 24 11.78 0.28 -7.85
C LYS A 24 10.59 -0.34 -8.56
N LEU A 25 9.61 0.48 -8.88
CA LEU A 25 8.40 0.02 -9.57
C LEU A 25 8.36 0.53 -11.01
N GLU A 26 8.31 -0.40 -11.96
CA GLU A 26 8.26 -0.03 -13.37
C GLU A 26 7.00 0.75 -13.68
N LEU A 27 7.06 1.57 -14.74
CA LEU A 27 5.92 2.39 -15.15
C LEU A 27 4.64 1.56 -15.13
N VAL A 28 4.73 0.31 -15.53
CA VAL A 28 3.57 -0.58 -15.55
C VAL A 28 3.23 -1.07 -14.15
N GLN A 29 4.24 -1.12 -13.28
CA GLN A 29 4.04 -1.56 -11.91
C GLN A 29 3.31 -0.50 -11.09
N GLN A 30 3.96 0.65 -10.94
CA GLN A 30 3.38 1.75 -10.17
C GLN A 30 1.86 1.79 -10.34
N GLU A 31 1.39 1.41 -11.52
CA GLU A 31 -0.04 1.40 -11.80
C GLU A 31 -0.71 0.17 -11.20
N LEU A 32 -0.16 -0.99 -11.50
CA LEU A 32 -0.70 -2.25 -10.99
C LEU A 32 -0.59 -2.31 -9.47
N GLY A 33 0.65 -2.34 -8.96
CA GLY A 33 0.87 -2.39 -7.54
C GLY A 33 -0.04 -1.46 -6.77
N SER A 34 -0.26 -0.26 -7.32
CA SER A 34 -1.12 0.73 -6.68
C SER A 34 -2.28 0.06 -5.95
N CYS A 35 -2.76 0.70 -4.90
CA CYS A 35 -3.87 0.17 -4.11
C CYS A 35 -5.01 1.18 -4.01
N ARG A 36 -6.07 0.80 -3.32
CA ARG A 36 -7.23 1.68 -3.15
C ARG A 36 -7.09 2.53 -1.89
N CYS A 37 -6.51 1.94 -0.85
CA CYS A 37 -6.31 2.64 0.41
C CYS A 37 -5.61 3.98 0.19
N GLY A 38 -4.64 4.00 -0.71
CA GLY A 38 -3.91 5.22 -1.00
C GLY A 38 -2.41 5.02 -0.99
N TYR A 39 -1.98 3.78 -1.18
CA TYR A 39 -0.56 3.45 -1.19
C TYR A 39 -0.22 2.54 -2.35
N VAL A 40 1.03 2.64 -2.83
CA VAL A 40 1.49 1.82 -3.94
C VAL A 40 2.57 0.84 -3.51
N PHE A 41 2.34 -0.45 -3.76
CA PHE A 41 3.29 -1.48 -3.39
C PHE A 41 3.81 -2.21 -4.62
N CYS A 42 4.71 -3.16 -4.40
CA CYS A 42 5.29 -3.94 -5.49
C CYS A 42 4.41 -5.14 -5.83
N MET A 43 4.87 -5.95 -6.77
CA MET A 43 4.12 -7.14 -7.19
C MET A 43 4.11 -8.19 -6.07
N LEU A 44 4.83 -7.90 -4.99
CA LEU A 44 4.90 -8.81 -3.86
C LEU A 44 4.07 -8.30 -2.69
N HIS A 45 3.87 -6.99 -2.64
CA HIS A 45 3.09 -6.37 -1.58
C HIS A 45 1.89 -5.62 -2.15
N ARG A 46 1.61 -5.85 -3.42
CA ARG A 46 0.49 -5.19 -4.08
C ARG A 46 -0.84 -5.60 -3.46
N LEU A 47 -0.92 -6.85 -3.00
CA LEU A 47 -2.13 -7.37 -2.38
C LEU A 47 -2.40 -6.66 -1.05
N PRO A 48 -3.68 -6.59 -0.68
CA PRO A 48 -4.10 -5.94 0.57
C PRO A 48 -3.69 -6.72 1.81
N GLU A 49 -4.00 -8.01 1.82
CA GLU A 49 -3.65 -8.88 2.94
C GLU A 49 -2.16 -8.80 3.24
N GLN A 50 -1.36 -8.51 2.22
CA GLN A 50 0.09 -8.41 2.37
C GLN A 50 0.45 -7.24 3.26
N HIS A 51 -0.19 -6.09 3.04
CA HIS A 51 0.06 -4.90 3.82
C HIS A 51 -1.11 -4.57 4.73
N ASP A 52 -1.77 -5.62 5.23
CA ASP A 52 -2.92 -5.43 6.10
C ASP A 52 -3.71 -4.19 5.72
N CYS A 53 -3.97 -4.03 4.42
CA CYS A 53 -4.72 -2.88 3.93
C CYS A 53 -5.84 -2.50 4.90
N THR A 54 -6.05 -1.20 5.04
CA THR A 54 -7.09 -0.70 5.93
C THR A 54 -8.45 -0.66 5.23
N PHE A 55 -8.44 -0.50 3.92
CA PHE A 55 -9.66 -0.45 3.13
C PHE A 55 -10.48 -1.72 3.32
N ASP A 56 -11.78 -1.61 3.13
CA ASP A 56 -12.68 -2.75 3.28
C ASP A 56 -12.68 -3.60 2.01
N HIS A 57 -11.49 -3.93 1.52
CA HIS A 57 -11.37 -4.73 0.31
C HIS A 57 -12.39 -5.87 0.30
N MET A 58 -12.61 -6.47 1.47
CA MET A 58 -13.57 -7.56 1.60
C MET A 58 -14.93 -7.16 1.05
N GLY A 59 -15.61 -8.09 0.40
CA GLY A 59 -16.92 -7.82 -0.15
C GLY A 59 -17.90 -8.96 0.07
N ARG A 60 -19.18 -8.69 -0.17
CA ARG A 60 -20.21 -9.71 0.01
C ARG A 60 -21.12 -9.77 -1.22
N GLY A 61 -21.96 -10.80 -1.26
CA GLY A 61 -22.87 -10.97 -2.38
C GLY A 61 -23.58 -12.31 -2.36
N SER A 62 -23.12 -13.23 -3.20
CA SER A 62 -23.71 -14.56 -3.28
C SER A 62 -23.09 -15.50 -2.25
N GLY A 63 -23.73 -15.61 -1.09
CA GLY A 63 -23.23 -16.48 -0.04
C GLY A 63 -22.90 -15.71 1.23
N PRO A 64 -23.65 -15.98 2.29
CA PRO A 64 -23.46 -15.32 3.59
C PRO A 64 -22.16 -15.77 4.27
N SER A 65 -21.37 -16.57 3.57
CA SER A 65 -20.11 -17.08 4.11
C SER A 65 -19.48 -16.06 5.05
N SER A 66 -19.41 -16.40 6.32
CA SER A 66 -18.83 -15.52 7.33
C SER A 66 -17.55 -16.11 7.90
N GLY A 67 -16.61 -15.25 8.26
CA GLY A 67 -15.35 -15.70 8.81
C GLY A 67 -14.15 -15.15 8.06
ZN ZN B . 6.99 -4.26 -1.66
ZN ZN C . -4.24 -1.06 0.31
N GLY A 1 21.53 25.68 21.16
CA GLY A 1 20.25 25.08 20.84
C GLY A 1 20.09 24.82 19.35
N SER A 2 19.12 23.98 19.00
CA SER A 2 18.86 23.65 17.60
C SER A 2 17.37 23.69 17.30
N SER A 3 17.02 24.16 16.11
CA SER A 3 15.62 24.24 15.69
C SER A 3 15.25 23.06 14.81
N GLY A 4 13.94 22.79 14.72
CA GLY A 4 13.48 21.69 13.90
C GLY A 4 13.45 20.38 14.65
N SER A 5 12.29 20.04 15.22
CA SER A 5 12.15 18.80 15.98
C SER A 5 12.36 17.59 15.08
N SER A 6 12.34 16.40 15.69
CA SER A 6 12.52 15.16 14.95
C SER A 6 11.19 14.54 14.57
N GLY A 7 10.39 14.20 15.57
CA GLY A 7 9.10 13.61 15.32
C GLY A 7 9.20 12.26 14.63
N SER A 8 8.09 11.53 14.58
CA SER A 8 8.06 10.22 13.95
C SER A 8 8.46 10.31 12.48
N ARG A 9 8.53 9.16 11.82
CA ARG A 9 8.90 9.11 10.41
C ARG A 9 7.72 8.68 9.55
N SER A 10 7.56 9.30 8.39
CA SER A 10 6.47 8.98 7.48
C SER A 10 6.94 8.06 6.37
N LYS A 11 6.07 7.15 5.95
CA LYS A 11 6.39 6.19 4.90
C LYS A 11 5.86 6.67 3.55
N GLN A 12 6.15 5.90 2.50
CA GLN A 12 5.71 6.25 1.16
C GLN A 12 6.44 7.49 0.64
N LYS A 13 7.72 7.59 1.00
CA LYS A 13 8.53 8.73 0.57
C LYS A 13 8.21 9.12 -0.87
N SER A 14 7.97 8.12 -1.70
CA SER A 14 7.65 8.36 -3.11
C SER A 14 6.97 7.15 -3.73
N ARG A 15 5.68 7.29 -4.03
CA ARG A 15 4.90 6.21 -4.62
C ARG A 15 5.76 5.39 -5.59
N ARG A 16 6.58 6.09 -6.37
CA ARG A 16 7.44 5.44 -7.34
C ARG A 16 7.94 4.09 -6.81
N ARG A 17 8.37 4.09 -5.55
CA ARG A 17 8.87 2.87 -4.92
C ARG A 17 7.86 2.31 -3.93
N CYS A 18 7.89 1.00 -3.73
CA CYS A 18 6.98 0.34 -2.81
C CYS A 18 6.93 1.07 -1.48
N PHE A 19 5.91 0.77 -0.68
CA PHE A 19 5.75 1.40 0.63
C PHE A 19 6.13 0.43 1.75
N GLN A 20 6.48 -0.79 1.36
CA GLN A 20 6.87 -1.81 2.34
C GLN A 20 8.33 -2.19 2.17
N CYS A 21 8.76 -2.35 0.92
CA CYS A 21 10.14 -2.71 0.62
C CYS A 21 10.87 -1.56 -0.05
N GLN A 22 10.12 -0.56 -0.48
CA GLN A 22 10.70 0.60 -1.14
C GLN A 22 11.47 0.19 -2.40
N THR A 23 10.88 -0.73 -3.17
CA THR A 23 11.52 -1.21 -4.39
C THR A 23 11.09 -0.38 -5.60
N LYS A 24 12.02 -0.15 -6.52
CA LYS A 24 11.72 0.63 -7.72
C LYS A 24 10.59 -0.01 -8.52
N LEU A 25 9.51 0.73 -8.70
CA LEU A 25 8.36 0.24 -9.45
C LEU A 25 8.31 0.86 -10.85
N GLU A 26 8.19 0.02 -11.86
CA GLU A 26 8.13 0.49 -13.24
C GLU A 26 6.71 0.91 -13.61
N LEU A 27 6.59 1.72 -14.66
CA LEU A 27 5.29 2.19 -15.11
C LEU A 27 4.23 1.13 -14.92
N VAL A 28 4.59 -0.13 -15.17
CA VAL A 28 3.66 -1.24 -15.02
C VAL A 28 3.17 -1.36 -13.58
N GLN A 29 4.09 -1.66 -12.67
CA GLN A 29 3.75 -1.80 -11.26
C GLN A 29 3.12 -0.52 -10.73
N GLN A 30 3.84 0.59 -10.83
CA GLN A 30 3.35 1.87 -10.35
C GLN A 30 1.82 1.95 -10.49
N GLU A 31 1.31 1.46 -11.62
CA GLU A 31 -0.12 1.48 -11.88
C GLU A 31 -0.79 0.23 -11.35
N LEU A 32 -0.18 -0.92 -11.62
CA LEU A 32 -0.71 -2.20 -11.17
C LEU A 32 -0.60 -2.34 -9.65
N GLY A 33 0.64 -2.30 -9.16
CA GLY A 33 0.87 -2.42 -7.73
C GLY A 33 0.00 -1.46 -6.93
N SER A 34 -0.21 -0.26 -7.45
CA SER A 34 -1.02 0.74 -6.77
C SER A 34 -2.20 0.09 -6.06
N CYS A 35 -2.70 0.76 -5.03
CA CYS A 35 -3.83 0.24 -4.26
C CYS A 35 -4.92 1.31 -4.11
N ARG A 36 -6.02 0.95 -3.47
CA ARG A 36 -7.13 1.87 -3.27
C ARG A 36 -6.94 2.66 -1.97
N CYS A 37 -6.38 2.02 -0.96
CA CYS A 37 -6.15 2.66 0.33
C CYS A 37 -5.44 4.00 0.15
N GLY A 38 -4.47 4.04 -0.76
CA GLY A 38 -3.74 5.26 -1.01
C GLY A 38 -2.24 5.05 -0.99
N TYR A 39 -1.81 3.81 -1.20
CA TYR A 39 -0.39 3.48 -1.21
C TYR A 39 -0.05 2.57 -2.37
N VAL A 40 1.16 2.70 -2.89
CA VAL A 40 1.62 1.87 -4.01
C VAL A 40 2.67 0.87 -3.56
N PHE A 41 2.45 -0.40 -3.90
CA PHE A 41 3.37 -1.46 -3.53
C PHE A 41 3.82 -2.24 -4.76
N CYS A 42 4.77 -3.15 -4.56
CA CYS A 42 5.29 -3.97 -5.65
C CYS A 42 4.39 -5.19 -5.90
N MET A 43 4.71 -5.93 -6.95
CA MET A 43 3.93 -7.12 -7.29
C MET A 43 3.94 -8.13 -6.14
N LEU A 44 4.83 -7.91 -5.19
CA LEU A 44 4.93 -8.80 -4.02
C LEU A 44 4.08 -8.30 -2.87
N HIS A 45 4.04 -6.98 -2.70
CA HIS A 45 3.26 -6.37 -1.63
C HIS A 45 2.09 -5.59 -2.20
N ARG A 46 1.68 -5.95 -3.42
CA ARG A 46 0.56 -5.28 -4.08
C ARG A 46 -0.76 -5.69 -3.45
N LEU A 47 -0.82 -6.93 -2.96
CA LEU A 47 -2.03 -7.45 -2.35
C LEU A 47 -2.35 -6.72 -1.05
N PRO A 48 -3.63 -6.67 -0.69
CA PRO A 48 -4.09 -6.00 0.54
C PRO A 48 -3.65 -6.73 1.80
N GLU A 49 -3.90 -8.04 1.83
CA GLU A 49 -3.53 -8.86 2.98
C GLU A 49 -2.04 -8.75 3.28
N GLN A 50 -1.25 -8.47 2.23
CA GLN A 50 0.19 -8.34 2.38
C GLN A 50 0.54 -7.13 3.24
N HIS A 51 -0.15 -6.01 3.00
CA HIS A 51 0.09 -4.79 3.76
C HIS A 51 -1.09 -4.47 4.66
N ASP A 52 -1.75 -5.51 5.17
CA ASP A 52 -2.91 -5.33 6.04
C ASP A 52 -3.72 -4.10 5.63
N CYS A 53 -4.00 -4.00 4.34
CA CYS A 53 -4.77 -2.87 3.81
C CYS A 53 -5.90 -2.50 4.76
N THR A 54 -6.15 -1.20 4.91
CA THR A 54 -7.19 -0.71 5.79
C THR A 54 -8.53 -0.64 5.06
N PHE A 55 -8.47 -0.51 3.74
CA PHE A 55 -9.67 -0.44 2.92
C PHE A 55 -10.52 -1.69 3.06
N ASP A 56 -11.81 -1.57 2.78
CA ASP A 56 -12.72 -2.70 2.88
C ASP A 56 -13.19 -3.15 1.49
N HIS A 57 -12.78 -4.35 1.10
CA HIS A 57 -13.14 -4.89 -0.21
C HIS A 57 -14.50 -5.59 -0.13
N MET A 58 -14.74 -6.29 0.98
CA MET A 58 -15.99 -7.01 1.16
C MET A 58 -17.18 -6.16 0.74
N GLY A 59 -17.79 -6.52 -0.38
CA GLY A 59 -18.94 -5.79 -0.87
C GLY A 59 -20.25 -6.50 -0.62
N ARG A 60 -20.61 -7.42 -1.51
CA ARG A 60 -21.84 -8.17 -1.39
C ARG A 60 -21.72 -9.53 -2.07
N GLY A 61 -22.42 -10.53 -1.52
CA GLY A 61 -22.38 -11.86 -2.09
C GLY A 61 -23.46 -12.76 -1.54
N SER A 62 -23.19 -14.06 -1.49
CA SER A 62 -24.15 -15.03 -1.00
C SER A 62 -23.62 -15.72 0.26
N GLY A 63 -24.43 -15.73 1.31
CA GLY A 63 -24.02 -16.37 2.55
C GLY A 63 -23.80 -15.37 3.67
N PRO A 64 -23.56 -15.88 4.89
CA PRO A 64 -23.33 -15.04 6.07
C PRO A 64 -22.00 -14.30 6.01
N SER A 65 -21.95 -13.11 6.59
CA SER A 65 -20.73 -12.31 6.60
C SER A 65 -19.98 -12.48 7.91
N SER A 66 -19.18 -13.54 7.99
CA SER A 66 -18.41 -13.83 9.19
C SER A 66 -17.21 -12.89 9.30
N GLY A 67 -17.42 -11.73 9.91
CA GLY A 67 -16.35 -10.77 10.07
C GLY A 67 -15.67 -10.43 8.75
ZN ZN B . 7.14 -4.27 -1.86
ZN ZN C . -4.22 -1.12 0.13
N GLY A 1 1.63 26.71 3.32
CA GLY A 1 2.20 26.53 2.00
C GLY A 1 3.57 25.86 2.05
N SER A 2 4.61 26.63 1.74
CA SER A 2 5.97 26.10 1.74
C SER A 2 6.43 25.80 3.16
N SER A 3 7.09 24.67 3.34
CA SER A 3 7.60 24.26 4.65
C SER A 3 6.53 24.45 5.72
N GLY A 4 5.29 24.09 5.39
CA GLY A 4 4.19 24.23 6.32
C GLY A 4 3.65 22.89 6.78
N SER A 5 4.29 22.30 7.77
CA SER A 5 3.87 21.00 8.31
C SER A 5 4.23 20.87 9.78
N SER A 6 3.26 20.49 10.59
CA SER A 6 3.47 20.32 12.02
C SER A 6 3.25 18.87 12.44
N GLY A 7 4.27 18.27 13.03
CA GLY A 7 4.17 16.89 13.47
C GLY A 7 3.46 16.01 12.46
N SER A 8 4.13 15.75 11.34
CA SER A 8 3.57 14.93 10.28
C SER A 8 4.66 14.17 9.53
N ARG A 9 4.61 12.85 9.60
CA ARG A 9 5.60 12.00 8.94
C ARG A 9 4.92 10.88 8.16
N SER A 10 5.20 10.80 6.87
CA SER A 10 4.62 9.77 6.02
C SER A 10 5.69 8.80 5.52
N LYS A 11 5.34 7.52 5.47
CA LYS A 11 6.27 6.49 5.02
C LYS A 11 6.37 6.48 3.49
N GLN A 12 5.26 6.77 2.83
CA GLN A 12 5.23 6.79 1.37
C GLN A 12 5.91 8.05 0.84
N LYS A 13 7.23 8.03 0.81
CA LYS A 13 8.01 9.17 0.31
C LYS A 13 7.82 9.34 -1.19
N SER A 14 7.92 8.24 -1.92
CA SER A 14 7.77 8.26 -3.37
C SER A 14 7.04 7.02 -3.87
N ARG A 15 5.85 7.22 -4.42
CA ARG A 15 5.04 6.12 -4.94
C ARG A 15 5.88 5.23 -5.85
N ARG A 16 6.73 5.84 -6.66
CA ARG A 16 7.58 5.11 -7.59
C ARG A 16 8.11 3.83 -6.94
N ARG A 17 8.51 3.94 -5.67
CA ARG A 17 9.04 2.79 -4.95
C ARG A 17 8.03 2.28 -3.93
N CYS A 18 7.98 0.96 -3.75
CA CYS A 18 7.05 0.35 -2.81
C CYS A 18 6.99 1.15 -1.51
N PHE A 19 5.97 0.87 -0.70
CA PHE A 19 5.80 1.57 0.57
C PHE A 19 6.22 0.68 1.73
N GLN A 20 6.56 -0.56 1.43
CA GLN A 20 6.98 -1.52 2.45
C GLN A 20 8.44 -1.91 2.25
N CYS A 21 8.83 -2.16 1.01
CA CYS A 21 10.20 -2.54 0.69
C CYS A 21 10.93 -1.42 -0.01
N GLN A 22 10.19 -0.38 -0.39
CA GLN A 22 10.77 0.77 -1.07
C GLN A 22 11.51 0.34 -2.34
N THR A 23 10.94 -0.64 -3.04
CA THR A 23 11.54 -1.14 -4.27
C THR A 23 10.98 -0.44 -5.49
N LYS A 24 11.86 -0.06 -6.41
CA LYS A 24 11.44 0.63 -7.63
C LYS A 24 10.27 -0.10 -8.29
N LEU A 25 9.35 0.67 -8.87
CA LEU A 25 8.19 0.10 -9.54
C LEU A 25 8.14 0.52 -11.01
N GLU A 26 8.19 -0.46 -11.90
CA GLU A 26 8.14 -0.19 -13.33
C GLU A 26 6.88 0.59 -13.69
N LEU A 27 6.97 1.41 -14.74
CA LEU A 27 5.85 2.21 -15.19
C LEU A 27 4.55 1.44 -15.05
N VAL A 28 4.53 0.21 -15.56
CA VAL A 28 3.35 -0.63 -15.49
C VAL A 28 3.02 -1.00 -14.04
N GLN A 29 4.04 -1.38 -13.30
CA GLN A 29 3.87 -1.75 -11.89
C GLN A 29 3.16 -0.65 -11.11
N GLN A 30 3.83 0.51 -11.01
CA GLN A 30 3.26 1.64 -10.29
C GLN A 30 1.74 1.66 -10.42
N GLU A 31 1.24 1.32 -11.60
CA GLU A 31 -0.19 1.32 -11.85
C GLU A 31 -0.85 0.11 -11.20
N LEU A 32 -0.31 -1.08 -11.48
CA LEU A 32 -0.84 -2.32 -10.92
C LEU A 32 -0.66 -2.35 -9.41
N GLY A 33 0.61 -2.33 -8.97
CA GLY A 33 0.89 -2.36 -7.55
C GLY A 33 -0.01 -1.43 -6.75
N SER A 34 -0.25 -0.24 -7.30
CA SER A 34 -1.10 0.74 -6.62
C SER A 34 -2.26 0.06 -5.91
N CYS A 35 -2.72 0.68 -4.82
CA CYS A 35 -3.83 0.14 -4.06
C CYS A 35 -4.98 1.14 -3.96
N ARG A 36 -6.03 0.78 -3.22
CA ARG A 36 -7.18 1.64 -3.06
C ARG A 36 -7.01 2.54 -1.83
N CYS A 37 -6.42 1.98 -0.78
CA CYS A 37 -6.20 2.73 0.45
C CYS A 37 -5.51 4.06 0.17
N GLY A 38 -4.50 4.02 -0.69
CA GLY A 38 -3.77 5.24 -1.03
C GLY A 38 -2.27 5.05 -1.01
N TYR A 39 -1.83 3.81 -1.25
CA TYR A 39 -0.41 3.50 -1.24
C TYR A 39 -0.05 2.56 -2.40
N VAL A 40 1.17 2.68 -2.89
CA VAL A 40 1.64 1.85 -3.99
C VAL A 40 2.70 0.85 -3.52
N PHE A 41 2.49 -0.42 -3.85
CA PHE A 41 3.43 -1.47 -3.47
C PHE A 41 3.91 -2.25 -4.69
N CYS A 42 4.84 -3.17 -4.47
CA CYS A 42 5.39 -3.98 -5.55
C CYS A 42 4.46 -5.15 -5.87
N MET A 43 4.87 -5.96 -6.84
CA MET A 43 4.08 -7.11 -7.25
C MET A 43 4.01 -8.15 -6.13
N LEU A 44 4.79 -7.93 -5.08
CA LEU A 44 4.83 -8.85 -3.94
C LEU A 44 4.02 -8.29 -2.78
N HIS A 45 3.93 -6.97 -2.71
CA HIS A 45 3.19 -6.30 -1.65
C HIS A 45 2.00 -5.52 -2.20
N ARG A 46 1.62 -5.84 -3.45
CA ARG A 46 0.51 -5.17 -4.10
C ARG A 46 -0.82 -5.58 -3.47
N LEU A 47 -0.91 -6.83 -3.05
CA LEU A 47 -2.12 -7.35 -2.43
C LEU A 47 -2.40 -6.65 -1.11
N PRO A 48 -3.69 -6.57 -0.73
CA PRO A 48 -4.12 -5.94 0.51
C PRO A 48 -3.70 -6.72 1.74
N GLU A 49 -4.01 -8.01 1.74
CA GLU A 49 -3.67 -8.87 2.86
C GLU A 49 -2.18 -8.80 3.18
N GLN A 50 -1.37 -8.51 2.15
CA GLN A 50 0.07 -8.41 2.31
C GLN A 50 0.43 -7.24 3.22
N HIS A 51 -0.24 -6.11 3.02
CA HIS A 51 0.01 -4.92 3.82
C HIS A 51 -1.19 -4.60 4.71
N ASP A 52 -1.85 -5.64 5.21
CA ASP A 52 -3.00 -5.48 6.08
C ASP A 52 -3.80 -4.23 5.69
N CYS A 53 -4.05 -4.08 4.39
CA CYS A 53 -4.79 -2.93 3.89
C CYS A 53 -5.92 -2.55 4.84
N THR A 54 -6.14 -1.25 5.01
CA THR A 54 -7.19 -0.76 5.89
C THR A 54 -8.54 -0.71 5.18
N PHE A 55 -8.50 -0.46 3.87
CA PHE A 55 -9.72 -0.39 3.07
C PHE A 55 -10.52 -1.67 3.18
N ASP A 56 -11.78 -1.62 2.77
CA ASP A 56 -12.65 -2.78 2.82
C ASP A 56 -13.16 -3.15 1.41
N HIS A 57 -12.64 -4.25 0.89
CA HIS A 57 -13.02 -4.71 -0.44
C HIS A 57 -14.42 -5.31 -0.42
N MET A 58 -15.04 -5.44 -1.59
CA MET A 58 -16.37 -6.00 -1.70
C MET A 58 -16.45 -7.36 -1.02
N GLY A 59 -15.46 -8.21 -1.28
CA GLY A 59 -15.44 -9.53 -0.68
C GLY A 59 -14.96 -9.50 0.76
N ARG A 60 -15.64 -10.25 1.62
CA ARG A 60 -15.30 -10.30 3.04
C ARG A 60 -14.26 -11.39 3.30
N GLY A 61 -14.60 -12.63 2.94
CA GLY A 61 -13.70 -13.74 3.14
C GLY A 61 -14.42 -15.06 3.29
N SER A 62 -14.10 -15.78 4.36
CA SER A 62 -14.73 -17.08 4.62
C SER A 62 -14.29 -17.62 5.98
N GLY A 63 -15.27 -18.08 6.76
CA GLY A 63 -14.97 -18.63 8.07
C GLY A 63 -13.97 -17.78 8.84
N PRO A 64 -13.17 -18.44 9.69
CA PRO A 64 -12.15 -17.76 10.51
C PRO A 64 -10.99 -17.24 9.66
N SER A 65 -10.73 -17.91 8.55
CA SER A 65 -9.65 -17.53 7.66
C SER A 65 -9.96 -17.90 6.21
N SER A 66 -9.45 -17.11 5.28
CA SER A 66 -9.69 -17.35 3.86
C SER A 66 -8.42 -17.86 3.18
N GLY A 67 -8.56 -18.96 2.44
CA GLY A 67 -7.41 -19.54 1.75
C GLY A 67 -7.31 -21.03 1.96
ZN ZN B . 7.14 -4.23 -1.71
ZN ZN C . -4.27 -1.04 0.37
N GLY A 1 5.70 11.91 32.05
CA GLY A 1 4.83 11.79 30.90
C GLY A 1 5.49 12.24 29.62
N SER A 2 4.97 11.77 28.49
CA SER A 2 5.52 12.11 27.19
C SER A 2 4.79 13.30 26.59
N SER A 3 3.46 13.25 26.59
CA SER A 3 2.64 14.32 26.05
C SER A 3 3.19 14.78 24.70
N GLY A 4 3.58 13.83 23.87
CA GLY A 4 4.12 14.16 22.56
C GLY A 4 4.11 12.97 21.62
N SER A 5 4.22 13.24 20.33
CA SER A 5 4.23 12.20 19.31
C SER A 5 5.21 12.52 18.20
N SER A 6 6.17 11.62 17.99
CA SER A 6 7.18 11.80 16.96
C SER A 6 6.96 10.84 15.80
N GLY A 7 5.70 10.67 15.40
CA GLY A 7 5.38 9.77 14.31
C GLY A 7 5.85 10.29 12.97
N SER A 8 6.05 9.39 12.01
CA SER A 8 6.51 9.76 10.68
C SER A 8 5.35 10.28 9.83
N ARG A 9 5.54 11.45 9.24
CA ARG A 9 4.51 12.06 8.40
C ARG A 9 3.81 11.00 7.56
N SER A 10 4.58 10.30 6.72
CA SER A 10 4.03 9.27 5.86
C SER A 10 5.15 8.39 5.29
N LYS A 11 5.00 7.08 5.44
CA LYS A 11 5.98 6.14 4.94
C LYS A 11 6.12 6.25 3.42
N GLN A 12 5.08 6.75 2.77
CA GLN A 12 5.08 6.91 1.32
C GLN A 12 5.34 8.36 0.93
N LYS A 13 6.35 8.56 0.09
CA LYS A 13 6.70 9.91 -0.36
C LYS A 13 6.49 10.05 -1.86
N SER A 14 6.86 9.01 -2.61
CA SER A 14 6.71 9.02 -4.06
C SER A 14 6.03 7.75 -4.55
N ARG A 15 5.10 7.91 -5.48
CA ARG A 15 4.37 6.77 -6.03
C ARG A 15 5.21 6.03 -7.07
N ARG A 16 6.47 5.78 -6.73
CA ARG A 16 7.39 5.09 -7.63
C ARG A 16 7.95 3.84 -6.97
N ARG A 17 8.21 3.93 -5.67
CA ARG A 17 8.77 2.81 -4.93
C ARG A 17 7.75 2.27 -3.92
N CYS A 18 7.79 0.96 -3.69
CA CYS A 18 6.87 0.32 -2.76
C CYS A 18 6.79 1.11 -1.45
N PHE A 19 5.76 0.81 -0.66
CA PHE A 19 5.57 1.49 0.62
C PHE A 19 6.01 0.60 1.78
N GLN A 20 6.42 -0.62 1.46
CA GLN A 20 6.87 -1.57 2.47
C GLN A 20 8.33 -1.96 2.25
N CYS A 21 8.68 -2.20 0.98
CA CYS A 21 10.04 -2.58 0.64
C CYS A 21 10.75 -1.45 -0.12
N GLN A 22 10.01 -0.38 -0.39
CA GLN A 22 10.56 0.76 -1.11
C GLN A 22 11.34 0.31 -2.34
N THR A 23 10.80 -0.68 -3.04
CA THR A 23 11.45 -1.21 -4.23
C THR A 23 11.01 -0.46 -5.48
N LYS A 24 11.90 -0.34 -6.45
CA LYS A 24 11.60 0.36 -7.69
C LYS A 24 10.49 -0.35 -8.46
N LEU A 25 9.43 0.39 -8.77
CA LEU A 25 8.30 -0.16 -9.50
C LEU A 25 8.30 0.30 -10.95
N GLU A 26 8.25 -0.65 -11.87
CA GLU A 26 8.25 -0.34 -13.30
C GLU A 26 7.05 0.54 -13.67
N LEU A 27 7.24 1.36 -14.69
CA LEU A 27 6.17 2.26 -15.14
C LEU A 27 4.82 1.57 -15.10
N VAL A 28 4.80 0.28 -15.46
CA VAL A 28 3.57 -0.50 -15.46
C VAL A 28 3.17 -0.91 -14.03
N GLN A 29 4.15 -1.42 -13.29
CA GLN A 29 3.90 -1.85 -11.92
C GLN A 29 3.32 -0.71 -11.08
N GLN A 30 4.03 0.41 -11.04
CA GLN A 30 3.59 1.57 -10.29
C GLN A 30 2.06 1.66 -10.28
N GLU A 31 1.45 1.31 -11.40
CA GLU A 31 0.00 1.35 -11.53
C GLU A 31 -0.64 0.11 -10.93
N LEU A 32 -0.21 -1.06 -11.40
CA LEU A 32 -0.74 -2.32 -10.90
C LEU A 32 -0.70 -2.38 -9.39
N GLY A 33 0.50 -2.39 -8.82
CA GLY A 33 0.66 -2.44 -7.38
C GLY A 33 -0.29 -1.49 -6.66
N SER A 34 -0.46 -0.31 -7.23
CA SER A 34 -1.34 0.70 -6.65
C SER A 34 -2.53 0.04 -5.95
N CYS A 35 -2.98 0.64 -4.86
CA CYS A 35 -4.11 0.11 -4.10
C CYS A 35 -5.19 1.17 -3.93
N ARG A 36 -6.33 0.76 -3.38
CA ARG A 36 -7.45 1.67 -3.18
C ARG A 36 -7.21 2.55 -1.95
N CYS A 37 -6.63 1.96 -0.92
CA CYS A 37 -6.34 2.69 0.32
C CYS A 37 -5.66 4.02 0.02
N GLY A 38 -4.69 4.00 -0.89
CA GLY A 38 -3.98 5.21 -1.24
C GLY A 38 -2.47 5.03 -1.22
N TYR A 39 -2.03 3.79 -1.38
CA TYR A 39 -0.61 3.48 -1.37
C TYR A 39 -0.24 2.53 -2.50
N VAL A 40 0.99 2.64 -3.00
CA VAL A 40 1.46 1.80 -4.08
C VAL A 40 2.54 0.82 -3.59
N PHE A 41 2.34 -0.45 -3.88
CA PHE A 41 3.30 -1.47 -3.47
C PHE A 41 3.83 -2.25 -4.68
N CYS A 42 4.73 -3.19 -4.43
CA CYS A 42 5.32 -3.99 -5.50
C CYS A 42 4.44 -5.20 -5.82
N MET A 43 4.72 -5.85 -6.93
CA MET A 43 3.95 -7.01 -7.35
C MET A 43 3.93 -8.07 -6.25
N LEU A 44 4.80 -7.90 -5.26
CA LEU A 44 4.87 -8.84 -4.14
C LEU A 44 4.03 -8.36 -2.96
N HIS A 45 3.94 -7.04 -2.81
CA HIS A 45 3.16 -6.45 -1.73
C HIS A 45 1.96 -5.70 -2.28
N ARG A 46 1.64 -5.93 -3.55
CA ARG A 46 0.52 -5.27 -4.19
C ARG A 46 -0.81 -5.67 -3.53
N LEU A 47 -0.88 -6.92 -3.08
CA LEU A 47 -2.08 -7.43 -2.42
C LEU A 47 -2.36 -6.67 -1.13
N PRO A 48 -3.63 -6.60 -0.74
CA PRO A 48 -4.06 -5.92 0.48
C PRO A 48 -3.61 -6.65 1.74
N GLU A 49 -3.87 -7.96 1.78
CA GLU A 49 -3.49 -8.77 2.93
C GLU A 49 -1.99 -8.68 3.20
N GLN A 50 -1.23 -8.39 2.15
CA GLN A 50 0.23 -8.28 2.28
C GLN A 50 0.60 -7.08 3.14
N HIS A 51 -0.12 -5.97 2.96
CA HIS A 51 0.14 -4.76 3.72
C HIS A 51 -1.03 -4.45 4.66
N ASP A 52 -1.63 -5.50 5.20
CA ASP A 52 -2.76 -5.33 6.11
C ASP A 52 -3.61 -4.13 5.72
N CYS A 53 -3.91 -4.02 4.44
CA CYS A 53 -4.71 -2.91 3.93
C CYS A 53 -5.79 -2.52 4.94
N THR A 54 -6.04 -1.21 5.06
CA THR A 54 -7.04 -0.71 5.98
C THR A 54 -8.41 -0.64 5.32
N PHE A 55 -8.42 -0.39 4.02
CA PHE A 55 -9.67 -0.28 3.26
C PHE A 55 -10.56 -1.49 3.54
N ASP A 56 -11.82 -1.39 3.11
CA ASP A 56 -12.77 -2.47 3.31
C ASP A 56 -12.91 -3.31 2.05
N HIS A 57 -12.81 -2.66 0.90
CA HIS A 57 -12.93 -3.34 -0.38
C HIS A 57 -14.32 -3.94 -0.55
N MET A 58 -15.34 -3.15 -0.21
CA MET A 58 -16.72 -3.61 -0.33
C MET A 58 -16.99 -4.17 -1.72
N GLY A 59 -18.14 -4.81 -1.88
CA GLY A 59 -18.51 -5.40 -3.16
C GLY A 59 -18.78 -6.88 -3.07
N ARG A 60 -17.73 -7.67 -2.86
CA ARG A 60 -17.85 -9.12 -2.75
C ARG A 60 -16.88 -9.67 -1.71
N GLY A 61 -17.42 -10.17 -0.61
CA GLY A 61 -16.59 -10.73 0.44
C GLY A 61 -17.27 -11.85 1.19
N SER A 62 -18.09 -11.49 2.17
CA SER A 62 -18.81 -12.48 2.97
C SER A 62 -17.84 -13.54 3.51
N GLY A 63 -16.69 -13.09 3.98
CA GLY A 63 -15.71 -14.02 4.52
C GLY A 63 -15.03 -14.84 3.44
N PRO A 64 -13.82 -14.43 3.03
CA PRO A 64 -13.06 -15.13 1.99
C PRO A 64 -12.54 -16.48 2.46
N SER A 65 -13.36 -17.51 2.28
CA SER A 65 -12.99 -18.86 2.69
C SER A 65 -11.67 -19.28 2.06
N SER A 66 -11.52 -19.00 0.77
CA SER A 66 -10.30 -19.34 0.05
C SER A 66 -9.22 -18.29 0.27
N GLY A 67 -8.34 -18.57 1.23
CA GLY A 67 -7.26 -17.65 1.53
C GLY A 67 -6.19 -18.26 2.41
ZN ZN B . 7.05 -4.25 -1.69
ZN ZN C . -4.45 -1.13 0.33
N GLY A 1 8.00 13.54 25.22
CA GLY A 1 7.36 12.30 25.62
C GLY A 1 8.22 11.08 25.31
N SER A 2 8.66 10.98 24.06
CA SER A 2 9.50 9.85 23.64
C SER A 2 8.76 8.53 23.86
N SER A 3 7.48 8.50 23.49
CA SER A 3 6.67 7.30 23.66
C SER A 3 6.74 6.43 22.41
N GLY A 4 6.47 7.05 21.26
CA GLY A 4 6.50 6.31 20.00
C GLY A 4 5.19 6.41 19.24
N SER A 5 5.20 5.94 18.00
CA SER A 5 4.00 5.99 17.15
C SER A 5 3.53 4.58 16.82
N SER A 6 2.31 4.49 16.29
CA SER A 6 1.73 3.20 15.93
C SER A 6 1.46 3.13 14.42
N GLY A 7 0.80 4.17 13.91
CA GLY A 7 0.49 4.22 12.48
C GLY A 7 1.68 4.63 11.64
N SER A 8 1.48 4.68 10.33
CA SER A 8 2.55 5.06 9.41
C SER A 8 2.40 6.51 8.97
N ARG A 9 3.16 7.40 9.60
CA ARG A 9 3.11 8.82 9.28
C ARG A 9 4.13 9.16 8.20
N SER A 10 3.64 9.53 7.02
CA SER A 10 4.51 9.88 5.91
C SER A 10 5.54 8.78 5.65
N LYS A 11 5.05 7.55 5.54
CA LYS A 11 5.92 6.40 5.29
C LYS A 11 6.33 6.34 3.82
N GLN A 12 5.36 6.56 2.93
CA GLN A 12 5.63 6.53 1.50
C GLN A 12 6.39 7.78 1.06
N LYS A 13 7.62 7.59 0.60
CA LYS A 13 8.45 8.70 0.14
C LYS A 13 8.23 8.97 -1.34
N SER A 14 8.02 7.91 -2.11
CA SER A 14 7.80 8.02 -3.54
C SER A 14 7.10 6.79 -4.09
N ARG A 15 5.99 7.00 -4.80
CA ARG A 15 5.22 5.91 -5.37
C ARG A 15 6.13 4.96 -6.14
N ARG A 16 6.88 5.51 -7.09
CA ARG A 16 7.79 4.70 -7.89
C ARG A 16 8.35 3.54 -7.09
N ARG A 17 8.59 3.78 -5.80
CA ARG A 17 9.14 2.75 -4.91
C ARG A 17 8.07 2.27 -3.94
N CYS A 18 8.03 0.96 -3.72
CA CYS A 18 7.07 0.37 -2.80
C CYS A 18 6.97 1.18 -1.51
N PHE A 19 5.93 0.92 -0.72
CA PHE A 19 5.73 1.62 0.53
C PHE A 19 6.19 0.77 1.72
N GLN A 20 6.61 -0.46 1.43
CA GLN A 20 7.07 -1.37 2.46
C GLN A 20 8.53 -1.78 2.22
N CYS A 21 8.86 -2.04 0.96
CA CYS A 21 10.21 -2.44 0.59
C CYS A 21 10.90 -1.35 -0.22
N GLN A 22 10.14 -0.33 -0.60
CA GLN A 22 10.68 0.78 -1.37
C GLN A 22 11.44 0.28 -2.58
N THR A 23 10.85 -0.68 -3.30
CA THR A 23 11.48 -1.24 -4.48
C THR A 23 11.00 -0.54 -5.75
N LYS A 24 11.94 -0.30 -6.67
CA LYS A 24 11.62 0.37 -7.93
C LYS A 24 10.46 -0.33 -8.64
N LEU A 25 9.44 0.44 -8.98
CA LEU A 25 8.27 -0.09 -9.67
C LEU A 25 8.21 0.39 -11.12
N GLU A 26 8.23 -0.56 -12.04
CA GLU A 26 8.18 -0.23 -13.47
C GLU A 26 6.99 0.68 -13.78
N LEU A 27 7.19 1.58 -14.73
CA LEU A 27 6.13 2.52 -15.12
C LEU A 27 4.76 1.84 -15.08
N VAL A 28 4.71 0.59 -15.54
CA VAL A 28 3.46 -0.16 -15.56
C VAL A 28 3.10 -0.64 -14.16
N GLN A 29 4.11 -1.05 -13.40
CA GLN A 29 3.89 -1.53 -12.04
C GLN A 29 3.20 -0.48 -11.19
N GLN A 30 3.85 0.68 -11.04
CA GLN A 30 3.30 1.77 -10.25
C GLN A 30 1.78 1.81 -10.35
N GLU A 31 1.26 1.47 -11.53
CA GLU A 31 -0.17 1.46 -11.77
C GLU A 31 -0.82 0.21 -11.17
N LEU A 32 -0.26 -0.95 -11.51
CA LEU A 32 -0.79 -2.22 -11.00
C LEU A 32 -0.65 -2.30 -9.49
N GLY A 33 0.59 -2.35 -9.02
CA GLY A 33 0.84 -2.42 -7.59
C GLY A 33 -0.07 -1.51 -6.79
N SER A 34 -0.31 -0.31 -7.32
CA SER A 34 -1.17 0.66 -6.65
C SER A 34 -2.32 -0.03 -5.95
N CYS A 35 -2.81 0.59 -4.88
CA CYS A 35 -3.93 0.04 -4.11
C CYS A 35 -5.06 1.06 -3.98
N ARG A 36 -6.14 0.65 -3.32
CA ARG A 36 -7.28 1.53 -3.13
C ARG A 36 -7.11 2.40 -1.90
N CYS A 37 -6.52 1.82 -0.85
CA CYS A 37 -6.29 2.55 0.39
C CYS A 37 -5.63 3.90 0.12
N GLY A 38 -4.63 3.90 -0.76
CA GLY A 38 -3.94 5.13 -1.09
C GLY A 38 -2.43 4.98 -1.06
N TYR A 39 -1.96 3.75 -1.26
CA TYR A 39 -0.53 3.46 -1.27
C TYR A 39 -0.15 2.54 -2.41
N VAL A 40 1.08 2.66 -2.89
CA VAL A 40 1.56 1.84 -3.99
C VAL A 40 2.61 0.85 -3.50
N PHE A 41 2.41 -0.43 -3.83
CA PHE A 41 3.33 -1.48 -3.42
C PHE A 41 3.81 -2.27 -4.63
N CYS A 42 4.78 -3.16 -4.40
CA CYS A 42 5.33 -3.99 -5.47
C CYS A 42 4.43 -5.19 -5.74
N MET A 43 4.82 -6.00 -6.73
CA MET A 43 4.05 -7.18 -7.09
C MET A 43 4.05 -8.20 -5.95
N LEU A 44 4.82 -7.92 -4.91
CA LEU A 44 4.91 -8.80 -3.76
C LEU A 44 4.08 -8.27 -2.59
N HIS A 45 3.92 -6.96 -2.54
CA HIS A 45 3.15 -6.31 -1.48
C HIS A 45 1.94 -5.58 -2.07
N ARG A 46 1.60 -5.90 -3.31
CA ARG A 46 0.46 -5.27 -3.97
C ARG A 46 -0.85 -5.73 -3.35
N LEU A 47 -0.88 -6.98 -2.89
CA LEU A 47 -2.08 -7.53 -2.27
C LEU A 47 -2.41 -6.82 -0.97
N PRO A 48 -3.70 -6.79 -0.62
CA PRO A 48 -4.18 -6.14 0.61
C PRO A 48 -3.74 -6.89 1.87
N GLU A 49 -3.98 -8.20 1.88
CA GLU A 49 -3.61 -9.03 3.02
C GLU A 49 -2.12 -8.91 3.33
N GLN A 50 -1.34 -8.56 2.32
CA GLN A 50 0.10 -8.41 2.47
C GLN A 50 0.43 -7.20 3.35
N HIS A 51 -0.28 -6.10 3.11
CA HIS A 51 -0.07 -4.88 3.88
C HIS A 51 -1.28 -4.57 4.76
N ASP A 52 -1.92 -5.62 5.26
CA ASP A 52 -3.09 -5.46 6.12
C ASP A 52 -3.91 -4.24 5.71
N CYS A 53 -4.13 -4.10 4.40
CA CYS A 53 -4.89 -2.98 3.86
C CYS A 53 -6.03 -2.60 4.82
N THR A 54 -6.21 -1.29 5.01
CA THR A 54 -7.26 -0.80 5.89
C THR A 54 -8.60 -0.74 5.17
N PHE A 55 -8.56 -0.50 3.87
CA PHE A 55 -9.77 -0.42 3.07
C PHE A 55 -10.62 -1.67 3.24
N ASP A 56 -11.88 -1.59 2.82
CA ASP A 56 -12.79 -2.72 2.92
C ASP A 56 -13.18 -3.24 1.53
N HIS A 57 -12.18 -3.48 0.70
CA HIS A 57 -12.41 -3.97 -0.66
C HIS A 57 -12.24 -5.48 -0.71
N MET A 58 -11.35 -6.01 0.11
CA MET A 58 -11.09 -7.44 0.17
C MET A 58 -12.40 -8.23 0.12
N GLY A 59 -12.60 -8.99 -0.95
CA GLY A 59 -13.81 -9.78 -1.09
C GLY A 59 -13.68 -11.16 -0.46
N ARG A 60 -14.73 -11.96 -0.58
CA ARG A 60 -14.73 -13.30 -0.01
C ARG A 60 -13.56 -14.12 -0.55
N GLY A 61 -12.53 -14.28 0.29
CA GLY A 61 -11.36 -15.04 -0.12
C GLY A 61 -11.43 -16.49 0.30
N SER A 62 -10.70 -17.35 -0.40
CA SER A 62 -10.69 -18.77 -0.09
C SER A 62 -9.26 -19.29 0.08
N GLY A 63 -8.90 -19.60 1.32
CA GLY A 63 -7.56 -20.09 1.59
C GLY A 63 -7.47 -20.86 2.89
N PRO A 64 -6.29 -20.86 3.51
CA PRO A 64 -6.06 -21.57 4.78
C PRO A 64 -6.78 -20.90 5.95
N SER A 65 -8.02 -21.31 6.18
CA SER A 65 -8.82 -20.75 7.27
C SER A 65 -8.42 -21.36 8.61
N SER A 66 -8.42 -22.69 8.67
CA SER A 66 -8.06 -23.40 9.89
C SER A 66 -6.59 -23.19 10.22
N GLY A 67 -6.32 -22.39 11.25
CA GLY A 67 -4.95 -22.14 11.65
C GLY A 67 -4.56 -20.67 11.48
ZN ZN B . 7.05 -4.19 -1.62
ZN ZN C . -4.37 -1.19 0.29
N GLY A 1 10.83 30.90 9.56
CA GLY A 1 10.36 29.56 9.23
C GLY A 1 9.27 29.09 10.18
N SER A 2 8.23 28.48 9.63
CA SER A 2 7.12 27.98 10.43
C SER A 2 6.84 26.51 10.12
N SER A 3 7.33 25.62 10.98
CA SER A 3 7.14 24.19 10.79
C SER A 3 7.11 23.47 12.15
N GLY A 4 6.09 22.64 12.34
CA GLY A 4 5.97 21.89 13.58
C GLY A 4 5.75 20.41 13.36
N SER A 5 5.67 19.66 14.44
CA SER A 5 5.47 18.22 14.36
C SER A 5 4.49 17.74 15.43
N SER A 6 3.41 17.10 14.99
CA SER A 6 2.39 16.60 15.91
C SER A 6 2.66 15.15 16.28
N GLY A 7 2.84 14.31 15.26
CA GLY A 7 3.11 12.90 15.49
C GLY A 7 2.61 12.02 14.37
N SER A 8 3.09 12.29 13.15
CA SER A 8 2.68 11.52 11.99
C SER A 8 3.55 11.86 10.79
N ARG A 9 4.18 10.84 10.20
CA ARG A 9 5.05 11.03 9.04
C ARG A 9 4.66 10.07 7.92
N SER A 10 4.31 10.64 6.77
CA SER A 10 3.92 9.83 5.61
C SER A 10 5.11 9.04 5.08
N LYS A 11 5.06 7.72 5.25
CA LYS A 11 6.13 6.86 4.78
C LYS A 11 6.29 6.96 3.26
N GLN A 12 5.17 6.91 2.55
CA GLN A 12 5.20 6.99 1.09
C GLN A 12 5.83 8.30 0.63
N LYS A 13 7.02 8.20 0.04
CA LYS A 13 7.73 9.37 -0.44
C LYS A 13 7.37 9.67 -1.88
N SER A 14 7.42 8.66 -2.74
CA SER A 14 7.09 8.81 -4.15
C SER A 14 6.34 7.60 -4.68
N ARG A 15 5.55 7.80 -5.72
CA ARG A 15 4.77 6.72 -6.32
C ARG A 15 5.62 5.94 -7.32
N ARG A 16 6.88 5.72 -6.98
CA ARG A 16 7.79 4.98 -7.85
C ARG A 16 8.31 3.73 -7.14
N ARG A 17 8.60 3.86 -5.85
CA ARG A 17 9.11 2.74 -5.07
C ARG A 17 8.07 2.27 -4.06
N CYS A 18 8.03 0.96 -3.83
CA CYS A 18 7.08 0.37 -2.89
C CYS A 18 6.98 1.22 -1.62
N PHE A 19 5.96 0.96 -0.81
CA PHE A 19 5.76 1.69 0.44
C PHE A 19 6.20 0.85 1.64
N GLN A 20 6.57 -0.40 1.37
CA GLN A 20 6.99 -1.30 2.43
C GLN A 20 8.45 -1.71 2.24
N CYS A 21 8.81 -2.01 0.99
CA CYS A 21 10.18 -2.41 0.67
C CYS A 21 10.88 -1.33 -0.15
N GLN A 22 10.14 -0.31 -0.55
CA GLN A 22 10.69 0.78 -1.34
C GLN A 22 11.48 0.25 -2.53
N THR A 23 10.91 -0.73 -3.23
CA THR A 23 11.57 -1.32 -4.39
C THR A 23 11.15 -0.62 -5.68
N LYS A 24 12.07 -0.54 -6.62
CA LYS A 24 11.80 0.10 -7.91
C LYS A 24 10.59 -0.53 -8.59
N LEU A 25 9.56 0.27 -8.81
CA LEU A 25 8.33 -0.21 -9.45
C LEU A 25 8.27 0.26 -10.90
N GLU A 26 8.27 -0.69 -11.83
CA GLU A 26 8.20 -0.38 -13.25
C GLU A 26 6.91 0.37 -13.58
N LEU A 27 6.92 1.11 -14.67
CA LEU A 27 5.75 1.87 -15.10
C LEU A 27 4.48 1.05 -14.92
N VAL A 28 4.53 -0.22 -15.35
CA VAL A 28 3.38 -1.10 -15.24
C VAL A 28 3.02 -1.35 -13.77
N GLN A 29 4.04 -1.40 -12.92
CA GLN A 29 3.84 -1.63 -11.49
C GLN A 29 3.21 -0.41 -10.83
N GLN A 30 3.95 0.69 -10.82
CA GLN A 30 3.46 1.92 -10.20
C GLN A 30 1.96 2.06 -10.37
N GLU A 31 1.45 1.59 -11.50
CA GLU A 31 0.02 1.65 -11.79
C GLU A 31 -0.71 0.45 -11.19
N LEU A 32 -0.23 -0.74 -11.50
CA LEU A 32 -0.83 -1.97 -10.98
C LEU A 32 -0.68 -2.07 -9.47
N GLY A 33 0.57 -2.16 -9.01
CA GLY A 33 0.82 -2.24 -7.59
C GLY A 33 -0.08 -1.36 -6.77
N SER A 34 -0.37 -0.16 -7.29
CA SER A 34 -1.21 0.80 -6.61
C SER A 34 -2.36 0.09 -5.89
N CYS A 35 -2.80 0.66 -4.77
CA CYS A 35 -3.89 0.08 -4.00
C CYS A 35 -5.05 1.07 -3.88
N ARG A 36 -6.09 0.65 -3.17
CA ARG A 36 -7.28 1.49 -2.98
C ARG A 36 -7.11 2.38 -1.75
N CYS A 37 -6.50 1.84 -0.71
CA CYS A 37 -6.28 2.58 0.53
C CYS A 37 -5.65 3.94 0.24
N GLY A 38 -4.65 3.95 -0.64
CA GLY A 38 -3.98 5.19 -0.99
C GLY A 38 -2.47 5.04 -0.99
N TYR A 39 -1.99 3.83 -1.22
CA TYR A 39 -0.56 3.56 -1.26
C TYR A 39 -0.20 2.63 -2.40
N VAL A 40 1.04 2.71 -2.86
CA VAL A 40 1.51 1.87 -3.96
C VAL A 40 2.57 0.88 -3.48
N PHE A 41 2.40 -0.38 -3.83
CA PHE A 41 3.35 -1.43 -3.43
C PHE A 41 3.85 -2.19 -4.65
N CYS A 42 4.78 -3.11 -4.42
CA CYS A 42 5.35 -3.91 -5.50
C CYS A 42 4.45 -5.10 -5.81
N MET A 43 4.88 -5.93 -6.75
CA MET A 43 4.11 -7.11 -7.15
C MET A 43 4.05 -8.12 -6.02
N LEU A 44 4.83 -7.88 -4.97
CA LEU A 44 4.84 -8.78 -3.81
C LEU A 44 4.04 -8.20 -2.66
N HIS A 45 3.88 -6.89 -2.66
CA HIS A 45 3.13 -6.20 -1.62
C HIS A 45 1.93 -5.45 -2.20
N ARG A 46 1.60 -5.77 -3.45
CA ARG A 46 0.47 -5.13 -4.13
C ARG A 46 -0.85 -5.56 -3.51
N LEU A 47 -0.91 -6.81 -3.07
CA LEU A 47 -2.13 -7.36 -2.47
C LEU A 47 -2.42 -6.66 -1.14
N PRO A 48 -3.71 -6.62 -0.77
CA PRO A 48 -4.15 -6.01 0.48
C PRO A 48 -3.73 -6.80 1.71
N GLU A 49 -4.03 -8.10 1.69
CA GLU A 49 -3.68 -8.98 2.80
C GLU A 49 -2.19 -8.88 3.13
N GLN A 50 -1.38 -8.60 2.11
CA GLN A 50 0.06 -8.48 2.29
C GLN A 50 0.39 -7.33 3.23
N HIS A 51 -0.23 -6.19 3.00
CA HIS A 51 0.00 -5.00 3.83
C HIS A 51 -1.20 -4.73 4.73
N ASP A 52 -1.85 -5.80 5.19
CA ASP A 52 -3.01 -5.66 6.06
C ASP A 52 -3.82 -4.42 5.70
N CYS A 53 -4.05 -4.22 4.41
CA CYS A 53 -4.80 -3.07 3.93
C CYS A 53 -5.95 -2.74 4.89
N THR A 54 -6.18 -1.44 5.09
CA THR A 54 -7.23 -0.99 5.98
C THR A 54 -8.58 -0.93 5.26
N PHE A 55 -8.54 -0.63 3.96
CA PHE A 55 -9.74 -0.54 3.16
C PHE A 55 -10.56 -1.83 3.24
N ASP A 56 -11.79 -1.77 2.76
CA ASP A 56 -12.67 -2.95 2.78
C ASP A 56 -13.19 -3.25 1.38
N HIS A 57 -12.42 -4.03 0.63
CA HIS A 57 -12.80 -4.41 -0.73
C HIS A 57 -14.23 -4.94 -0.77
N MET A 58 -14.59 -5.71 0.25
CA MET A 58 -15.93 -6.29 0.33
C MET A 58 -16.94 -5.23 0.74
N GLY A 59 -16.73 -4.60 1.88
CA GLY A 59 -17.63 -3.57 2.35
C GLY A 59 -18.87 -4.15 2.99
N ARG A 60 -19.52 -3.37 3.85
CA ARG A 60 -20.72 -3.82 4.54
C ARG A 60 -21.96 -3.59 3.67
N GLY A 61 -23.04 -4.26 4.01
CA GLY A 61 -24.28 -4.12 3.25
C GLY A 61 -25.12 -5.39 3.27
N SER A 62 -26.44 -5.21 3.29
CA SER A 62 -27.35 -6.35 3.31
C SER A 62 -27.15 -7.19 4.57
N GLY A 63 -26.97 -6.51 5.70
CA GLY A 63 -26.76 -7.21 6.96
C GLY A 63 -25.35 -7.04 7.49
N PRO A 64 -25.22 -7.04 8.83
CA PRO A 64 -23.92 -6.88 9.49
C PRO A 64 -23.01 -8.11 9.29
N SER A 65 -21.86 -7.88 8.68
CA SER A 65 -20.91 -8.96 8.43
C SER A 65 -20.64 -9.75 9.71
N SER A 66 -20.10 -9.07 10.71
CA SER A 66 -19.78 -9.71 11.99
C SER A 66 -20.67 -9.15 13.10
N GLY A 67 -20.71 -9.87 14.23
CA GLY A 67 -21.51 -9.44 15.35
C GLY A 67 -21.95 -10.60 16.23
ZN ZN B . 7.15 -4.18 -1.69
ZN ZN C . -4.29 -1.11 0.42
N GLY A 1 11.96 0.50 32.47
CA GLY A 1 11.11 1.33 31.64
C GLY A 1 11.45 1.23 30.17
N SER A 2 10.60 1.81 29.33
CA SER A 2 10.81 1.77 27.87
C SER A 2 9.85 2.71 27.17
N SER A 3 10.39 3.52 26.26
CA SER A 3 9.58 4.48 25.50
C SER A 3 9.53 4.10 24.02
N GLY A 4 8.40 4.37 23.38
CA GLY A 4 8.25 4.06 21.98
C GLY A 4 7.19 4.91 21.31
N SER A 5 7.62 5.96 20.62
CA SER A 5 6.70 6.86 19.93
C SER A 5 6.47 6.40 18.49
N SER A 6 5.24 6.03 18.19
CA SER A 6 4.89 5.57 16.84
C SER A 6 3.61 6.26 16.36
N GLY A 7 3.71 6.93 15.21
CA GLY A 7 2.57 7.63 14.65
C GLY A 7 2.92 8.47 13.44
N SER A 8 4.00 9.22 13.56
CA SER A 8 4.45 10.08 12.46
C SER A 8 5.39 9.33 11.53
N ARG A 9 4.83 8.77 10.47
CA ARG A 9 5.62 8.02 9.49
C ARG A 9 5.27 8.44 8.07
N SER A 10 6.13 9.23 7.45
CA SER A 10 5.91 9.70 6.09
C SER A 10 6.52 8.75 5.08
N LYS A 11 5.71 7.80 4.60
CA LYS A 11 6.17 6.82 3.63
C LYS A 11 5.56 7.08 2.26
N GLN A 12 6.07 6.39 1.24
CA GLN A 12 5.57 6.56 -0.12
C GLN A 12 6.03 7.88 -0.71
N LYS A 13 7.30 8.21 -0.50
CA LYS A 13 7.86 9.44 -1.02
C LYS A 13 7.41 9.69 -2.45
N SER A 14 7.31 8.62 -3.24
CA SER A 14 6.89 8.72 -4.63
C SER A 14 6.21 7.43 -5.09
N ARG A 15 5.45 7.52 -6.18
CA ARG A 15 4.76 6.37 -6.73
C ARG A 15 5.68 5.55 -7.61
N ARG A 16 6.95 5.41 -7.19
CA ARG A 16 7.93 4.65 -7.95
C ARG A 16 8.47 3.50 -7.13
N ARG A 17 8.69 3.75 -5.84
CA ARG A 17 9.22 2.72 -4.94
C ARG A 17 8.14 2.25 -3.97
N CYS A 18 8.06 0.94 -3.77
CA CYS A 18 7.08 0.36 -2.85
C CYS A 18 6.98 1.19 -1.57
N PHE A 19 5.93 0.93 -0.80
CA PHE A 19 5.72 1.64 0.46
C PHE A 19 6.16 0.79 1.65
N GLN A 20 6.60 -0.43 1.37
CA GLN A 20 7.05 -1.34 2.41
C GLN A 20 8.50 -1.75 2.18
N CYS A 21 8.86 -2.02 0.94
CA CYS A 21 10.22 -2.41 0.59
C CYS A 21 10.91 -1.33 -0.24
N GLN A 22 10.15 -0.31 -0.62
CA GLN A 22 10.69 0.78 -1.41
C GLN A 22 11.46 0.26 -2.62
N THR A 23 10.91 -0.76 -3.26
CA THR A 23 11.55 -1.36 -4.43
C THR A 23 11.12 -0.65 -5.71
N LYS A 24 12.07 -0.47 -6.62
CA LYS A 24 11.79 0.18 -7.90
C LYS A 24 10.61 -0.47 -8.60
N LEU A 25 9.62 0.34 -8.94
CA LEU A 25 8.41 -0.15 -9.62
C LEU A 25 8.39 0.31 -11.07
N GLU A 26 8.16 -0.64 -11.98
CA GLU A 26 8.10 -0.33 -13.40
C GLU A 26 6.84 0.47 -13.74
N LEU A 27 6.91 1.23 -14.82
CA LEU A 27 5.78 2.05 -15.25
C LEU A 27 4.46 1.29 -15.07
N VAL A 28 4.49 0.00 -15.38
CA VAL A 28 3.30 -0.84 -15.25
C VAL A 28 2.94 -1.05 -13.79
N GLN A 29 3.94 -1.38 -12.98
CA GLN A 29 3.73 -1.62 -11.56
C GLN A 29 3.13 -0.38 -10.89
N GLN A 30 3.87 0.71 -10.89
CA GLN A 30 3.41 1.96 -10.28
C GLN A 30 1.91 2.12 -10.46
N GLU A 31 1.39 1.61 -11.57
CA GLU A 31 -0.04 1.70 -11.86
C GLU A 31 -0.79 0.50 -11.30
N LEU A 32 -0.26 -0.69 -11.55
CA LEU A 32 -0.87 -1.92 -11.07
C LEU A 32 -0.71 -2.06 -9.56
N GLY A 33 0.55 -2.23 -9.12
CA GLY A 33 0.82 -2.38 -7.71
C GLY A 33 -0.04 -1.46 -6.86
N SER A 34 -0.36 -0.28 -7.39
CA SER A 34 -1.17 0.69 -6.66
C SER A 34 -2.34 0.00 -5.96
N CYS A 35 -2.79 0.60 -4.85
CA CYS A 35 -3.89 0.04 -4.09
C CYS A 35 -5.04 1.05 -3.98
N ARG A 36 -6.11 0.64 -3.31
CA ARG A 36 -7.27 1.51 -3.14
C ARG A 36 -7.13 2.35 -1.88
N CYS A 37 -6.56 1.77 -0.82
CA CYS A 37 -6.38 2.46 0.44
C CYS A 37 -5.73 3.83 0.22
N GLY A 38 -4.70 3.87 -0.62
CA GLY A 38 -4.01 5.11 -0.90
C GLY A 38 -2.51 4.96 -0.87
N TYR A 39 -2.03 3.75 -1.16
CA TYR A 39 -0.59 3.48 -1.16
C TYR A 39 -0.22 2.55 -2.31
N VAL A 40 1.00 2.72 -2.83
CA VAL A 40 1.48 1.89 -3.94
C VAL A 40 2.54 0.92 -3.45
N PHE A 41 2.39 -0.35 -3.82
CA PHE A 41 3.34 -1.38 -3.44
C PHE A 41 3.84 -2.15 -4.65
N CYS A 42 4.74 -3.09 -4.43
CA CYS A 42 5.30 -3.90 -5.51
C CYS A 42 4.43 -5.12 -5.78
N MET A 43 4.86 -5.95 -6.72
CA MET A 43 4.11 -7.15 -7.07
C MET A 43 4.13 -8.15 -5.93
N LEU A 44 4.89 -7.84 -4.88
CA LEU A 44 4.99 -8.72 -3.72
C LEU A 44 4.15 -8.19 -2.56
N HIS A 45 3.94 -6.88 -2.54
CA HIS A 45 3.15 -6.24 -1.50
C HIS A 45 1.95 -5.51 -2.09
N ARG A 46 1.63 -5.83 -3.34
CA ARG A 46 0.50 -5.20 -4.01
C ARG A 46 -0.83 -5.66 -3.42
N LEU A 47 -0.85 -6.89 -2.92
CA LEU A 47 -2.05 -7.46 -2.32
C LEU A 47 -2.38 -6.76 -1.01
N PRO A 48 -3.68 -6.73 -0.66
CA PRO A 48 -4.15 -6.10 0.57
C PRO A 48 -3.74 -6.89 1.81
N GLU A 49 -3.96 -8.20 1.78
CA GLU A 49 -3.61 -9.06 2.90
C GLU A 49 -2.13 -8.95 3.23
N GLN A 50 -1.34 -8.55 2.24
CA GLN A 50 0.10 -8.41 2.43
C GLN A 50 0.42 -7.23 3.35
N HIS A 51 -0.27 -6.11 3.12
CA HIS A 51 -0.05 -4.91 3.93
C HIS A 51 -1.26 -4.63 4.80
N ASP A 52 -1.92 -5.69 5.25
CA ASP A 52 -3.10 -5.56 6.11
C ASP A 52 -3.91 -4.33 5.71
N CYS A 53 -4.15 -4.17 4.41
CA CYS A 53 -4.91 -3.03 3.91
C CYS A 53 -6.07 -2.71 4.84
N THR A 54 -6.32 -1.41 5.02
CA THR A 54 -7.40 -0.96 5.89
C THR A 54 -8.74 -0.95 5.15
N PHE A 55 -8.67 -0.73 3.84
CA PHE A 55 -9.87 -0.68 3.01
C PHE A 55 -10.64 -2.00 3.10
N ASP A 56 -11.82 -2.03 2.50
CA ASP A 56 -12.66 -3.22 2.52
C ASP A 56 -13.05 -3.63 1.09
N HIS A 57 -12.15 -4.32 0.41
CA HIS A 57 -12.39 -4.77 -0.95
C HIS A 57 -13.67 -5.60 -1.03
N MET A 58 -14.41 -5.45 -2.12
CA MET A 58 -15.65 -6.19 -2.31
C MET A 58 -15.48 -7.27 -3.38
N GLY A 59 -16.41 -8.23 -3.40
CA GLY A 59 -16.35 -9.30 -4.37
C GLY A 59 -17.57 -10.20 -4.32
N ARG A 60 -18.10 -10.40 -3.13
CA ARG A 60 -19.28 -11.24 -2.96
C ARG A 60 -19.25 -12.42 -3.93
N GLY A 61 -18.10 -13.06 -4.04
CA GLY A 61 -17.96 -14.20 -4.93
C GLY A 61 -16.90 -15.17 -4.46
N SER A 62 -15.73 -14.65 -4.11
CA SER A 62 -14.63 -15.49 -3.65
C SER A 62 -14.76 -15.79 -2.16
N GLY A 63 -13.87 -16.65 -1.66
CA GLY A 63 -13.89 -17.01 -0.26
C GLY A 63 -12.67 -16.53 0.50
N PRO A 64 -12.75 -16.52 1.83
CA PRO A 64 -11.64 -16.08 2.68
C PRO A 64 -10.47 -17.06 2.67
N SER A 65 -10.62 -18.14 1.89
CA SER A 65 -9.58 -19.15 1.80
C SER A 65 -8.76 -18.96 0.52
N SER A 66 -7.50 -18.57 0.69
CA SER A 66 -6.62 -18.34 -0.46
C SER A 66 -5.15 -18.36 -0.02
N GLY A 67 -4.25 -18.47 -0.99
CA GLY A 67 -2.84 -18.50 -0.68
C GLY A 67 -2.02 -19.17 -1.78
ZN ZN B . 7.06 -4.20 -1.67
ZN ZN C . -4.31 -1.22 0.31
N GLY A 1 11.94 24.00 21.29
CA GLY A 1 11.99 22.90 20.35
C GLY A 1 10.64 22.63 19.71
N SER A 2 10.57 21.58 18.89
CA SER A 2 9.33 21.23 18.21
C SER A 2 8.74 19.94 18.78
N SER A 3 7.79 20.08 19.68
CA SER A 3 7.15 18.92 20.30
C SER A 3 5.72 19.25 20.71
N GLY A 4 4.81 18.30 20.49
CA GLY A 4 3.42 18.51 20.83
C GLY A 4 2.52 18.58 19.62
N SER A 5 2.67 19.63 18.84
CA SER A 5 1.85 19.81 17.64
C SER A 5 2.39 18.98 16.48
N SER A 6 1.58 18.04 16.00
CA SER A 6 1.98 17.17 14.90
C SER A 6 0.97 17.23 13.77
N GLY A 7 1.47 17.23 12.54
CA GLY A 7 0.60 17.29 11.38
C GLY A 7 0.09 15.93 10.97
N SER A 8 0.72 15.34 9.96
CA SER A 8 0.32 14.02 9.47
C SER A 8 1.54 13.20 9.05
N ARG A 9 1.84 12.16 9.82
CA ARG A 9 2.98 11.30 9.52
C ARG A 9 2.72 10.46 8.28
N SER A 10 3.78 10.13 7.56
CA SER A 10 3.67 9.33 6.35
C SER A 10 4.91 8.45 6.16
N LYS A 11 4.72 7.30 5.53
CA LYS A 11 5.83 6.37 5.28
C LYS A 11 6.33 6.50 3.85
N GLN A 12 5.48 6.16 2.89
CA GLN A 12 5.84 6.23 1.48
C GLN A 12 6.16 7.67 1.08
N LYS A 13 7.24 7.83 0.31
CA LYS A 13 7.65 9.16 -0.14
C LYS A 13 7.35 9.34 -1.62
N SER A 14 7.46 8.25 -2.38
CA SER A 14 7.20 8.30 -3.82
C SER A 14 6.63 6.97 -4.31
N ARG A 15 5.41 7.02 -4.84
CA ARG A 15 4.76 5.82 -5.35
C ARG A 15 5.72 4.97 -6.16
N ARG A 16 6.60 5.64 -6.90
CA ARG A 16 7.58 4.94 -7.73
C ARG A 16 8.16 3.73 -6.99
N ARG A 17 8.32 3.87 -5.68
CA ARG A 17 8.85 2.78 -4.86
C ARG A 17 7.79 2.23 -3.92
N CYS A 18 7.91 0.95 -3.58
CA CYS A 18 6.96 0.30 -2.69
C CYS A 18 6.84 1.07 -1.37
N PHE A 19 5.79 0.76 -0.61
CA PHE A 19 5.55 1.42 0.67
C PHE A 19 6.00 0.53 1.83
N GLN A 20 6.50 -0.66 1.50
CA GLN A 20 6.94 -1.60 2.51
C GLN A 20 8.42 -1.96 2.30
N CYS A 21 8.79 -2.18 1.03
CA CYS A 21 10.16 -2.52 0.70
C CYS A 21 10.83 -1.41 -0.10
N GLN A 22 10.04 -0.41 -0.47
CA GLN A 22 10.55 0.72 -1.23
C GLN A 22 11.34 0.25 -2.45
N THR A 23 10.79 -0.75 -3.16
CA THR A 23 11.44 -1.30 -4.33
C THR A 23 11.01 -0.55 -5.59
N LYS A 24 11.96 -0.34 -6.50
CA LYS A 24 11.68 0.37 -7.74
C LYS A 24 10.50 -0.26 -8.47
N LEU A 25 9.47 0.53 -8.72
CA LEU A 25 8.28 0.06 -9.41
C LEU A 25 8.27 0.54 -10.86
N GLU A 26 8.31 -0.42 -11.78
CA GLU A 26 8.30 -0.11 -13.21
C GLU A 26 7.04 0.64 -13.60
N LEU A 27 7.11 1.42 -14.67
CA LEU A 27 5.96 2.18 -15.15
C LEU A 27 4.68 1.36 -15.03
N VAL A 28 4.69 0.16 -15.59
CA VAL A 28 3.54 -0.72 -15.55
C VAL A 28 3.19 -1.10 -14.10
N GLN A 29 4.22 -1.22 -13.27
CA GLN A 29 4.02 -1.58 -11.87
C GLN A 29 3.33 -0.46 -11.11
N GLN A 30 4.02 0.67 -10.98
CA GLN A 30 3.47 1.82 -10.28
C GLN A 30 1.95 1.88 -10.43
N GLU A 31 1.46 1.51 -11.60
CA GLU A 31 0.04 1.53 -11.88
C GLU A 31 -0.66 0.34 -11.20
N LEU A 32 -0.17 -0.85 -11.48
CA LEU A 32 -0.74 -2.07 -10.91
C LEU A 32 -0.58 -2.07 -9.39
N GLY A 33 0.66 -2.12 -8.93
CA GLY A 33 0.93 -2.13 -7.50
C GLY A 33 -0.03 -1.24 -6.72
N SER A 34 -0.37 -0.10 -7.31
CA SER A 34 -1.28 0.85 -6.66
C SER A 34 -2.40 0.11 -5.93
N CYS A 35 -2.98 0.77 -4.94
CA CYS A 35 -4.06 0.18 -4.16
C CYS A 35 -5.22 1.16 -4.02
N ARG A 36 -6.28 0.72 -3.33
CA ARG A 36 -7.45 1.55 -3.11
C ARG A 36 -7.29 2.42 -1.88
N CYS A 37 -6.66 1.86 -0.85
CA CYS A 37 -6.44 2.59 0.40
C CYS A 37 -5.74 3.92 0.13
N GLY A 38 -4.74 3.90 -0.75
CA GLY A 38 -4.01 5.11 -1.08
C GLY A 38 -2.51 4.89 -1.06
N TYR A 39 -2.08 3.66 -1.30
CA TYR A 39 -0.66 3.34 -1.31
C TYR A 39 -0.33 2.40 -2.48
N VAL A 40 0.93 2.41 -2.89
CA VAL A 40 1.38 1.58 -3.99
C VAL A 40 2.48 0.63 -3.54
N PHE A 41 2.25 -0.67 -3.76
CA PHE A 41 3.22 -1.70 -3.38
C PHE A 41 3.64 -2.53 -4.58
N CYS A 42 4.83 -3.09 -4.51
CA CYS A 42 5.36 -3.92 -5.60
C CYS A 42 4.39 -5.03 -5.95
N MET A 43 4.79 -5.89 -6.89
CA MET A 43 3.95 -7.01 -7.31
C MET A 43 3.93 -8.10 -6.24
N LEU A 44 4.67 -7.88 -5.15
CA LEU A 44 4.72 -8.84 -4.06
C LEU A 44 3.88 -8.39 -2.88
N HIS A 45 3.83 -7.07 -2.67
CA HIS A 45 3.05 -6.50 -1.58
C HIS A 45 1.76 -5.86 -2.10
N ARG A 46 1.69 -5.69 -3.41
CA ARG A 46 0.51 -5.09 -4.03
C ARG A 46 -0.77 -5.58 -3.37
N LEU A 47 -0.78 -6.86 -2.98
CA LEU A 47 -1.94 -7.45 -2.32
C LEU A 47 -2.29 -6.70 -1.04
N PRO A 48 -3.58 -6.75 -0.66
CA PRO A 48 -4.07 -6.09 0.54
C PRO A 48 -3.56 -6.75 1.82
N GLU A 49 -3.69 -8.07 1.89
CA GLU A 49 -3.24 -8.83 3.06
C GLU A 49 -1.75 -8.61 3.31
N GLN A 50 -1.01 -8.33 2.23
CA GLN A 50 0.42 -8.11 2.33
C GLN A 50 0.73 -6.88 3.18
N HIS A 51 -0.04 -5.82 2.95
CA HIS A 51 0.15 -4.57 3.69
C HIS A 51 -1.03 -4.31 4.62
N ASP A 52 -1.59 -5.39 5.17
CA ASP A 52 -2.72 -5.28 6.09
C ASP A 52 -3.63 -4.11 5.68
N CYS A 53 -3.90 -4.00 4.38
CA CYS A 53 -4.75 -2.93 3.87
C CYS A 53 -5.86 -2.61 4.85
N THR A 54 -6.20 -1.32 4.95
CA THR A 54 -7.25 -0.87 5.85
C THR A 54 -8.59 -0.83 5.15
N PHE A 55 -8.58 -0.55 3.85
CA PHE A 55 -9.81 -0.47 3.06
C PHE A 55 -10.69 -1.69 3.32
N ASP A 56 -11.99 -1.52 3.13
CA ASP A 56 -12.94 -2.61 3.33
C ASP A 56 -13.03 -3.49 2.10
N HIS A 57 -12.83 -2.89 0.92
CA HIS A 57 -12.89 -3.63 -0.33
C HIS A 57 -14.26 -4.30 -0.51
N MET A 58 -15.32 -3.54 -0.24
CA MET A 58 -16.68 -4.05 -0.37
C MET A 58 -16.81 -4.91 -1.63
N GLY A 59 -17.81 -5.79 -1.63
CA GLY A 59 -18.03 -6.66 -2.78
C GLY A 59 -18.18 -8.11 -2.37
N ARG A 60 -17.27 -8.58 -1.53
CA ARG A 60 -17.30 -9.97 -1.07
C ARG A 60 -17.65 -10.05 0.41
N GLY A 61 -18.65 -10.85 0.74
CA GLY A 61 -19.07 -11.00 2.12
C GLY A 61 -18.46 -12.21 2.79
N SER A 62 -19.06 -12.65 3.89
CA SER A 62 -18.56 -13.81 4.62
C SER A 62 -19.31 -15.08 4.22
N GLY A 63 -18.66 -16.22 4.36
CA GLY A 63 -19.28 -17.49 4.02
C GLY A 63 -18.59 -18.68 4.65
N PRO A 64 -19.16 -19.87 4.45
CA PRO A 64 -18.60 -21.12 5.01
C PRO A 64 -17.29 -21.51 4.34
N SER A 65 -16.19 -21.04 4.89
CA SER A 65 -14.87 -21.35 4.34
C SER A 65 -14.49 -22.80 4.63
N SER A 66 -14.71 -23.23 5.86
CA SER A 66 -14.38 -24.59 6.27
C SER A 66 -12.93 -24.91 5.98
N GLY A 67 -12.04 -23.95 6.27
CA GLY A 67 -10.62 -24.16 6.04
C GLY A 67 -9.93 -24.85 7.19
ZN ZN B . 7.10 -4.30 -1.72
ZN ZN C . -4.40 -1.06 0.25
#